data_3H6N
# 
_entry.id   3H6N 
# 
_audit_conform.dict_name       mmcif_pdbx.dic 
_audit_conform.dict_version    5.397 
_audit_conform.dict_location   http://mmcif.pdb.org/dictionaries/ascii/mmcif_pdbx.dic 
# 
loop_
_database_2.database_id 
_database_2.database_code 
_database_2.pdbx_database_accession 
_database_2.pdbx_DOI 
PDB   3H6N         pdb_00003h6n 10.2210/pdb3h6n/pdb 
RCSB  RCSB052758   ?            ?                   
WWPDB D_1000052758 ?            ?                   
# 
loop_
_pdbx_audit_revision_history.ordinal 
_pdbx_audit_revision_history.data_content_type 
_pdbx_audit_revision_history.major_revision 
_pdbx_audit_revision_history.minor_revision 
_pdbx_audit_revision_history.revision_date 
1 'Structure model' 1 0 2009-05-19 
2 'Structure model' 1 1 2011-07-13 
3 'Structure model' 1 2 2017-11-01 
4 'Structure model' 1 3 2024-10-30 
# 
_pdbx_audit_revision_details.ordinal             1 
_pdbx_audit_revision_details.revision_ordinal    1 
_pdbx_audit_revision_details.data_content_type   'Structure model' 
_pdbx_audit_revision_details.provider            repository 
_pdbx_audit_revision_details.type                'Initial release' 
_pdbx_audit_revision_details.description         ? 
_pdbx_audit_revision_details.details             ? 
# 
loop_
_pdbx_audit_revision_group.ordinal 
_pdbx_audit_revision_group.revision_ordinal 
_pdbx_audit_revision_group.data_content_type 
_pdbx_audit_revision_group.group 
1 2 'Structure model' 'Version format compliance' 
2 3 'Structure model' 'Refinement description'    
3 4 'Structure model' 'Data collection'           
4 4 'Structure model' 'Database references'       
5 4 'Structure model' 'Derived calculations'      
6 4 'Structure model' 'Structure summary'         
# 
loop_
_pdbx_audit_revision_category.ordinal 
_pdbx_audit_revision_category.revision_ordinal 
_pdbx_audit_revision_category.data_content_type 
_pdbx_audit_revision_category.category 
1 3 'Structure model' software                  
2 4 'Structure model' chem_comp_atom            
3 4 'Structure model' chem_comp_bond            
4 4 'Structure model' database_2                
5 4 'Structure model' pdbx_entry_details        
6 4 'Structure model' pdbx_modification_feature 
7 4 'Structure model' struct_conn               
8 4 'Structure model' struct_ref_seq_dif        
9 4 'Structure model' struct_site               
# 
loop_
_pdbx_audit_revision_item.ordinal 
_pdbx_audit_revision_item.revision_ordinal 
_pdbx_audit_revision_item.data_content_type 
_pdbx_audit_revision_item.item 
1  3 'Structure model' '_software.classification'                     
2  3 'Structure model' '_software.contact_author'                     
3  3 'Structure model' '_software.contact_author_email'               
4  3 'Structure model' '_software.date'                               
5  3 'Structure model' '_software.language'                           
6  3 'Structure model' '_software.location'                           
7  3 'Structure model' '_software.name'                               
8  3 'Structure model' '_software.type'                               
9  3 'Structure model' '_software.version'                            
10 4 'Structure model' '_database_2.pdbx_DOI'                         
11 4 'Structure model' '_database_2.pdbx_database_accession'          
12 4 'Structure model' '_pdbx_entry_details.has_protein_modification' 
13 4 'Structure model' '_struct_conn.pdbx_leaving_atom_flag'          
14 4 'Structure model' '_struct_ref_seq_dif.details'                  
15 4 'Structure model' '_struct_site.pdbx_auth_asym_id'               
16 4 'Structure model' '_struct_site.pdbx_auth_comp_id'               
17 4 'Structure model' '_struct_site.pdbx_auth_seq_id'                
# 
_pdbx_database_status.entry_id                        3H6N 
_pdbx_database_status.deposit_site                    RCSB 
_pdbx_database_status.process_site                    RCSB 
_pdbx_database_status.recvd_initial_deposition_date   2009-04-23 
_pdbx_database_status.status_code                     REL 
_pdbx_database_status.status_code_sf                  REL 
_pdbx_database_status.status_code_mr                  ? 
_pdbx_database_status.SG_entry                        Y 
_pdbx_database_status.pdb_format_compatible           Y 
_pdbx_database_status.status_code_cs                  ? 
_pdbx_database_status.methods_development_category    ? 
_pdbx_database_status.status_code_nmr_data            ? 
# 
loop_
_audit_author.name 
_audit_author.pdbx_ordinal 
'Tong, Y.'                             1  
'Nedyalkova, L.'                       2  
'Tempel, W.'                           3  
'MacKenzie, F.'                        4  
'Arrowsmith, C.H.'                     5  
'Edwards, A.M.'                        6  
'Bountra, C.'                          7  
'Weigelt, J.'                          8  
'Bochkarev, A.'                        9  
'Buck, M.'                             10 
'Park, H.'                             11 
'Structural Genomics Consortium (SGC)' 12 
# 
_citation.id                        primary 
_citation.title                     'Crystal Structure of the ubiquitin-like domain of plexin D1' 
_citation.journal_abbrev            'To be Published' 
_citation.journal_volume            ? 
_citation.page_first                ? 
_citation.page_last                 ? 
_citation.year                      ? 
_citation.journal_id_ASTM           ? 
_citation.country                   ? 
_citation.journal_id_ISSN           ? 
_citation.journal_id_CSD            0353 
_citation.book_publisher            ? 
_citation.pdbx_database_id_PubMed   ? 
_citation.pdbx_database_id_DOI      ? 
# 
loop_
_citation_author.citation_id 
_citation_author.name 
_citation_author.ordinal 
_citation_author.identifier_ORCID 
primary 'Tong, Y.'         1  ? 
primary 'Nedyalkova, L.'   2  ? 
primary 'Tempel, W.'       3  ? 
primary 'MacKenzie, F.'    4  ? 
primary 'Arrowsmith, C.H.' 5  ? 
primary 'Edwards, A.M.'    6  ? 
primary 'Bountra, C.'      7  ? 
primary 'Weigelt, J.'      8  ? 
primary 'Bochkarev, A.'    9  ? 
primary 'Buck, M.'         10 ? 
primary 'Park, H.'         11 ? 
# 
loop_
_entity.id 
_entity.type 
_entity.src_method 
_entity.pdbx_description 
_entity.formula_weight 
_entity.pdbx_number_of_molecules 
_entity.pdbx_ec 
_entity.pdbx_mutation 
_entity.pdbx_fragment 
_entity.details 
1 polymer     man Plexin-D1             14516.962 1  ? ? 'ubiquitin-like domain (UNP residues 1553-1678)' ? 
2 non-polymer syn ARSENIC               74.922    2  ? ? ?                                                ? 
3 non-polymer syn 'UNKNOWN ATOM OR ION' ?         1  ? ? ?                                                ? 
4 water       nat water                 18.015    11 ? ? ?                                                ? 
# 
_entity_poly.entity_id                      1 
_entity_poly.type                           'polypeptide(L)' 
_entity_poly.nstd_linkage                   no 
_entity_poly.nstd_monomer                   yes 
_entity_poly.pdbx_seq_one_letter_code       
;GAKPRNLNVSFQGCG(MSE)DSLSVRA(MSE)DTDTLTQVKEKILEAFCKNVPYSQWPRAEDVDLEWFASSTQSYILRDL
DDTSVVEDGRKKLNTLAHYKIPEGASLA(MSE)SLIDKKDNTLGRVKDLDTEKYFHLVL
;
_entity_poly.pdbx_seq_one_letter_code_can   
;GAKPRNLNVSFQGCGMDSLSVRAMDTDTLTQVKEKILEAFCKNVPYSQWPRAEDVDLEWFASSTQSYILRDLDDTSVVED
GRKKLNTLAHYKIPEGASLAMSLIDKKDNTLGRVKDLDTEKYFHLVL
;
_entity_poly.pdbx_strand_id                 A 
_entity_poly.pdbx_target_identifier         ? 
# 
loop_
_pdbx_entity_nonpoly.entity_id 
_pdbx_entity_nonpoly.name 
_pdbx_entity_nonpoly.comp_id 
2 ARSENIC               ARS 
3 'UNKNOWN ATOM OR ION' UNX 
4 water                 HOH 
# 
loop_
_entity_poly_seq.entity_id 
_entity_poly_seq.num 
_entity_poly_seq.mon_id 
_entity_poly_seq.hetero 
1 1   GLY n 
1 2   ALA n 
1 3   LYS n 
1 4   PRO n 
1 5   ARG n 
1 6   ASN n 
1 7   LEU n 
1 8   ASN n 
1 9   VAL n 
1 10  SER n 
1 11  PHE n 
1 12  GLN n 
1 13  GLY n 
1 14  CYS n 
1 15  GLY n 
1 16  MSE n 
1 17  ASP n 
1 18  SER n 
1 19  LEU n 
1 20  SER n 
1 21  VAL n 
1 22  ARG n 
1 23  ALA n 
1 24  MSE n 
1 25  ASP n 
1 26  THR n 
1 27  ASP n 
1 28  THR n 
1 29  LEU n 
1 30  THR n 
1 31  GLN n 
1 32  VAL n 
1 33  LYS n 
1 34  GLU n 
1 35  LYS n 
1 36  ILE n 
1 37  LEU n 
1 38  GLU n 
1 39  ALA n 
1 40  PHE n 
1 41  CYS n 
1 42  LYS n 
1 43  ASN n 
1 44  VAL n 
1 45  PRO n 
1 46  TYR n 
1 47  SER n 
1 48  GLN n 
1 49  TRP n 
1 50  PRO n 
1 51  ARG n 
1 52  ALA n 
1 53  GLU n 
1 54  ASP n 
1 55  VAL n 
1 56  ASP n 
1 57  LEU n 
1 58  GLU n 
1 59  TRP n 
1 60  PHE n 
1 61  ALA n 
1 62  SER n 
1 63  SER n 
1 64  THR n 
1 65  GLN n 
1 66  SER n 
1 67  TYR n 
1 68  ILE n 
1 69  LEU n 
1 70  ARG n 
1 71  ASP n 
1 72  LEU n 
1 73  ASP n 
1 74  ASP n 
1 75  THR n 
1 76  SER n 
1 77  VAL n 
1 78  VAL n 
1 79  GLU n 
1 80  ASP n 
1 81  GLY n 
1 82  ARG n 
1 83  LYS n 
1 84  LYS n 
1 85  LEU n 
1 86  ASN n 
1 87  THR n 
1 88  LEU n 
1 89  ALA n 
1 90  HIS n 
1 91  TYR n 
1 92  LYS n 
1 93  ILE n 
1 94  PRO n 
1 95  GLU n 
1 96  GLY n 
1 97  ALA n 
1 98  SER n 
1 99  LEU n 
1 100 ALA n 
1 101 MSE n 
1 102 SER n 
1 103 LEU n 
1 104 ILE n 
1 105 ASP n 
1 106 LYS n 
1 107 LYS n 
1 108 ASP n 
1 109 ASN n 
1 110 THR n 
1 111 LEU n 
1 112 GLY n 
1 113 ARG n 
1 114 VAL n 
1 115 LYS n 
1 116 ASP n 
1 117 LEU n 
1 118 ASP n 
1 119 THR n 
1 120 GLU n 
1 121 LYS n 
1 122 TYR n 
1 123 PHE n 
1 124 HIS n 
1 125 LEU n 
1 126 VAL n 
1 127 LEU n 
# 
_entity_src_gen.entity_id                          1 
_entity_src_gen.pdbx_src_id                        1 
_entity_src_gen.pdbx_alt_source_flag               sample 
_entity_src_gen.pdbx_seq_type                      ? 
_entity_src_gen.pdbx_beg_seq_num                   ? 
_entity_src_gen.pdbx_end_seq_num                   ? 
_entity_src_gen.gene_src_common_name               human 
_entity_src_gen.gene_src_genus                     ? 
_entity_src_gen.pdbx_gene_src_gene                 'PLXND1, KIAA0620' 
_entity_src_gen.gene_src_species                   ? 
_entity_src_gen.gene_src_strain                    ? 
_entity_src_gen.gene_src_tissue                    ? 
_entity_src_gen.gene_src_tissue_fraction           ? 
_entity_src_gen.gene_src_details                   ? 
_entity_src_gen.pdbx_gene_src_fragment             ? 
_entity_src_gen.pdbx_gene_src_scientific_name      'Homo sapiens' 
_entity_src_gen.pdbx_gene_src_ncbi_taxonomy_id     9606 
_entity_src_gen.pdbx_gene_src_variant              ? 
_entity_src_gen.pdbx_gene_src_cell_line            ? 
_entity_src_gen.pdbx_gene_src_atcc                 ? 
_entity_src_gen.pdbx_gene_src_organ                ? 
_entity_src_gen.pdbx_gene_src_organelle            ? 
_entity_src_gen.pdbx_gene_src_cell                 ? 
_entity_src_gen.pdbx_gene_src_cellular_location    ? 
_entity_src_gen.host_org_common_name               ? 
_entity_src_gen.pdbx_host_org_scientific_name      'Escherichia coli' 
_entity_src_gen.pdbx_host_org_ncbi_taxonomy_id     562 
_entity_src_gen.host_org_genus                     ? 
_entity_src_gen.pdbx_host_org_gene                 ? 
_entity_src_gen.pdbx_host_org_organ                ? 
_entity_src_gen.host_org_species                   ? 
_entity_src_gen.pdbx_host_org_tissue               ? 
_entity_src_gen.pdbx_host_org_tissue_fraction      ? 
_entity_src_gen.pdbx_host_org_strain               'BL21(DE3)-V2R-pRARE2' 
_entity_src_gen.pdbx_host_org_variant              ? 
_entity_src_gen.pdbx_host_org_cell_line            ? 
_entity_src_gen.pdbx_host_org_atcc                 ? 
_entity_src_gen.pdbx_host_org_culture_collection   ? 
_entity_src_gen.pdbx_host_org_cell                 ? 
_entity_src_gen.pdbx_host_org_organelle            ? 
_entity_src_gen.pdbx_host_org_cellular_location    ? 
_entity_src_gen.pdbx_host_org_vector_type          ? 
_entity_src_gen.pdbx_host_org_vector               ? 
_entity_src_gen.host_org_details                   ? 
_entity_src_gen.expression_system_id               ? 
_entity_src_gen.plasmid_name                       pET28-mhl 
_entity_src_gen.plasmid_details                    ? 
_entity_src_gen.pdbx_description                   ? 
# 
loop_
_chem_comp.id 
_chem_comp.type 
_chem_comp.mon_nstd_flag 
_chem_comp.name 
_chem_comp.pdbx_synonyms 
_chem_comp.formula 
_chem_comp.formula_weight 
ALA 'L-peptide linking' y ALANINE               ? 'C3 H7 N O2'     89.093  
ARG 'L-peptide linking' y ARGININE              ? 'C6 H15 N4 O2 1' 175.209 
ARS non-polymer         . ARSENIC               ? As               74.922  
ASN 'L-peptide linking' y ASPARAGINE            ? 'C4 H8 N2 O3'    132.118 
ASP 'L-peptide linking' y 'ASPARTIC ACID'       ? 'C4 H7 N O4'     133.103 
CYS 'L-peptide linking' y CYSTEINE              ? 'C3 H7 N O2 S'   121.158 
GLN 'L-peptide linking' y GLUTAMINE             ? 'C5 H10 N2 O3'   146.144 
GLU 'L-peptide linking' y 'GLUTAMIC ACID'       ? 'C5 H9 N O4'     147.129 
GLY 'peptide linking'   y GLYCINE               ? 'C2 H5 N O2'     75.067  
HIS 'L-peptide linking' y HISTIDINE             ? 'C6 H10 N3 O2 1' 156.162 
HOH non-polymer         . WATER                 ? 'H2 O'           18.015  
ILE 'L-peptide linking' y ISOLEUCINE            ? 'C6 H13 N O2'    131.173 
LEU 'L-peptide linking' y LEUCINE               ? 'C6 H13 N O2'    131.173 
LYS 'L-peptide linking' y LYSINE                ? 'C6 H15 N2 O2 1' 147.195 
MSE 'L-peptide linking' n SELENOMETHIONINE      ? 'C5 H11 N O2 Se' 196.106 
PHE 'L-peptide linking' y PHENYLALANINE         ? 'C9 H11 N O2'    165.189 
PRO 'L-peptide linking' y PROLINE               ? 'C5 H9 N O2'     115.130 
SER 'L-peptide linking' y SERINE                ? 'C3 H7 N O3'     105.093 
THR 'L-peptide linking' y THREONINE             ? 'C4 H9 N O3'     119.119 
TRP 'L-peptide linking' y TRYPTOPHAN            ? 'C11 H12 N2 O2'  204.225 
TYR 'L-peptide linking' y TYROSINE              ? 'C9 H11 N O3'    181.189 
UNX non-polymer         . 'UNKNOWN ATOM OR ION' ? ?                ?       
VAL 'L-peptide linking' y VALINE                ? 'C5 H11 N O2'    117.146 
# 
loop_
_pdbx_poly_seq_scheme.asym_id 
_pdbx_poly_seq_scheme.entity_id 
_pdbx_poly_seq_scheme.seq_id 
_pdbx_poly_seq_scheme.mon_id 
_pdbx_poly_seq_scheme.ndb_seq_num 
_pdbx_poly_seq_scheme.pdb_seq_num 
_pdbx_poly_seq_scheme.auth_seq_num 
_pdbx_poly_seq_scheme.pdb_mon_id 
_pdbx_poly_seq_scheme.auth_mon_id 
_pdbx_poly_seq_scheme.pdb_strand_id 
_pdbx_poly_seq_scheme.pdb_ins_code 
_pdbx_poly_seq_scheme.hetero 
A 1 1   GLY 1   1552 ?    ?   ?   A . n 
A 1 2   ALA 2   1553 1553 ALA ALA A . n 
A 1 3   LYS 3   1554 1554 LYS LYS A . n 
A 1 4   PRO 4   1555 1555 PRO PRO A . n 
A 1 5   ARG 5   1556 1556 ARG ARG A . n 
A 1 6   ASN 6   1557 1557 ASN ASN A . n 
A 1 7   LEU 7   1558 1558 LEU LEU A . n 
A 1 8   ASN 8   1559 1559 ASN ASN A . n 
A 1 9   VAL 9   1560 1560 VAL VAL A . n 
A 1 10  SER 10  1561 1561 SER SER A . n 
A 1 11  PHE 11  1562 1562 PHE PHE A . n 
A 1 12  GLN 12  1563 1563 GLN GLN A . n 
A 1 13  GLY 13  1564 1564 GLY GLY A . n 
A 1 14  CYS 14  1565 1565 CYS CYS A . n 
A 1 15  GLY 15  1566 1566 GLY GLY A . n 
A 1 16  MSE 16  1567 1567 MSE MSE A . n 
A 1 17  ASP 17  1568 1568 ASP ASP A . n 
A 1 18  SER 18  1569 1569 SER SER A . n 
A 1 19  LEU 19  1570 1570 LEU LEU A . n 
A 1 20  SER 20  1571 1571 SER SER A . n 
A 1 21  VAL 21  1572 1572 VAL VAL A . n 
A 1 22  ARG 22  1573 1573 ARG ARG A . n 
A 1 23  ALA 23  1574 1574 ALA ALA A . n 
A 1 24  MSE 24  1575 1575 MSE MSE A . n 
A 1 25  ASP 25  1576 1576 ASP ASP A . n 
A 1 26  THR 26  1577 1577 THR THR A . n 
A 1 27  ASP 27  1578 1578 ASP ASP A . n 
A 1 28  THR 28  1579 1579 THR THR A . n 
A 1 29  LEU 29  1580 1580 LEU LEU A . n 
A 1 30  THR 30  1581 1581 THR THR A . n 
A 1 31  GLN 31  1582 1582 GLN GLN A . n 
A 1 32  VAL 32  1583 1583 VAL VAL A . n 
A 1 33  LYS 33  1584 1584 LYS LYS A . n 
A 1 34  GLU 34  1585 1585 GLU GLU A . n 
A 1 35  LYS 35  1586 1586 LYS LYS A . n 
A 1 36  ILE 36  1587 1587 ILE ILE A . n 
A 1 37  LEU 37  1588 1588 LEU LEU A . n 
A 1 38  GLU 38  1589 1589 GLU GLU A . n 
A 1 39  ALA 39  1590 1590 ALA ALA A . n 
A 1 40  PHE 40  1591 1591 PHE PHE A . n 
A 1 41  CYS 41  1592 1592 CYS CYS A . n 
A 1 42  LYS 42  1593 1593 LYS LYS A . n 
A 1 43  ASN 43  1594 1594 ASN ASN A . n 
A 1 44  VAL 44  1595 1595 VAL VAL A . n 
A 1 45  PRO 45  1596 1596 PRO PRO A . n 
A 1 46  TYR 46  1597 1597 TYR TYR A . n 
A 1 47  SER 47  1598 1598 SER SER A . n 
A 1 48  GLN 48  1599 1599 GLN GLN A . n 
A 1 49  TRP 49  1600 1600 TRP TRP A . n 
A 1 50  PRO 50  1601 1601 PRO PRO A . n 
A 1 51  ARG 51  1602 1602 ARG ARG A . n 
A 1 52  ALA 52  1603 1603 ALA ALA A . n 
A 1 53  GLU 53  1604 1604 GLU GLU A . n 
A 1 54  ASP 54  1605 1605 ASP ASP A . n 
A 1 55  VAL 55  1606 1606 VAL VAL A . n 
A 1 56  ASP 56  1607 1607 ASP ASP A . n 
A 1 57  LEU 57  1608 1608 LEU LEU A . n 
A 1 58  GLU 58  1609 1609 GLU GLU A . n 
A 1 59  TRP 59  1610 1610 TRP TRP A . n 
A 1 60  PHE 60  1611 1611 PHE PHE A . n 
A 1 61  ALA 61  1612 1612 ALA ALA A . n 
A 1 62  SER 62  1613 1613 SER SER A . n 
A 1 63  SER 63  1614 1614 SER SER A . n 
A 1 64  THR 64  1615 1615 THR THR A . n 
A 1 65  GLN 65  1616 1616 GLN GLN A . n 
A 1 66  SER 66  1617 1617 SER SER A . n 
A 1 67  TYR 67  1618 1618 TYR TYR A . n 
A 1 68  ILE 68  1619 1619 ILE ILE A . n 
A 1 69  LEU 69  1620 1620 LEU LEU A . n 
A 1 70  ARG 70  1621 1621 ARG ARG A . n 
A 1 71  ASP 71  1622 1622 ASP ASP A . n 
A 1 72  LEU 72  1623 1623 LEU LEU A . n 
A 1 73  ASP 73  1624 1624 ASP ASP A . n 
A 1 74  ASP 74  1625 1625 ASP ASP A . n 
A 1 75  THR 75  1626 1626 THR THR A . n 
A 1 76  SER 76  1627 1627 SER SER A . n 
A 1 77  VAL 77  1628 1628 VAL VAL A . n 
A 1 78  VAL 78  1629 1629 VAL VAL A . n 
A 1 79  GLU 79  1630 1630 GLU GLU A . n 
A 1 80  ASP 80  1631 1631 ASP ASP A . n 
A 1 81  GLY 81  1632 1632 GLY GLY A . n 
A 1 82  ARG 82  1633 1633 ARG ARG A . n 
A 1 83  LYS 83  1634 1634 LYS LYS A . n 
A 1 84  LYS 84  1635 1635 LYS LYS A . n 
A 1 85  LEU 85  1636 1636 LEU LEU A . n 
A 1 86  ASN 86  1637 1637 ASN ASN A . n 
A 1 87  THR 87  1638 1638 THR THR A . n 
A 1 88  LEU 88  1639 1639 LEU LEU A . n 
A 1 89  ALA 89  1640 1640 ALA ALA A . n 
A 1 90  HIS 90  1641 1641 HIS HIS A . n 
A 1 91  TYR 91  1642 1642 TYR TYR A . n 
A 1 92  LYS 92  1643 1643 LYS LYS A . n 
A 1 93  ILE 93  1644 1644 ILE ILE A . n 
A 1 94  PRO 94  1645 1645 PRO PRO A . n 
A 1 95  GLU 95  1646 1646 GLU GLU A . n 
A 1 96  GLY 96  1647 1647 GLY GLY A . n 
A 1 97  ALA 97  1648 1648 ALA ALA A . n 
A 1 98  SER 98  1649 1649 SER SER A . n 
A 1 99  LEU 99  1650 1650 LEU LEU A . n 
A 1 100 ALA 100 1651 1651 ALA ALA A . n 
A 1 101 MSE 101 1652 1652 MSE MSE A . n 
A 1 102 SER 102 1653 1653 SER SER A . n 
A 1 103 LEU 103 1654 1654 LEU LEU A . n 
A 1 104 ILE 104 1655 1655 ILE ILE A . n 
A 1 105 ASP 105 1656 1656 ASP ASP A . n 
A 1 106 LYS 106 1657 ?    ?   ?   A . n 
A 1 107 LYS 107 1658 ?    ?   ?   A . n 
A 1 108 ASP 108 1659 ?    ?   ?   A . n 
A 1 109 ASN 109 1660 ?    ?   ?   A . n 
A 1 110 THR 110 1661 ?    ?   ?   A . n 
A 1 111 LEU 111 1662 ?    ?   ?   A . n 
A 1 112 GLY 112 1663 ?    ?   ?   A . n 
A 1 113 ARG 113 1664 ?    ?   ?   A . n 
A 1 114 VAL 114 1665 ?    ?   ?   A . n 
A 1 115 LYS 115 1666 ?    ?   ?   A . n 
A 1 116 ASP 116 1667 ?    ?   ?   A . n 
A 1 117 LEU 117 1668 ?    ?   ?   A . n 
A 1 118 ASP 118 1669 ?    ?   ?   A . n 
A 1 119 THR 119 1670 ?    ?   ?   A . n 
A 1 120 GLU 120 1671 ?    ?   ?   A . n 
A 1 121 LYS 121 1672 ?    ?   ?   A . n 
A 1 122 TYR 122 1673 ?    ?   ?   A . n 
A 1 123 PHE 123 1674 ?    ?   ?   A . n 
A 1 124 HIS 124 1675 ?    ?   ?   A . n 
A 1 125 LEU 125 1676 ?    ?   ?   A . n 
A 1 126 VAL 126 1677 ?    ?   ?   A . n 
A 1 127 LEU 127 1678 ?    ?   ?   A . n 
# 
loop_
_pdbx_nonpoly_scheme.asym_id 
_pdbx_nonpoly_scheme.entity_id 
_pdbx_nonpoly_scheme.mon_id 
_pdbx_nonpoly_scheme.ndb_seq_num 
_pdbx_nonpoly_scheme.pdb_seq_num 
_pdbx_nonpoly_scheme.auth_seq_num 
_pdbx_nonpoly_scheme.pdb_mon_id 
_pdbx_nonpoly_scheme.auth_mon_id 
_pdbx_nonpoly_scheme.pdb_strand_id 
_pdbx_nonpoly_scheme.pdb_ins_code 
B 2 ARS 1  1    1    ARS ARS A . 
C 2 ARS 1  2    2    ARS ARS A . 
D 3 UNX 1  1679 1679 UNX UNX A . 
E 4 HOH 1  3    3    HOH HOH A . 
E 4 HOH 2  4    4    HOH HOH A . 
E 4 HOH 3  5    5    HOH HOH A . 
E 4 HOH 4  6    6    HOH HOH A . 
E 4 HOH 5  7    7    HOH HOH A . 
E 4 HOH 6  8    8    HOH HOH A . 
E 4 HOH 7  9    9    HOH HOH A . 
E 4 HOH 8  10   10   HOH HOH A . 
E 4 HOH 9  11   11   HOH HOH A . 
E 4 HOH 10 1680 1680 HOH HOH A . 
E 4 HOH 11 1681 1681 HOH HOH A . 
# 
loop_
_pdbx_unobs_or_zero_occ_atoms.id 
_pdbx_unobs_or_zero_occ_atoms.PDB_model_num 
_pdbx_unobs_or_zero_occ_atoms.polymer_flag 
_pdbx_unobs_or_zero_occ_atoms.occupancy_flag 
_pdbx_unobs_or_zero_occ_atoms.auth_asym_id 
_pdbx_unobs_or_zero_occ_atoms.auth_comp_id 
_pdbx_unobs_or_zero_occ_atoms.auth_seq_id 
_pdbx_unobs_or_zero_occ_atoms.PDB_ins_code 
_pdbx_unobs_or_zero_occ_atoms.auth_atom_id 
_pdbx_unobs_or_zero_occ_atoms.label_alt_id 
_pdbx_unobs_or_zero_occ_atoms.label_asym_id 
_pdbx_unobs_or_zero_occ_atoms.label_comp_id 
_pdbx_unobs_or_zero_occ_atoms.label_seq_id 
_pdbx_unobs_or_zero_occ_atoms.label_atom_id 
1  1 Y 1 A LYS 1554 ? CG  ? A LYS 3  CG  
2  1 Y 1 A LYS 1554 ? CD  ? A LYS 3  CD  
3  1 Y 1 A LYS 1554 ? CE  ? A LYS 3  CE  
4  1 Y 1 A LYS 1554 ? NZ  ? A LYS 3  NZ  
5  1 Y 1 A LYS 1593 ? CD  ? A LYS 42 CD  
6  1 Y 1 A LYS 1593 ? CE  ? A LYS 42 CE  
7  1 Y 1 A LYS 1593 ? NZ  ? A LYS 42 NZ  
8  1 Y 1 A GLU 1604 ? CG  ? A GLU 53 CG  
9  1 Y 1 A GLU 1604 ? CD  ? A GLU 53 CD  
10 1 Y 1 A GLU 1604 ? OE1 ? A GLU 53 OE1 
11 1 Y 1 A GLU 1604 ? OE2 ? A GLU 53 OE2 
12 1 Y 1 A GLU 1609 ? CG  ? A GLU 58 CG  
13 1 Y 1 A GLU 1609 ? CD  ? A GLU 58 CD  
14 1 Y 1 A GLU 1609 ? OE1 ? A GLU 58 OE1 
15 1 Y 1 A GLU 1609 ? OE2 ? A GLU 58 OE2 
16 1 Y 1 A SER 1613 ? OG  ? A SER 62 OG  
17 1 Y 1 A SER 1614 ? OG  ? A SER 63 OG  
18 1 Y 1 A THR 1615 ? OG1 ? A THR 64 OG1 
19 1 Y 1 A THR 1615 ? CG2 ? A THR 64 CG2 
20 1 Y 1 A GLN 1616 ? CG  ? A GLN 65 CG  
21 1 Y 1 A GLN 1616 ? CD  ? A GLN 65 CD  
22 1 Y 1 A GLN 1616 ? OE1 ? A GLN 65 OE1 
23 1 Y 1 A GLN 1616 ? NE2 ? A GLN 65 NE2 
24 1 Y 1 A ARG 1621 ? CD  ? A ARG 70 CD  
25 1 Y 1 A ARG 1621 ? NE  ? A ARG 70 NE  
26 1 Y 1 A ARG 1621 ? CZ  ? A ARG 70 CZ  
27 1 Y 1 A ARG 1621 ? NH1 ? A ARG 70 NH1 
28 1 Y 1 A ARG 1621 ? NH2 ? A ARG 70 NH2 
29 1 Y 1 A VAL 1629 ? CG1 ? A VAL 78 CG1 
30 1 Y 1 A VAL 1629 ? CG2 ? A VAL 78 CG2 
31 1 Y 1 A GLU 1630 ? CG  ? A GLU 79 CG  
32 1 Y 1 A GLU 1630 ? CD  ? A GLU 79 CD  
33 1 Y 1 A GLU 1630 ? OE1 ? A GLU 79 OE1 
34 1 Y 1 A GLU 1630 ? OE2 ? A GLU 79 OE2 
35 1 Y 1 A ASP 1631 ? CG  ? A ASP 80 CG  
36 1 Y 1 A ASP 1631 ? OD1 ? A ASP 80 OD1 
37 1 Y 1 A ASP 1631 ? OD2 ? A ASP 80 OD2 
38 1 Y 1 A LYS 1635 ? CG  ? A LYS 84 CG  
39 1 Y 1 A LYS 1635 ? CD  ? A LYS 84 CD  
40 1 Y 1 A LYS 1635 ? CE  ? A LYS 84 CE  
41 1 Y 1 A LYS 1635 ? NZ  ? A LYS 84 NZ  
42 1 Y 1 A LYS 1643 ? CE  ? A LYS 92 CE  
43 1 Y 1 A LYS 1643 ? NZ  ? A LYS 92 NZ  
# 
loop_
_software.name 
_software.version 
_software.date 
_software.type 
_software.contact_author 
_software.contact_author_email 
_software.classification 
_software.location 
_software.language 
_software.citation_id 
_software.pdbx_ordinal 
DENZO       .        ?                    package 'Zbyszek Otwinowski' zbyszek@mix.swmed.edu        'data reduction'  
http://www.lnls.br/infra/linhasluz/denzo-hkl.htm ?          ? 1 
SCALEPACK   .        ?                    package 'Zbyszek Otwinowski' zbyszek@mix.swmed.edu        'data scaling'    
http://www.lnls.br/infra/linhasluz/denzo-hkl.htm ?          ? 2 
SHELX       .        ?                    package 'George Sheldrick'   gsheldr@shelx.uni-ac.gwdg.de phasing           
http://shelx.uni-ac.gwdg.de/SHELX/               Fortran_77 ? 3 
DM          .        ?                    program 'K. Cowtan'          ccp4@dl.ac.uk                phasing           
http://www.ccp4.ac.uk/main.html                  Fortran_77 ? 4 
REFMAC      5.5.0072 ?                    program 'Murshudov, G.N.'    ccp4@dl.ac.uk                refinement        
http://www.ccp4.ac.uk/main.html                  Fortran_77 ? 5 
PDB_EXTRACT 3.005    'September 10, 2007' package PDB                  sw-help@rcsb.rutgers.edu     'data extraction' 
http://pdb.rutgers.edu/software/                 C++        ? 6 
# 
_cell.entry_id           3H6N 
_cell.length_a           81.777 
_cell.length_b           27.051 
_cell.length_c           52.653 
_cell.angle_alpha        90.00 
_cell.angle_beta         114.06 
_cell.angle_gamma        90.00 
_cell.Z_PDB              4 
_cell.pdbx_unique_axis   ? 
# 
_symmetry.entry_id                         3H6N 
_symmetry.space_group_name_H-M             'C 1 2 1' 
_symmetry.pdbx_full_space_group_name_H-M   ? 
_symmetry.cell_setting                     ? 
_symmetry.Int_Tables_number                5 
# 
_exptl.crystals_number   1 
_exptl.entry_id          3H6N 
_exptl.method            'X-RAY DIFFRACTION' 
# 
_exptl_crystal.id                    1 
_exptl_crystal.density_percent_sol   46.3 
_exptl_crystal.density_Matthews      2.3 
_exptl_crystal.density_meas          ? 
_exptl_crystal.description           ? 
_exptl_crystal.F_000                 ? 
_exptl_crystal.preparation           ? 
# 
_exptl_crystal_grow.crystal_id      1 
_exptl_crystal_grow.method          'VAPOR DIFFUSION, SITTING DROP' 
_exptl_crystal_grow.pH              5.2 
_exptl_crystal_grow.temp            298 
_exptl_crystal_grow.pdbx_details    
;1.39M sodium citrate, 0.1M sodium cacodylate. The protein stock solution was adjusted to contain 15 mM TCEP, supplemented with 1:100 (w/w) chymotrypsin, pH 5.2, VAPOR DIFFUSION, SITTING DROP, temperature 298K
;
_exptl_crystal_grow.temp_details    ? 
_exptl_crystal_grow.pdbx_pH_range   ? 
# 
_diffrn.id                     1 
_diffrn.ambient_temp           ? 
_diffrn.ambient_temp_details   ? 
_diffrn.crystal_id             1 
# 
_diffrn_detector.diffrn_id              1 
_diffrn_detector.detector               CCD 
_diffrn_detector.type                   'ADSC QUANTUM 315' 
_diffrn_detector.pdbx_collection_date   2009-03-18 
_diffrn_detector.details                ? 
# 
_diffrn_radiation.diffrn_id                        1 
_diffrn_radiation.pdbx_diffrn_protocol             'SINGLE WAVELENGTH' 
_diffrn_radiation.monochromator                    ? 
_diffrn_radiation.wavelength_id                    1 
_diffrn_radiation.pdbx_monochromatic_or_laue_m_l   M 
_diffrn_radiation.pdbx_scattering_type             x-ray 
# 
_diffrn_radiation_wavelength.id           1 
_diffrn_radiation_wavelength.wavelength   0.97942 
_diffrn_radiation_wavelength.wt           1.0 
# 
_diffrn_source.diffrn_id                   1 
_diffrn_source.source                      SYNCHROTRON 
_diffrn_source.type                        'APS BEAMLINE 19-ID' 
_diffrn_source.pdbx_wavelength_list        0.97942 
_diffrn_source.pdbx_wavelength             ? 
_diffrn_source.pdbx_synchrotron_site       APS 
_diffrn_source.pdbx_synchrotron_beamline   19-ID 
# 
_reflns.entry_id                     3H6N 
_reflns.d_resolution_high            2.000 
_reflns.d_resolution_low             30.000 
_reflns.number_obs                   7245 
_reflns.pdbx_Rmerge_I_obs            0.086 
_reflns.pdbx_netI_over_sigmaI        9.600 
_reflns.pdbx_chi_squared             2.407 
_reflns.pdbx_redundancy              4.400 
_reflns.percent_possible_obs         99.500 
_reflns.observed_criterion_sigma_F   ? 
_reflns.observed_criterion_sigma_I   ? 
_reflns.number_all                   ? 
_reflns.pdbx_Rsym_value              ? 
_reflns.B_iso_Wilson_estimate        ? 
_reflns.R_free_details               ? 
_reflns.limit_h_max                  ? 
_reflns.limit_h_min                  ? 
_reflns.limit_k_max                  ? 
_reflns.limit_k_min                  ? 
_reflns.limit_l_max                  ? 
_reflns.limit_l_min                  ? 
_reflns.observed_criterion_F_max     ? 
_reflns.observed_criterion_F_min     ? 
_reflns.pdbx_scaling_rejects         ? 
_reflns.pdbx_diffrn_id               1 
_reflns.pdbx_ordinal                 1 
# 
loop_
_reflns_shell.d_res_high 
_reflns_shell.d_res_low 
_reflns_shell.number_measured_obs 
_reflns_shell.number_measured_all 
_reflns_shell.number_unique_obs 
_reflns_shell.Rmerge_I_obs 
_reflns_shell.meanI_over_sigI_obs 
_reflns_shell.pdbx_Rsym_value 
_reflns_shell.pdbx_chi_squared 
_reflns_shell.pdbx_redundancy 
_reflns_shell.percent_possible_obs 
_reflns_shell.number_unique_all 
_reflns_shell.percent_possible_all 
_reflns_shell.pdbx_diffrn_id 
_reflns_shell.pdbx_ordinal 
2.00 2.03  ? ? ? 0.499 ? ? 1.340  3.60 ? 381 99.70  ? 1  
2.03 2.07  ? ? ? 0.553 ? ? 2.671  3.60 ? 343 99.40  ? 2  
2.07 2.11  ? ? ? 0.446 ? ? 1.210  4.10 ? 357 100.00 ? 3  
2.11 2.15  ? ? ? 0.416 ? ? 1.252  4.20 ? 356 99.70  ? 4  
2.15 2.20  ? ? ? 0.329 ? ? 1.173  4.40 ? 365 100.00 ? 5  
2.20 2.25  ? ? ? 0.383 ? ? 1.440  4.40 ? 355 98.30  ? 6  
2.25 2.31  ? ? ? 0.300 ? ? 1.597  4.60 ? 333 100.00 ? 7  
2.31 2.37  ? ? ? 0.281 ? ? 1.247  4.70 ? 378 100.00 ? 8  
2.37 2.44  ? ? ? 0.208 ? ? 1.173  4.70 ? 363 100.00 ? 9  
2.44 2.52  ? ? ? 0.191 ? ? 1.466  4.70 ? 360 99.70  ? 10 
2.52 2.61  ? ? ? 0.173 ? ? 1.411  4.80 ? 353 100.00 ? 11 
2.61 2.71  ? ? ? 0.144 ? ? 1.524  4.70 ? 376 99.70  ? 12 
2.71 2.84  ? ? ? 0.119 ? ? 1.824  4.80 ? 348 100.00 ? 13 
2.84 2.99  ? ? ? 0.102 ? ? 2.051  4.70 ? 364 99.70  ? 14 
2.99 3.17  ? ? ? 0.094 ? ? 2.362  4.60 ? 353 100.00 ? 15 
3.17 3.42  ? ? ? 0.069 ? ? 2.534  4.60 ? 371 99.20  ? 16 
3.42 3.76  ? ? ? 0.068 ? ? 3.242  4.60 ? 366 98.70  ? 17 
3.76 4.31  ? ? ? 0.063 ? ? 4.200  4.40 ? 356 98.10  ? 18 
4.31 5.42  ? ? ? 0.055 ? ? 4.443  4.20 ? 383 99.20  ? 19 
5.42 30.00 ? ? ? 0.069 ? ? 10.945 3.90 ? 384 98.50  ? 20 
# 
_refine.entry_id                                 3H6N 
_refine.ls_d_res_high                            2.004 
_refine.ls_d_res_low                             30.000 
_refine.pdbx_ls_sigma_F                          0.00 
_refine.ls_percent_reflns_obs                    98.865 
_refine.ls_number_reflns_obs                     7229 
_refine.pdbx_ls_cross_valid_method               THROUGHOUT 
_refine.pdbx_R_Free_selection_details            RANDOM 
_refine.details                                  
;HYDROGENS HAVE BEEN ADDED IN THE RIDING POSITIONS. U VALUES: WITH TLS ADDED. Phenix, Arp/warp, Coot and Molprobity were also used during refinement.
;
_refine.ls_R_factor_obs                          0.244 
_refine.ls_R_factor_R_work                       0.243 
_refine.ls_wR_factor_R_work                      0.239 
_refine.ls_R_factor_R_free                       0.276 
_refine.ls_wR_factor_R_free                      0.270 
_refine.ls_percent_reflns_R_free                 4.662 
_refine.ls_number_reflns_R_free                  337 
_refine.B_iso_mean                               31.154 
_refine.aniso_B[1][1]                            -1.706 
_refine.aniso_B[2][2]                            1.444 
_refine.aniso_B[3][3]                            0.046 
_refine.aniso_B[1][2]                            0.000 
_refine.aniso_B[1][3]                            -0.265 
_refine.aniso_B[2][3]                            0.000 
_refine.correlation_coeff_Fo_to_Fc               0.935 
_refine.correlation_coeff_Fo_to_Fc_free          0.887 
_refine.pdbx_overall_ESU_R                       0.228 
_refine.pdbx_overall_ESU_R_Free                  0.191 
_refine.overall_SU_ML                            0.154 
_refine.overall_SU_B                             11.569 
_refine.solvent_model_details                    'MASK BULK SOLVENT' 
_refine.pdbx_solvent_vdw_probe_radii             1.200 
_refine.pdbx_solvent_ion_probe_radii             0.800 
_refine.pdbx_solvent_shrinkage_radii             0.800 
_refine.pdbx_method_to_determine_struct          SAD 
_refine.pdbx_stereochemistry_target_values       'MAXIMUM LIKELIHOOD' 
_refine.pdbx_ls_sigma_I                          ? 
_refine.ls_number_reflns_all                     ? 
_refine.ls_R_factor_all                          ? 
_refine.ls_redundancy_reflns_obs                 ? 
_refine.pdbx_data_cutoff_high_absF               ? 
_refine.pdbx_data_cutoff_low_absF                ? 
_refine.ls_number_parameters                     ? 
_refine.ls_number_restraints                     ? 
_refine.ls_R_factor_R_free_error                 ? 
_refine.ls_R_factor_R_free_error_details         ? 
_refine.pdbx_starting_model                      ? 
_refine.pdbx_stereochem_target_val_spec_case     ? 
_refine.solvent_model_param_bsol                 ? 
_refine.solvent_model_param_ksol                 ? 
_refine.occupancy_max                            ? 
_refine.occupancy_min                            ? 
_refine.pdbx_isotropic_thermal_model             ? 
_refine.B_iso_min                                ? 
_refine.B_iso_max                                ? 
_refine.overall_SU_R_Cruickshank_DPI             ? 
_refine.overall_SU_R_free                        ? 
_refine.pdbx_data_cutoff_high_rms_absF           ? 
_refine.overall_FOM_free_R_set                   ? 
_refine.overall_FOM_work_R_set                   ? 
_refine.pdbx_overall_phase_error                 ? 
_refine.pdbx_refine_id                           'X-RAY DIFFRACTION' 
_refine.pdbx_diffrn_id                           1 
_refine.pdbx_TLS_residual_ADP_flag               ? 
_refine.pdbx_overall_SU_R_free_Cruickshank_DPI   ? 
_refine.pdbx_overall_SU_R_Blow_DPI               ? 
_refine.pdbx_overall_SU_R_free_Blow_DPI          ? 
# 
_refine_hist.pdbx_refine_id                   'X-RAY DIFFRACTION' 
_refine_hist.cycle_id                         LAST 
_refine_hist.pdbx_number_atoms_protein        775 
_refine_hist.pdbx_number_atoms_nucleic_acid   0 
_refine_hist.pdbx_number_atoms_ligand         3 
_refine_hist.number_atoms_solvent             11 
_refine_hist.number_atoms_total               789 
_refine_hist.d_res_high                       2.004 
_refine_hist.d_res_low                        30.000 
# 
loop_
_refine_ls_restr.type 
_refine_ls_restr.number 
_refine_ls_restr.dev_ideal 
_refine_ls_restr.dev_ideal_target 
_refine_ls_restr.weight 
_refine_ls_restr.pdbx_refine_id 
_refine_ls_restr.pdbx_restraint_function 
r_bond_refined_d       789  0.012  0.022  ? 'X-RAY DIFFRACTION' ? 
r_bond_other_d         506  0.002  0.020  ? 'X-RAY DIFFRACTION' ? 
r_angle_refined_deg    1075 1.095  1.960  ? 'X-RAY DIFFRACTION' ? 
r_angle_other_deg      1237 0.748  3.003  ? 'X-RAY DIFFRACTION' ? 
r_dihedral_angle_1_deg 103  6.012  5.000  ? 'X-RAY DIFFRACTION' ? 
r_dihedral_angle_2_deg 32   33.446 24.688 ? 'X-RAY DIFFRACTION' ? 
r_dihedral_angle_3_deg 122  14.389 15.000 ? 'X-RAY DIFFRACTION' ? 
r_dihedral_angle_4_deg 4    20.348 15.000 ? 'X-RAY DIFFRACTION' ? 
r_chiral_restr         126  0.062  0.200  ? 'X-RAY DIFFRACTION' ? 
r_gen_planes_refined   892  0.004  0.021  ? 'X-RAY DIFFRACTION' ? 
r_gen_planes_other     154  0.001  0.020  ? 'X-RAY DIFFRACTION' ? 
r_mcbond_it            519  0.983  2.000  ? 'X-RAY DIFFRACTION' ? 
r_mcbond_other         207  0.217  2.000  ? 'X-RAY DIFFRACTION' ? 
r_mcangle_it           825  1.651  3.000  ? 'X-RAY DIFFRACTION' ? 
r_scbond_it            270  1.305  2.000  ? 'X-RAY DIFFRACTION' ? 
r_scangle_it           250  1.814  3.000  ? 'X-RAY DIFFRACTION' ? 
# 
loop_
_refine_ls_shell.pdbx_total_number_of_bins_used 
_refine_ls_shell.d_res_low 
_refine_ls_shell.d_res_high 
_refine_ls_shell.number_reflns_all 
_refine_ls_shell.percent_reflns_obs 
_refine_ls_shell.number_reflns_R_work 
_refine_ls_shell.R_factor_R_work 
_refine_ls_shell.number_reflns_R_free 
_refine_ls_shell.R_factor_R_free 
_refine_ls_shell.number_reflns_obs 
_refine_ls_shell.R_factor_R_free_error 
_refine_ls_shell.percent_reflns_R_free 
_refine_ls_shell.redundancy_reflns_obs 
_refine_ls_shell.R_factor_all 
_refine_ls_shell.pdbx_refine_id 
20 2.056  2.004 559 93.560  505 0.349 18 0.290 . . . . . 'X-RAY DIFFRACTION' 
20 2.112  2.056 495 99.394  469 0.322 23 0.264 . . . . . 'X-RAY DIFFRACTION' 
20 2.173  2.112 493 99.594  470 0.301 21 0.251 . . . . . 'X-RAY DIFFRACTION' 
20 2.239  2.173 497 98.793  470 0.294 21 0.365 . . . . . 'X-RAY DIFFRACTION' 
20 2.312  2.239 468 98.932  440 0.280 23 0.434 . . . . . 'X-RAY DIFFRACTION' 
20 2.393  2.312 462 99.784  445 0.262 16 0.291 . . . . . 'X-RAY DIFFRACTION' 
20 2.483  2.393 451 99.557  429 0.236 20 0.190 . . . . . 'X-RAY DIFFRACTION' 
20 2.583  2.483 419 99.523  399 0.263 18 0.229 . . . . . 'X-RAY DIFFRACTION' 
20 2.697  2.583 425 99.765  406 0.264 18 0.161 . . . . . 'X-RAY DIFFRACTION' 
20 2.828  2.697 383 100.000 361 0.275 22 0.271 . . . . . 'X-RAY DIFFRACTION' 
20 2.979  2.828 386 99.741  365 0.262 20 0.305 . . . . . 'X-RAY DIFFRACTION' 
20 3.158  2.979 360 100.000 336 0.268 24 0.300 . . . . . 'X-RAY DIFFRACTION' 
20 3.374  3.158 333 99.099  317 0.243 13 0.271 . . . . . 'X-RAY DIFFRACTION' 
20 3.640  3.374 305 99.016  289 0.229 13 0.184 . . . . . 'X-RAY DIFFRACTION' 
20 3.982  3.640 295 98.305  272 0.190 18 0.298 . . . . . 'X-RAY DIFFRACTION' 
20 4.442  3.982 276 98.188  258 0.189 13 0.281 . . . . . 'X-RAY DIFFRACTION' 
20 5.110  4.442 228 99.123  214 0.176 12 0.284 . . . . . 'X-RAY DIFFRACTION' 
20 6.214  5.110 205 99.512  190 0.214 14 0.236 . . . . . 'X-RAY DIFFRACTION' 
20 8.605  6.214 170 98.824  163 0.278 5  0.364 . . . . . 'X-RAY DIFFRACTION' 
20 30.000 8.605 102 97.059  94  0.305 5  0.453 . . . . . 'X-RAY DIFFRACTION' 
# 
_struct.entry_id                  3H6N 
_struct.title                     'Crystal Structure of the ubiquitin-like domain of plexin D1' 
_struct.pdbx_model_details        ? 
_struct.pdbx_CASP_flag            ? 
_struct.pdbx_model_type_details   ? 
# 
_struct_keywords.entry_id        3H6N 
_struct_keywords.text            
;structural genomics consortium, SGC, MEMBRANE, transmembrane, receptor, Alternative splicing, Cell membrane, Glycoprotein, Polymorphism, SIGNALING PROTEIN
;
_struct_keywords.pdbx_keywords   'SIGNALING PROTEIN' 
# 
loop_
_struct_asym.id 
_struct_asym.pdbx_blank_PDB_chainid_flag 
_struct_asym.pdbx_modified 
_struct_asym.entity_id 
_struct_asym.details 
A N N 1 ? 
B N N 2 ? 
C N N 2 ? 
D N N 3 ? 
E N N 4 ? 
# 
_struct_ref.id                         1 
_struct_ref.db_name                    UNP 
_struct_ref.db_code                    PLXD1_HUMAN 
_struct_ref.pdbx_db_accession          Q9Y4D7 
_struct_ref.entity_id                  1 
_struct_ref.pdbx_seq_one_letter_code   
;AKPRNLNVSFQGCGMDSLSVRAMDTDTLTQVKEKILEAFCKNVPYSQWPRAEDVDLEWFASSTQSYILRDLDDTSVVEDG
RKKLNTLAHYKIPEGASLAMSLIDKKDNTLGRVKDLDTEKYFHLVL
;
_struct_ref.pdbx_align_begin           1553 
_struct_ref.pdbx_db_isoform            ? 
# 
_struct_ref_seq.align_id                      1 
_struct_ref_seq.ref_id                        1 
_struct_ref_seq.pdbx_PDB_id_code              3H6N 
_struct_ref_seq.pdbx_strand_id                A 
_struct_ref_seq.seq_align_beg                 2 
_struct_ref_seq.pdbx_seq_align_beg_ins_code   ? 
_struct_ref_seq.seq_align_end                 127 
_struct_ref_seq.pdbx_seq_align_end_ins_code   ? 
_struct_ref_seq.pdbx_db_accession             Q9Y4D7 
_struct_ref_seq.db_align_beg                  1553 
_struct_ref_seq.pdbx_db_align_beg_ins_code    ? 
_struct_ref_seq.db_align_end                  1678 
_struct_ref_seq.pdbx_db_align_end_ins_code    ? 
_struct_ref_seq.pdbx_auth_seq_align_beg       1553 
_struct_ref_seq.pdbx_auth_seq_align_end       1678 
# 
_struct_ref_seq_dif.align_id                     1 
_struct_ref_seq_dif.pdbx_pdb_id_code             3H6N 
_struct_ref_seq_dif.mon_id                       GLY 
_struct_ref_seq_dif.pdbx_pdb_strand_id           A 
_struct_ref_seq_dif.seq_num                      1 
_struct_ref_seq_dif.pdbx_pdb_ins_code            ? 
_struct_ref_seq_dif.pdbx_seq_db_name             UNP 
_struct_ref_seq_dif.pdbx_seq_db_accession_code   Q9Y4D7 
_struct_ref_seq_dif.db_mon_id                    ? 
_struct_ref_seq_dif.pdbx_seq_db_seq_num          ? 
_struct_ref_seq_dif.details                      'expression tag' 
_struct_ref_seq_dif.pdbx_auth_seq_num            1552 
_struct_ref_seq_dif.pdbx_ordinal                 1 
# 
_pdbx_struct_assembly.id                   1 
_pdbx_struct_assembly.details              software_defined_assembly 
_pdbx_struct_assembly.method_details       PISA 
_pdbx_struct_assembly.oligomeric_details   dimeric 
_pdbx_struct_assembly.oligomeric_count     2 
# 
loop_
_pdbx_struct_assembly_prop.biol_id 
_pdbx_struct_assembly_prop.type 
_pdbx_struct_assembly_prop.value 
_pdbx_struct_assembly_prop.details 
1 'ABSA (A^2)' 2120  ? 
1 MORE         -38   ? 
1 'SSA (A^2)'  10890 ? 
# 
_pdbx_struct_assembly_gen.assembly_id       1 
_pdbx_struct_assembly_gen.oper_expression   1,2 
_pdbx_struct_assembly_gen.asym_id_list      A,B,C,D,E 
# 
loop_
_pdbx_struct_oper_list.id 
_pdbx_struct_oper_list.type 
_pdbx_struct_oper_list.name 
_pdbx_struct_oper_list.symmetry_operation 
_pdbx_struct_oper_list.matrix[1][1] 
_pdbx_struct_oper_list.matrix[1][2] 
_pdbx_struct_oper_list.matrix[1][3] 
_pdbx_struct_oper_list.vector[1] 
_pdbx_struct_oper_list.matrix[2][1] 
_pdbx_struct_oper_list.matrix[2][2] 
_pdbx_struct_oper_list.matrix[2][3] 
_pdbx_struct_oper_list.vector[2] 
_pdbx_struct_oper_list.matrix[3][1] 
_pdbx_struct_oper_list.matrix[3][2] 
_pdbx_struct_oper_list.matrix[3][3] 
_pdbx_struct_oper_list.vector[3] 
1 'identity operation'         1_555 x,y,z       1.0000000000 0.0000000000  0.0000000000 0.0000000000 0.0000000000  1.0000000000  0.0000000000  0.0000000000   0.0000000000 0.0000000000  1.0000000000  0.0000000000   
2 'crystal symmetry operation' 2_656 -x+1,y,-z+1 0.3850011305 -0.5187661301 0.7633189581 7.0745052433 -0.5187661301 -0.8056909183 -0.2859088077 -19.6769231846 0.7633189581 -0.2859088077 -0.5793102122 -26.2091211572 
# 
_struct_biol.id        1 
_struct_biol.details   ? 
# 
loop_
_struct_conf.conf_type_id 
_struct_conf.id 
_struct_conf.pdbx_PDB_helix_id 
_struct_conf.beg_label_comp_id 
_struct_conf.beg_label_asym_id 
_struct_conf.beg_label_seq_id 
_struct_conf.pdbx_beg_PDB_ins_code 
_struct_conf.end_label_comp_id 
_struct_conf.end_label_asym_id 
_struct_conf.end_label_seq_id 
_struct_conf.pdbx_end_PDB_ins_code 
_struct_conf.beg_auth_comp_id 
_struct_conf.beg_auth_asym_id 
_struct_conf.beg_auth_seq_id 
_struct_conf.end_auth_comp_id 
_struct_conf.end_auth_asym_id 
_struct_conf.end_auth_seq_id 
_struct_conf.pdbx_PDB_helix_class 
_struct_conf.details 
_struct_conf.pdbx_PDB_helix_length 
HELX_P HELX_P1 1 THR A 28 ? CYS A 41 ? THR A 1579 CYS A 1592 1 ? 14 
HELX_P HELX_P2 2 PRO A 45 ? TRP A 49 ? PRO A 1596 TRP A 1600 5 ? 5  
HELX_P HELX_P3 3 ARG A 51 ? GLU A 53 ? ARG A 1602 GLU A 1604 5 ? 3  
# 
_struct_conf_type.id          HELX_P 
_struct_conf_type.criteria    ? 
_struct_conf_type.reference   ? 
# 
loop_
_struct_conn.id 
_struct_conn.conn_type_id 
_struct_conn.pdbx_leaving_atom_flag 
_struct_conn.pdbx_PDB_id 
_struct_conn.ptnr1_label_asym_id 
_struct_conn.ptnr1_label_comp_id 
_struct_conn.ptnr1_label_seq_id 
_struct_conn.ptnr1_label_atom_id 
_struct_conn.pdbx_ptnr1_label_alt_id 
_struct_conn.pdbx_ptnr1_PDB_ins_code 
_struct_conn.pdbx_ptnr1_standard_comp_id 
_struct_conn.ptnr1_symmetry 
_struct_conn.ptnr2_label_asym_id 
_struct_conn.ptnr2_label_comp_id 
_struct_conn.ptnr2_label_seq_id 
_struct_conn.ptnr2_label_atom_id 
_struct_conn.pdbx_ptnr2_label_alt_id 
_struct_conn.pdbx_ptnr2_PDB_ins_code 
_struct_conn.ptnr1_auth_asym_id 
_struct_conn.ptnr1_auth_comp_id 
_struct_conn.ptnr1_auth_seq_id 
_struct_conn.ptnr2_auth_asym_id 
_struct_conn.ptnr2_auth_comp_id 
_struct_conn.ptnr2_auth_seq_id 
_struct_conn.ptnr2_symmetry 
_struct_conn.pdbx_ptnr3_label_atom_id 
_struct_conn.pdbx_ptnr3_label_seq_id 
_struct_conn.pdbx_ptnr3_label_comp_id 
_struct_conn.pdbx_ptnr3_label_asym_id 
_struct_conn.pdbx_ptnr3_label_alt_id 
_struct_conn.pdbx_ptnr3_PDB_ins_code 
_struct_conn.details 
_struct_conn.pdbx_dist_value 
_struct_conn.pdbx_value_order 
_struct_conn.pdbx_role 
covale1 covale both ? A GLY 15  C ? ? ? 1_555 A MSE 16  N ? ? A GLY 1566 A MSE 1567 1_555 ? ? ? ? ? ? ? 1.333 ? ? 
covale2 covale both ? A MSE 16  C ? ? ? 1_555 A ASP 17  N ? ? A MSE 1567 A ASP 1568 1_555 ? ? ? ? ? ? ? 1.330 ? ? 
covale3 covale both ? A ALA 23  C ? ? ? 1_555 A MSE 24  N ? ? A ALA 1574 A MSE 1575 1_555 ? ? ? ? ? ? ? 1.327 ? ? 
covale4 covale both ? A MSE 24  C ? ? ? 1_555 A ASP 25  N ? ? A MSE 1575 A ASP 1576 1_555 ? ? ? ? ? ? ? 1.339 ? ? 
covale5 covale both ? A ALA 100 C ? ? ? 1_555 A MSE 101 N ? ? A ALA 1651 A MSE 1652 1_555 ? ? ? ? ? ? ? 1.330 ? ? 
covale6 covale both ? A MSE 101 C ? ? ? 1_555 A SER 102 N ? ? A MSE 1652 A SER 1653 1_555 ? ? ? ? ? ? ? 1.338 ? ? 
# 
_struct_conn_type.id          covale 
_struct_conn_type.criteria    ? 
_struct_conn_type.reference   ? 
# 
loop_
_pdbx_modification_feature.ordinal 
_pdbx_modification_feature.label_comp_id 
_pdbx_modification_feature.label_asym_id 
_pdbx_modification_feature.label_seq_id 
_pdbx_modification_feature.label_alt_id 
_pdbx_modification_feature.modified_residue_label_comp_id 
_pdbx_modification_feature.modified_residue_label_asym_id 
_pdbx_modification_feature.modified_residue_label_seq_id 
_pdbx_modification_feature.modified_residue_label_alt_id 
_pdbx_modification_feature.auth_comp_id 
_pdbx_modification_feature.auth_asym_id 
_pdbx_modification_feature.auth_seq_id 
_pdbx_modification_feature.PDB_ins_code 
_pdbx_modification_feature.symmetry 
_pdbx_modification_feature.modified_residue_auth_comp_id 
_pdbx_modification_feature.modified_residue_auth_asym_id 
_pdbx_modification_feature.modified_residue_auth_seq_id 
_pdbx_modification_feature.modified_residue_PDB_ins_code 
_pdbx_modification_feature.modified_residue_symmetry 
_pdbx_modification_feature.comp_id_linking_atom 
_pdbx_modification_feature.modified_residue_id_linking_atom 
_pdbx_modification_feature.modified_residue_id 
_pdbx_modification_feature.ref_pcm_id 
_pdbx_modification_feature.ref_comp_id 
_pdbx_modification_feature.type 
_pdbx_modification_feature.category 
1 MSE A 16  ? . . . . MSE A 1567 ? 1_555 . . . . . . . MET 1 MSE Selenomethionine 'Named protein modification' 
2 MSE A 24  ? . . . . MSE A 1575 ? 1_555 . . . . . . . MET 1 MSE Selenomethionine 'Named protein modification' 
3 MSE A 101 ? . . . . MSE A 1652 ? 1_555 . . . . . . . MET 1 MSE Selenomethionine 'Named protein modification' 
# 
loop_
_struct_sheet.id 
_struct_sheet.type 
_struct_sheet.number_strands 
_struct_sheet.details 
A ? 5 ? 
B ? 2 ? 
# 
loop_
_struct_sheet_order.sheet_id 
_struct_sheet_order.range_id_1 
_struct_sheet_order.range_id_2 
_struct_sheet_order.offset 
_struct_sheet_order.sense 
A 1 2 ? anti-parallel 
A 2 3 ? parallel      
A 3 4 ? anti-parallel 
A 4 5 ? anti-parallel 
B 1 2 ? anti-parallel 
# 
loop_
_struct_sheet_range.sheet_id 
_struct_sheet_range.id 
_struct_sheet_range.beg_label_comp_id 
_struct_sheet_range.beg_label_asym_id 
_struct_sheet_range.beg_label_seq_id 
_struct_sheet_range.pdbx_beg_PDB_ins_code 
_struct_sheet_range.end_label_comp_id 
_struct_sheet_range.end_label_asym_id 
_struct_sheet_range.end_label_seq_id 
_struct_sheet_range.pdbx_end_PDB_ins_code 
_struct_sheet_range.beg_auth_comp_id 
_struct_sheet_range.beg_auth_asym_id 
_struct_sheet_range.beg_auth_seq_id 
_struct_sheet_range.end_auth_comp_id 
_struct_sheet_range.end_auth_asym_id 
_struct_sheet_range.end_auth_seq_id 
A 1 LEU A 19 ? MSE A 24  ? LEU A 1570 MSE A 1575 
A 2 PRO A 4  ? GLN A 12  ? PRO A 1555 GLN A 1563 
A 3 SER A 98 ? LEU A 103 ? SER A 1649 LEU A 1654 
A 4 VAL A 55 ? PHE A 60  ? VAL A 1606 PHE A 1611 
A 5 SER A 66 ? ILE A 68  ? SER A 1617 ILE A 1619 
B 1 VAL A 78 ? GLU A 79  ? VAL A 1629 GLU A 1630 
B 2 ARG A 82 ? LYS A 83  ? ARG A 1633 LYS A 1634 
# 
loop_
_pdbx_struct_sheet_hbond.sheet_id 
_pdbx_struct_sheet_hbond.range_id_1 
_pdbx_struct_sheet_hbond.range_id_2 
_pdbx_struct_sheet_hbond.range_1_label_atom_id 
_pdbx_struct_sheet_hbond.range_1_label_comp_id 
_pdbx_struct_sheet_hbond.range_1_label_asym_id 
_pdbx_struct_sheet_hbond.range_1_label_seq_id 
_pdbx_struct_sheet_hbond.range_1_PDB_ins_code 
_pdbx_struct_sheet_hbond.range_1_auth_atom_id 
_pdbx_struct_sheet_hbond.range_1_auth_comp_id 
_pdbx_struct_sheet_hbond.range_1_auth_asym_id 
_pdbx_struct_sheet_hbond.range_1_auth_seq_id 
_pdbx_struct_sheet_hbond.range_2_label_atom_id 
_pdbx_struct_sheet_hbond.range_2_label_comp_id 
_pdbx_struct_sheet_hbond.range_2_label_asym_id 
_pdbx_struct_sheet_hbond.range_2_label_seq_id 
_pdbx_struct_sheet_hbond.range_2_PDB_ins_code 
_pdbx_struct_sheet_hbond.range_2_auth_atom_id 
_pdbx_struct_sheet_hbond.range_2_auth_comp_id 
_pdbx_struct_sheet_hbond.range_2_auth_asym_id 
_pdbx_struct_sheet_hbond.range_2_auth_seq_id 
A 1 2 O ALA A 23  ? O ALA A 1574 N ARG A 5   ? N ARG A 1556 
A 2 3 N SER A 10  ? N SER A 1561 O MSE A 101 ? O MSE A 1652 
A 3 4 O ALA A 100 ? O ALA A 1651 N GLU A 58  ? N GLU A 1609 
A 4 5 N TRP A 59  ? N TRP A 1610 O TYR A 67  ? O TYR A 1618 
B 1 2 N GLU A 79  ? N GLU A 1630 O ARG A 82  ? O ARG A 1633 
# 
loop_
_struct_site.id 
_struct_site.pdbx_evidence_code 
_struct_site.pdbx_auth_asym_id 
_struct_site.pdbx_auth_comp_id 
_struct_site.pdbx_auth_seq_id 
_struct_site.pdbx_auth_ins_code 
_struct_site.pdbx_num_residues 
_struct_site.details 
AC1 Software A ARS 1 ? 1 'BINDING SITE FOR RESIDUE ARS A 1' 
AC2 Software A ARS 2 ? 1 'BINDING SITE FOR RESIDUE ARS A 2' 
# 
loop_
_struct_site_gen.id 
_struct_site_gen.site_id 
_struct_site_gen.pdbx_num_res 
_struct_site_gen.label_comp_id 
_struct_site_gen.label_asym_id 
_struct_site_gen.label_seq_id 
_struct_site_gen.pdbx_auth_ins_code 
_struct_site_gen.auth_comp_id 
_struct_site_gen.auth_asym_id 
_struct_site_gen.auth_seq_id 
_struct_site_gen.label_atom_id 
_struct_site_gen.label_alt_id 
_struct_site_gen.symmetry 
_struct_site_gen.details 
1 AC1 1 CYS A 41 ? CYS A 1592 . ? 1_555 ? 
2 AC2 1 CYS A 14 ? CYS A 1565 . ? 1_555 ? 
# 
_pdbx_entry_details.entry_id                   3H6N 
_pdbx_entry_details.sequence_details           
;SOLVENT CONTENT AND MATTHEWS COEFFICIENT WERE CALCULATED BASED ON THE PURIFIED PROTEIN CONSTRUCT. HOWEVER, THE PROTEASE ADDED FOR CRYSTALLIZATION MAY HAVE REDUCED THE CHAIN LENGTH OF THE TARGET PROTEIN.
;
_pdbx_entry_details.nonpolymer_details         
;THE ELECTRON DENSITY SUGGESTS THE MODIFICATION OF THE SULFHYDRYL
GROUPS OF CYS-1565 AND CYS-1592, POSSIBLY BY A REACTION INVOLVING
CACODYLATE, SIMILAR TO SCOTT ET AL (1993, CHEM RES TOXICOL 6:102) AND
GOLDGUR ET AL (1998, PROC NATL ACAD SCI USA 95:9150). ONLY THE
PUTATIVE ARSENIC ATOMS OF THE MODIFICATION HAVE BEEN MODELED.
;
_pdbx_entry_details.compound_details           ? 
_pdbx_entry_details.source_details             ? 
_pdbx_entry_details.has_ligand_of_interest     ? 
_pdbx_entry_details.has_protein_modification   Y 
# 
_pdbx_SG_project.id                    1 
_pdbx_SG_project.project_name          ? 
_pdbx_SG_project.full_name_of_center   'Structural Genomics Consortium' 
_pdbx_SG_project.initial_of_center     SGC 
# 
loop_
_pdbx_struct_mod_residue.id 
_pdbx_struct_mod_residue.label_asym_id 
_pdbx_struct_mod_residue.label_comp_id 
_pdbx_struct_mod_residue.label_seq_id 
_pdbx_struct_mod_residue.auth_asym_id 
_pdbx_struct_mod_residue.auth_comp_id 
_pdbx_struct_mod_residue.auth_seq_id 
_pdbx_struct_mod_residue.PDB_ins_code 
_pdbx_struct_mod_residue.parent_comp_id 
_pdbx_struct_mod_residue.details 
1 A MSE 16  A MSE 1567 ? MET SELENOMETHIONINE 
2 A MSE 24  A MSE 1575 ? MET SELENOMETHIONINE 
3 A MSE 101 A MSE 1652 ? MET SELENOMETHIONINE 
# 
_pdbx_refine_tls.id               1 
_pdbx_refine_tls.details          ? 
_pdbx_refine_tls.method           refined 
_pdbx_refine_tls.origin_x         0.0437 
_pdbx_refine_tls.origin_y         -0.7075 
_pdbx_refine_tls.origin_z         0.0855 
_pdbx_refine_tls.T[1][1]          0.0536 
_pdbx_refine_tls.T[2][2]          0.0793 
_pdbx_refine_tls.T[3][3]          0.0704 
_pdbx_refine_tls.T[1][2]          -0.0003 
_pdbx_refine_tls.T[1][3]          0.0296 
_pdbx_refine_tls.T[2][3]          0.0255 
_pdbx_refine_tls.L[1][1]          1.8880 
_pdbx_refine_tls.L[2][2]          5.2386 
_pdbx_refine_tls.L[3][3]          3.1488 
_pdbx_refine_tls.L[1][2]          -1.0418 
_pdbx_refine_tls.L[1][3]          -0.1754 
_pdbx_refine_tls.L[2][3]          2.5989 
_pdbx_refine_tls.S[1][1]          -0.0175 
_pdbx_refine_tls.S[2][2]          0.0357 
_pdbx_refine_tls.S[3][3]          -0.0182 
_pdbx_refine_tls.S[1][2]          0.0197 
_pdbx_refine_tls.S[1][3]          0.2305 
_pdbx_refine_tls.S[2][3]          0.0981 
_pdbx_refine_tls.S[2][1]          0.0669 
_pdbx_refine_tls.S[3][1]          0.0916 
_pdbx_refine_tls.S[3][2]          -0.0638 
_pdbx_refine_tls.pdbx_refine_id   'X-RAY DIFFRACTION' 
# 
_pdbx_refine_tls_group.id                  1 
_pdbx_refine_tls_group.refine_tls_id       1 
_pdbx_refine_tls_group.beg_auth_asym_id    A 
_pdbx_refine_tls_group.end_auth_asym_id    A 
_pdbx_refine_tls_group.end_auth_seq_id     1656 
_pdbx_refine_tls_group.selection           ? 
_pdbx_refine_tls_group.beg_auth_seq_id     1553 
_pdbx_refine_tls_group.beg_label_asym_id   . 
_pdbx_refine_tls_group.beg_label_seq_id    . 
_pdbx_refine_tls_group.end_label_asym_id   . 
_pdbx_refine_tls_group.end_label_seq_id    . 
_pdbx_refine_tls_group.pdbx_refine_id      'X-RAY DIFFRACTION' 
_pdbx_refine_tls_group.selection_details   ? 
# 
_phasing.method   SAD 
# 
loop_
_pdbx_unobs_or_zero_occ_residues.id 
_pdbx_unobs_or_zero_occ_residues.PDB_model_num 
_pdbx_unobs_or_zero_occ_residues.polymer_flag 
_pdbx_unobs_or_zero_occ_residues.occupancy_flag 
_pdbx_unobs_or_zero_occ_residues.auth_asym_id 
_pdbx_unobs_or_zero_occ_residues.auth_comp_id 
_pdbx_unobs_or_zero_occ_residues.auth_seq_id 
_pdbx_unobs_or_zero_occ_residues.PDB_ins_code 
_pdbx_unobs_or_zero_occ_residues.label_asym_id 
_pdbx_unobs_or_zero_occ_residues.label_comp_id 
_pdbx_unobs_or_zero_occ_residues.label_seq_id 
1  1 Y 1 A GLY 1552 ? A GLY 1   
2  1 Y 1 A LYS 1657 ? A LYS 106 
3  1 Y 1 A LYS 1658 ? A LYS 107 
4  1 Y 1 A ASP 1659 ? A ASP 108 
5  1 Y 1 A ASN 1660 ? A ASN 109 
6  1 Y 1 A THR 1661 ? A THR 110 
7  1 Y 1 A LEU 1662 ? A LEU 111 
8  1 Y 1 A GLY 1663 ? A GLY 112 
9  1 Y 1 A ARG 1664 ? A ARG 113 
10 1 Y 1 A VAL 1665 ? A VAL 114 
11 1 Y 1 A LYS 1666 ? A LYS 115 
12 1 Y 1 A ASP 1667 ? A ASP 116 
13 1 Y 1 A LEU 1668 ? A LEU 117 
14 1 Y 1 A ASP 1669 ? A ASP 118 
15 1 Y 1 A THR 1670 ? A THR 119 
16 1 Y 1 A GLU 1671 ? A GLU 120 
17 1 Y 1 A LYS 1672 ? A LYS 121 
18 1 Y 1 A TYR 1673 ? A TYR 122 
19 1 Y 1 A PHE 1674 ? A PHE 123 
20 1 Y 1 A HIS 1675 ? A HIS 124 
21 1 Y 1 A LEU 1676 ? A LEU 125 
22 1 Y 1 A VAL 1677 ? A VAL 126 
23 1 Y 1 A LEU 1678 ? A LEU 127 
# 
loop_
_chem_comp_atom.comp_id 
_chem_comp_atom.atom_id 
_chem_comp_atom.type_symbol 
_chem_comp_atom.pdbx_aromatic_flag 
_chem_comp_atom.pdbx_stereo_config 
_chem_comp_atom.pdbx_ordinal 
ALA N    N  N N 1   
ALA CA   C  N S 2   
ALA C    C  N N 3   
ALA O    O  N N 4   
ALA CB   C  N N 5   
ALA OXT  O  N N 6   
ALA H    H  N N 7   
ALA H2   H  N N 8   
ALA HA   H  N N 9   
ALA HB1  H  N N 10  
ALA HB2  H  N N 11  
ALA HB3  H  N N 12  
ALA HXT  H  N N 13  
ARG N    N  N N 14  
ARG CA   C  N S 15  
ARG C    C  N N 16  
ARG O    O  N N 17  
ARG CB   C  N N 18  
ARG CG   C  N N 19  
ARG CD   C  N N 20  
ARG NE   N  N N 21  
ARG CZ   C  N N 22  
ARG NH1  N  N N 23  
ARG NH2  N  N N 24  
ARG OXT  O  N N 25  
ARG H    H  N N 26  
ARG H2   H  N N 27  
ARG HA   H  N N 28  
ARG HB2  H  N N 29  
ARG HB3  H  N N 30  
ARG HG2  H  N N 31  
ARG HG3  H  N N 32  
ARG HD2  H  N N 33  
ARG HD3  H  N N 34  
ARG HE   H  N N 35  
ARG HH11 H  N N 36  
ARG HH12 H  N N 37  
ARG HH21 H  N N 38  
ARG HH22 H  N N 39  
ARG HXT  H  N N 40  
ARS AS   AS N N 41  
ASN N    N  N N 42  
ASN CA   C  N S 43  
ASN C    C  N N 44  
ASN O    O  N N 45  
ASN CB   C  N N 46  
ASN CG   C  N N 47  
ASN OD1  O  N N 48  
ASN ND2  N  N N 49  
ASN OXT  O  N N 50  
ASN H    H  N N 51  
ASN H2   H  N N 52  
ASN HA   H  N N 53  
ASN HB2  H  N N 54  
ASN HB3  H  N N 55  
ASN HD21 H  N N 56  
ASN HD22 H  N N 57  
ASN HXT  H  N N 58  
ASP N    N  N N 59  
ASP CA   C  N S 60  
ASP C    C  N N 61  
ASP O    O  N N 62  
ASP CB   C  N N 63  
ASP CG   C  N N 64  
ASP OD1  O  N N 65  
ASP OD2  O  N N 66  
ASP OXT  O  N N 67  
ASP H    H  N N 68  
ASP H2   H  N N 69  
ASP HA   H  N N 70  
ASP HB2  H  N N 71  
ASP HB3  H  N N 72  
ASP HD2  H  N N 73  
ASP HXT  H  N N 74  
CYS N    N  N N 75  
CYS CA   C  N R 76  
CYS C    C  N N 77  
CYS O    O  N N 78  
CYS CB   C  N N 79  
CYS SG   S  N N 80  
CYS OXT  O  N N 81  
CYS H    H  N N 82  
CYS H2   H  N N 83  
CYS HA   H  N N 84  
CYS HB2  H  N N 85  
CYS HB3  H  N N 86  
CYS HG   H  N N 87  
CYS HXT  H  N N 88  
GLN N    N  N N 89  
GLN CA   C  N S 90  
GLN C    C  N N 91  
GLN O    O  N N 92  
GLN CB   C  N N 93  
GLN CG   C  N N 94  
GLN CD   C  N N 95  
GLN OE1  O  N N 96  
GLN NE2  N  N N 97  
GLN OXT  O  N N 98  
GLN H    H  N N 99  
GLN H2   H  N N 100 
GLN HA   H  N N 101 
GLN HB2  H  N N 102 
GLN HB3  H  N N 103 
GLN HG2  H  N N 104 
GLN HG3  H  N N 105 
GLN HE21 H  N N 106 
GLN HE22 H  N N 107 
GLN HXT  H  N N 108 
GLU N    N  N N 109 
GLU CA   C  N S 110 
GLU C    C  N N 111 
GLU O    O  N N 112 
GLU CB   C  N N 113 
GLU CG   C  N N 114 
GLU CD   C  N N 115 
GLU OE1  O  N N 116 
GLU OE2  O  N N 117 
GLU OXT  O  N N 118 
GLU H    H  N N 119 
GLU H2   H  N N 120 
GLU HA   H  N N 121 
GLU HB2  H  N N 122 
GLU HB3  H  N N 123 
GLU HG2  H  N N 124 
GLU HG3  H  N N 125 
GLU HE2  H  N N 126 
GLU HXT  H  N N 127 
GLY N    N  N N 128 
GLY CA   C  N N 129 
GLY C    C  N N 130 
GLY O    O  N N 131 
GLY OXT  O  N N 132 
GLY H    H  N N 133 
GLY H2   H  N N 134 
GLY HA2  H  N N 135 
GLY HA3  H  N N 136 
GLY HXT  H  N N 137 
HIS N    N  N N 138 
HIS CA   C  N S 139 
HIS C    C  N N 140 
HIS O    O  N N 141 
HIS CB   C  N N 142 
HIS CG   C  Y N 143 
HIS ND1  N  Y N 144 
HIS CD2  C  Y N 145 
HIS CE1  C  Y N 146 
HIS NE2  N  Y N 147 
HIS OXT  O  N N 148 
HIS H    H  N N 149 
HIS H2   H  N N 150 
HIS HA   H  N N 151 
HIS HB2  H  N N 152 
HIS HB3  H  N N 153 
HIS HD1  H  N N 154 
HIS HD2  H  N N 155 
HIS HE1  H  N N 156 
HIS HE2  H  N N 157 
HIS HXT  H  N N 158 
HOH O    O  N N 159 
HOH H1   H  N N 160 
HOH H2   H  N N 161 
ILE N    N  N N 162 
ILE CA   C  N S 163 
ILE C    C  N N 164 
ILE O    O  N N 165 
ILE CB   C  N S 166 
ILE CG1  C  N N 167 
ILE CG2  C  N N 168 
ILE CD1  C  N N 169 
ILE OXT  O  N N 170 
ILE H    H  N N 171 
ILE H2   H  N N 172 
ILE HA   H  N N 173 
ILE HB   H  N N 174 
ILE HG12 H  N N 175 
ILE HG13 H  N N 176 
ILE HG21 H  N N 177 
ILE HG22 H  N N 178 
ILE HG23 H  N N 179 
ILE HD11 H  N N 180 
ILE HD12 H  N N 181 
ILE HD13 H  N N 182 
ILE HXT  H  N N 183 
LEU N    N  N N 184 
LEU CA   C  N S 185 
LEU C    C  N N 186 
LEU O    O  N N 187 
LEU CB   C  N N 188 
LEU CG   C  N N 189 
LEU CD1  C  N N 190 
LEU CD2  C  N N 191 
LEU OXT  O  N N 192 
LEU H    H  N N 193 
LEU H2   H  N N 194 
LEU HA   H  N N 195 
LEU HB2  H  N N 196 
LEU HB3  H  N N 197 
LEU HG   H  N N 198 
LEU HD11 H  N N 199 
LEU HD12 H  N N 200 
LEU HD13 H  N N 201 
LEU HD21 H  N N 202 
LEU HD22 H  N N 203 
LEU HD23 H  N N 204 
LEU HXT  H  N N 205 
LYS N    N  N N 206 
LYS CA   C  N S 207 
LYS C    C  N N 208 
LYS O    O  N N 209 
LYS CB   C  N N 210 
LYS CG   C  N N 211 
LYS CD   C  N N 212 
LYS CE   C  N N 213 
LYS NZ   N  N N 214 
LYS OXT  O  N N 215 
LYS H    H  N N 216 
LYS H2   H  N N 217 
LYS HA   H  N N 218 
LYS HB2  H  N N 219 
LYS HB3  H  N N 220 
LYS HG2  H  N N 221 
LYS HG3  H  N N 222 
LYS HD2  H  N N 223 
LYS HD3  H  N N 224 
LYS HE2  H  N N 225 
LYS HE3  H  N N 226 
LYS HZ1  H  N N 227 
LYS HZ2  H  N N 228 
LYS HZ3  H  N N 229 
LYS HXT  H  N N 230 
MSE N    N  N N 231 
MSE CA   C  N S 232 
MSE C    C  N N 233 
MSE O    O  N N 234 
MSE OXT  O  N N 235 
MSE CB   C  N N 236 
MSE CG   C  N N 237 
MSE SE   SE N N 238 
MSE CE   C  N N 239 
MSE H    H  N N 240 
MSE H2   H  N N 241 
MSE HA   H  N N 242 
MSE HXT  H  N N 243 
MSE HB2  H  N N 244 
MSE HB3  H  N N 245 
MSE HG2  H  N N 246 
MSE HG3  H  N N 247 
MSE HE1  H  N N 248 
MSE HE2  H  N N 249 
MSE HE3  H  N N 250 
PHE N    N  N N 251 
PHE CA   C  N S 252 
PHE C    C  N N 253 
PHE O    O  N N 254 
PHE CB   C  N N 255 
PHE CG   C  Y N 256 
PHE CD1  C  Y N 257 
PHE CD2  C  Y N 258 
PHE CE1  C  Y N 259 
PHE CE2  C  Y N 260 
PHE CZ   C  Y N 261 
PHE OXT  O  N N 262 
PHE H    H  N N 263 
PHE H2   H  N N 264 
PHE HA   H  N N 265 
PHE HB2  H  N N 266 
PHE HB3  H  N N 267 
PHE HD1  H  N N 268 
PHE HD2  H  N N 269 
PHE HE1  H  N N 270 
PHE HE2  H  N N 271 
PHE HZ   H  N N 272 
PHE HXT  H  N N 273 
PRO N    N  N N 274 
PRO CA   C  N S 275 
PRO C    C  N N 276 
PRO O    O  N N 277 
PRO CB   C  N N 278 
PRO CG   C  N N 279 
PRO CD   C  N N 280 
PRO OXT  O  N N 281 
PRO H    H  N N 282 
PRO HA   H  N N 283 
PRO HB2  H  N N 284 
PRO HB3  H  N N 285 
PRO HG2  H  N N 286 
PRO HG3  H  N N 287 
PRO HD2  H  N N 288 
PRO HD3  H  N N 289 
PRO HXT  H  N N 290 
SER N    N  N N 291 
SER CA   C  N S 292 
SER C    C  N N 293 
SER O    O  N N 294 
SER CB   C  N N 295 
SER OG   O  N N 296 
SER OXT  O  N N 297 
SER H    H  N N 298 
SER H2   H  N N 299 
SER HA   H  N N 300 
SER HB2  H  N N 301 
SER HB3  H  N N 302 
SER HG   H  N N 303 
SER HXT  H  N N 304 
THR N    N  N N 305 
THR CA   C  N S 306 
THR C    C  N N 307 
THR O    O  N N 308 
THR CB   C  N R 309 
THR OG1  O  N N 310 
THR CG2  C  N N 311 
THR OXT  O  N N 312 
THR H    H  N N 313 
THR H2   H  N N 314 
THR HA   H  N N 315 
THR HB   H  N N 316 
THR HG1  H  N N 317 
THR HG21 H  N N 318 
THR HG22 H  N N 319 
THR HG23 H  N N 320 
THR HXT  H  N N 321 
TRP N    N  N N 322 
TRP CA   C  N S 323 
TRP C    C  N N 324 
TRP O    O  N N 325 
TRP CB   C  N N 326 
TRP CG   C  Y N 327 
TRP CD1  C  Y N 328 
TRP CD2  C  Y N 329 
TRP NE1  N  Y N 330 
TRP CE2  C  Y N 331 
TRP CE3  C  Y N 332 
TRP CZ2  C  Y N 333 
TRP CZ3  C  Y N 334 
TRP CH2  C  Y N 335 
TRP OXT  O  N N 336 
TRP H    H  N N 337 
TRP H2   H  N N 338 
TRP HA   H  N N 339 
TRP HB2  H  N N 340 
TRP HB3  H  N N 341 
TRP HD1  H  N N 342 
TRP HE1  H  N N 343 
TRP HE3  H  N N 344 
TRP HZ2  H  N N 345 
TRP HZ3  H  N N 346 
TRP HH2  H  N N 347 
TRP HXT  H  N N 348 
TYR N    N  N N 349 
TYR CA   C  N S 350 
TYR C    C  N N 351 
TYR O    O  N N 352 
TYR CB   C  N N 353 
TYR CG   C  Y N 354 
TYR CD1  C  Y N 355 
TYR CD2  C  Y N 356 
TYR CE1  C  Y N 357 
TYR CE2  C  Y N 358 
TYR CZ   C  Y N 359 
TYR OH   O  N N 360 
TYR OXT  O  N N 361 
TYR H    H  N N 362 
TYR H2   H  N N 363 
TYR HA   H  N N 364 
TYR HB2  H  N N 365 
TYR HB3  H  N N 366 
TYR HD1  H  N N 367 
TYR HD2  H  N N 368 
TYR HE1  H  N N 369 
TYR HE2  H  N N 370 
TYR HH   H  N N 371 
TYR HXT  H  N N 372 
VAL N    N  N N 373 
VAL CA   C  N S 374 
VAL C    C  N N 375 
VAL O    O  N N 376 
VAL CB   C  N N 377 
VAL CG1  C  N N 378 
VAL CG2  C  N N 379 
VAL OXT  O  N N 380 
VAL H    H  N N 381 
VAL H2   H  N N 382 
VAL HA   H  N N 383 
VAL HB   H  N N 384 
VAL HG11 H  N N 385 
VAL HG12 H  N N 386 
VAL HG13 H  N N 387 
VAL HG21 H  N N 388 
VAL HG22 H  N N 389 
VAL HG23 H  N N 390 
VAL HXT  H  N N 391 
# 
loop_
_chem_comp_bond.comp_id 
_chem_comp_bond.atom_id_1 
_chem_comp_bond.atom_id_2 
_chem_comp_bond.value_order 
_chem_comp_bond.pdbx_aromatic_flag 
_chem_comp_bond.pdbx_stereo_config 
_chem_comp_bond.pdbx_ordinal 
ALA N   CA   sing N N 1   
ALA N   H    sing N N 2   
ALA N   H2   sing N N 3   
ALA CA  C    sing N N 4   
ALA CA  CB   sing N N 5   
ALA CA  HA   sing N N 6   
ALA C   O    doub N N 7   
ALA C   OXT  sing N N 8   
ALA CB  HB1  sing N N 9   
ALA CB  HB2  sing N N 10  
ALA CB  HB3  sing N N 11  
ALA OXT HXT  sing N N 12  
ARG N   CA   sing N N 13  
ARG N   H    sing N N 14  
ARG N   H2   sing N N 15  
ARG CA  C    sing N N 16  
ARG CA  CB   sing N N 17  
ARG CA  HA   sing N N 18  
ARG C   O    doub N N 19  
ARG C   OXT  sing N N 20  
ARG CB  CG   sing N N 21  
ARG CB  HB2  sing N N 22  
ARG CB  HB3  sing N N 23  
ARG CG  CD   sing N N 24  
ARG CG  HG2  sing N N 25  
ARG CG  HG3  sing N N 26  
ARG CD  NE   sing N N 27  
ARG CD  HD2  sing N N 28  
ARG CD  HD3  sing N N 29  
ARG NE  CZ   sing N N 30  
ARG NE  HE   sing N N 31  
ARG CZ  NH1  sing N N 32  
ARG CZ  NH2  doub N N 33  
ARG NH1 HH11 sing N N 34  
ARG NH1 HH12 sing N N 35  
ARG NH2 HH21 sing N N 36  
ARG NH2 HH22 sing N N 37  
ARG OXT HXT  sing N N 38  
ASN N   CA   sing N N 39  
ASN N   H    sing N N 40  
ASN N   H2   sing N N 41  
ASN CA  C    sing N N 42  
ASN CA  CB   sing N N 43  
ASN CA  HA   sing N N 44  
ASN C   O    doub N N 45  
ASN C   OXT  sing N N 46  
ASN CB  CG   sing N N 47  
ASN CB  HB2  sing N N 48  
ASN CB  HB3  sing N N 49  
ASN CG  OD1  doub N N 50  
ASN CG  ND2  sing N N 51  
ASN ND2 HD21 sing N N 52  
ASN ND2 HD22 sing N N 53  
ASN OXT HXT  sing N N 54  
ASP N   CA   sing N N 55  
ASP N   H    sing N N 56  
ASP N   H2   sing N N 57  
ASP CA  C    sing N N 58  
ASP CA  CB   sing N N 59  
ASP CA  HA   sing N N 60  
ASP C   O    doub N N 61  
ASP C   OXT  sing N N 62  
ASP CB  CG   sing N N 63  
ASP CB  HB2  sing N N 64  
ASP CB  HB3  sing N N 65  
ASP CG  OD1  doub N N 66  
ASP CG  OD2  sing N N 67  
ASP OD2 HD2  sing N N 68  
ASP OXT HXT  sing N N 69  
CYS N   CA   sing N N 70  
CYS N   H    sing N N 71  
CYS N   H2   sing N N 72  
CYS CA  C    sing N N 73  
CYS CA  CB   sing N N 74  
CYS CA  HA   sing N N 75  
CYS C   O    doub N N 76  
CYS C   OXT  sing N N 77  
CYS CB  SG   sing N N 78  
CYS CB  HB2  sing N N 79  
CYS CB  HB3  sing N N 80  
CYS SG  HG   sing N N 81  
CYS OXT HXT  sing N N 82  
GLN N   CA   sing N N 83  
GLN N   H    sing N N 84  
GLN N   H2   sing N N 85  
GLN CA  C    sing N N 86  
GLN CA  CB   sing N N 87  
GLN CA  HA   sing N N 88  
GLN C   O    doub N N 89  
GLN C   OXT  sing N N 90  
GLN CB  CG   sing N N 91  
GLN CB  HB2  sing N N 92  
GLN CB  HB3  sing N N 93  
GLN CG  CD   sing N N 94  
GLN CG  HG2  sing N N 95  
GLN CG  HG3  sing N N 96  
GLN CD  OE1  doub N N 97  
GLN CD  NE2  sing N N 98  
GLN NE2 HE21 sing N N 99  
GLN NE2 HE22 sing N N 100 
GLN OXT HXT  sing N N 101 
GLU N   CA   sing N N 102 
GLU N   H    sing N N 103 
GLU N   H2   sing N N 104 
GLU CA  C    sing N N 105 
GLU CA  CB   sing N N 106 
GLU CA  HA   sing N N 107 
GLU C   O    doub N N 108 
GLU C   OXT  sing N N 109 
GLU CB  CG   sing N N 110 
GLU CB  HB2  sing N N 111 
GLU CB  HB3  sing N N 112 
GLU CG  CD   sing N N 113 
GLU CG  HG2  sing N N 114 
GLU CG  HG3  sing N N 115 
GLU CD  OE1  doub N N 116 
GLU CD  OE2  sing N N 117 
GLU OE2 HE2  sing N N 118 
GLU OXT HXT  sing N N 119 
GLY N   CA   sing N N 120 
GLY N   H    sing N N 121 
GLY N   H2   sing N N 122 
GLY CA  C    sing N N 123 
GLY CA  HA2  sing N N 124 
GLY CA  HA3  sing N N 125 
GLY C   O    doub N N 126 
GLY C   OXT  sing N N 127 
GLY OXT HXT  sing N N 128 
HIS N   CA   sing N N 129 
HIS N   H    sing N N 130 
HIS N   H2   sing N N 131 
HIS CA  C    sing N N 132 
HIS CA  CB   sing N N 133 
HIS CA  HA   sing N N 134 
HIS C   O    doub N N 135 
HIS C   OXT  sing N N 136 
HIS CB  CG   sing N N 137 
HIS CB  HB2  sing N N 138 
HIS CB  HB3  sing N N 139 
HIS CG  ND1  sing Y N 140 
HIS CG  CD2  doub Y N 141 
HIS ND1 CE1  doub Y N 142 
HIS ND1 HD1  sing N N 143 
HIS CD2 NE2  sing Y N 144 
HIS CD2 HD2  sing N N 145 
HIS CE1 NE2  sing Y N 146 
HIS CE1 HE1  sing N N 147 
HIS NE2 HE2  sing N N 148 
HIS OXT HXT  sing N N 149 
HOH O   H1   sing N N 150 
HOH O   H2   sing N N 151 
ILE N   CA   sing N N 152 
ILE N   H    sing N N 153 
ILE N   H2   sing N N 154 
ILE CA  C    sing N N 155 
ILE CA  CB   sing N N 156 
ILE CA  HA   sing N N 157 
ILE C   O    doub N N 158 
ILE C   OXT  sing N N 159 
ILE CB  CG1  sing N N 160 
ILE CB  CG2  sing N N 161 
ILE CB  HB   sing N N 162 
ILE CG1 CD1  sing N N 163 
ILE CG1 HG12 sing N N 164 
ILE CG1 HG13 sing N N 165 
ILE CG2 HG21 sing N N 166 
ILE CG2 HG22 sing N N 167 
ILE CG2 HG23 sing N N 168 
ILE CD1 HD11 sing N N 169 
ILE CD1 HD12 sing N N 170 
ILE CD1 HD13 sing N N 171 
ILE OXT HXT  sing N N 172 
LEU N   CA   sing N N 173 
LEU N   H    sing N N 174 
LEU N   H2   sing N N 175 
LEU CA  C    sing N N 176 
LEU CA  CB   sing N N 177 
LEU CA  HA   sing N N 178 
LEU C   O    doub N N 179 
LEU C   OXT  sing N N 180 
LEU CB  CG   sing N N 181 
LEU CB  HB2  sing N N 182 
LEU CB  HB3  sing N N 183 
LEU CG  CD1  sing N N 184 
LEU CG  CD2  sing N N 185 
LEU CG  HG   sing N N 186 
LEU CD1 HD11 sing N N 187 
LEU CD1 HD12 sing N N 188 
LEU CD1 HD13 sing N N 189 
LEU CD2 HD21 sing N N 190 
LEU CD2 HD22 sing N N 191 
LEU CD2 HD23 sing N N 192 
LEU OXT HXT  sing N N 193 
LYS N   CA   sing N N 194 
LYS N   H    sing N N 195 
LYS N   H2   sing N N 196 
LYS CA  C    sing N N 197 
LYS CA  CB   sing N N 198 
LYS CA  HA   sing N N 199 
LYS C   O    doub N N 200 
LYS C   OXT  sing N N 201 
LYS CB  CG   sing N N 202 
LYS CB  HB2  sing N N 203 
LYS CB  HB3  sing N N 204 
LYS CG  CD   sing N N 205 
LYS CG  HG2  sing N N 206 
LYS CG  HG3  sing N N 207 
LYS CD  CE   sing N N 208 
LYS CD  HD2  sing N N 209 
LYS CD  HD3  sing N N 210 
LYS CE  NZ   sing N N 211 
LYS CE  HE2  sing N N 212 
LYS CE  HE3  sing N N 213 
LYS NZ  HZ1  sing N N 214 
LYS NZ  HZ2  sing N N 215 
LYS NZ  HZ3  sing N N 216 
LYS OXT HXT  sing N N 217 
MSE N   CA   sing N N 218 
MSE N   H    sing N N 219 
MSE N   H2   sing N N 220 
MSE CA  C    sing N N 221 
MSE CA  CB   sing N N 222 
MSE CA  HA   sing N N 223 
MSE C   O    doub N N 224 
MSE C   OXT  sing N N 225 
MSE OXT HXT  sing N N 226 
MSE CB  CG   sing N N 227 
MSE CB  HB2  sing N N 228 
MSE CB  HB3  sing N N 229 
MSE CG  SE   sing N N 230 
MSE CG  HG2  sing N N 231 
MSE CG  HG3  sing N N 232 
MSE SE  CE   sing N N 233 
MSE CE  HE1  sing N N 234 
MSE CE  HE2  sing N N 235 
MSE CE  HE3  sing N N 236 
PHE N   CA   sing N N 237 
PHE N   H    sing N N 238 
PHE N   H2   sing N N 239 
PHE CA  C    sing N N 240 
PHE CA  CB   sing N N 241 
PHE CA  HA   sing N N 242 
PHE C   O    doub N N 243 
PHE C   OXT  sing N N 244 
PHE CB  CG   sing N N 245 
PHE CB  HB2  sing N N 246 
PHE CB  HB3  sing N N 247 
PHE CG  CD1  doub Y N 248 
PHE CG  CD2  sing Y N 249 
PHE CD1 CE1  sing Y N 250 
PHE CD1 HD1  sing N N 251 
PHE CD2 CE2  doub Y N 252 
PHE CD2 HD2  sing N N 253 
PHE CE1 CZ   doub Y N 254 
PHE CE1 HE1  sing N N 255 
PHE CE2 CZ   sing Y N 256 
PHE CE2 HE2  sing N N 257 
PHE CZ  HZ   sing N N 258 
PHE OXT HXT  sing N N 259 
PRO N   CA   sing N N 260 
PRO N   CD   sing N N 261 
PRO N   H    sing N N 262 
PRO CA  C    sing N N 263 
PRO CA  CB   sing N N 264 
PRO CA  HA   sing N N 265 
PRO C   O    doub N N 266 
PRO C   OXT  sing N N 267 
PRO CB  CG   sing N N 268 
PRO CB  HB2  sing N N 269 
PRO CB  HB3  sing N N 270 
PRO CG  CD   sing N N 271 
PRO CG  HG2  sing N N 272 
PRO CG  HG3  sing N N 273 
PRO CD  HD2  sing N N 274 
PRO CD  HD3  sing N N 275 
PRO OXT HXT  sing N N 276 
SER N   CA   sing N N 277 
SER N   H    sing N N 278 
SER N   H2   sing N N 279 
SER CA  C    sing N N 280 
SER CA  CB   sing N N 281 
SER CA  HA   sing N N 282 
SER C   O    doub N N 283 
SER C   OXT  sing N N 284 
SER CB  OG   sing N N 285 
SER CB  HB2  sing N N 286 
SER CB  HB3  sing N N 287 
SER OG  HG   sing N N 288 
SER OXT HXT  sing N N 289 
THR N   CA   sing N N 290 
THR N   H    sing N N 291 
THR N   H2   sing N N 292 
THR CA  C    sing N N 293 
THR CA  CB   sing N N 294 
THR CA  HA   sing N N 295 
THR C   O    doub N N 296 
THR C   OXT  sing N N 297 
THR CB  OG1  sing N N 298 
THR CB  CG2  sing N N 299 
THR CB  HB   sing N N 300 
THR OG1 HG1  sing N N 301 
THR CG2 HG21 sing N N 302 
THR CG2 HG22 sing N N 303 
THR CG2 HG23 sing N N 304 
THR OXT HXT  sing N N 305 
TRP N   CA   sing N N 306 
TRP N   H    sing N N 307 
TRP N   H2   sing N N 308 
TRP CA  C    sing N N 309 
TRP CA  CB   sing N N 310 
TRP CA  HA   sing N N 311 
TRP C   O    doub N N 312 
TRP C   OXT  sing N N 313 
TRP CB  CG   sing N N 314 
TRP CB  HB2  sing N N 315 
TRP CB  HB3  sing N N 316 
TRP CG  CD1  doub Y N 317 
TRP CG  CD2  sing Y N 318 
TRP CD1 NE1  sing Y N 319 
TRP CD1 HD1  sing N N 320 
TRP CD2 CE2  doub Y N 321 
TRP CD2 CE3  sing Y N 322 
TRP NE1 CE2  sing Y N 323 
TRP NE1 HE1  sing N N 324 
TRP CE2 CZ2  sing Y N 325 
TRP CE3 CZ3  doub Y N 326 
TRP CE3 HE3  sing N N 327 
TRP CZ2 CH2  doub Y N 328 
TRP CZ2 HZ2  sing N N 329 
TRP CZ3 CH2  sing Y N 330 
TRP CZ3 HZ3  sing N N 331 
TRP CH2 HH2  sing N N 332 
TRP OXT HXT  sing N N 333 
TYR N   CA   sing N N 334 
TYR N   H    sing N N 335 
TYR N   H2   sing N N 336 
TYR CA  C    sing N N 337 
TYR CA  CB   sing N N 338 
TYR CA  HA   sing N N 339 
TYR C   O    doub N N 340 
TYR C   OXT  sing N N 341 
TYR CB  CG   sing N N 342 
TYR CB  HB2  sing N N 343 
TYR CB  HB3  sing N N 344 
TYR CG  CD1  doub Y N 345 
TYR CG  CD2  sing Y N 346 
TYR CD1 CE1  sing Y N 347 
TYR CD1 HD1  sing N N 348 
TYR CD2 CE2  doub Y N 349 
TYR CD2 HD2  sing N N 350 
TYR CE1 CZ   doub Y N 351 
TYR CE1 HE1  sing N N 352 
TYR CE2 CZ   sing Y N 353 
TYR CE2 HE2  sing N N 354 
TYR CZ  OH   sing N N 355 
TYR OH  HH   sing N N 356 
TYR OXT HXT  sing N N 357 
VAL N   CA   sing N N 358 
VAL N   H    sing N N 359 
VAL N   H2   sing N N 360 
VAL CA  C    sing N N 361 
VAL CA  CB   sing N N 362 
VAL CA  HA   sing N N 363 
VAL C   O    doub N N 364 
VAL C   OXT  sing N N 365 
VAL CB  CG1  sing N N 366 
VAL CB  CG2  sing N N 367 
VAL CB  HB   sing N N 368 
VAL CG1 HG11 sing N N 369 
VAL CG1 HG12 sing N N 370 
VAL CG1 HG13 sing N N 371 
VAL CG2 HG21 sing N N 372 
VAL CG2 HG22 sing N N 373 
VAL CG2 HG23 sing N N 374 
VAL OXT HXT  sing N N 375 
# 
_atom_sites.entry_id                    3H6N 
_atom_sites.fract_transf_matrix[1][1]   0.00415997 
_atom_sites.fract_transf_matrix[1][2]   -0.00566582 
_atom_sites.fract_transf_matrix[1][3]   -0.01139863 
_atom_sites.fract_transf_matrix[2][1]   0.03076269 
_atom_sites.fract_transf_matrix[2][2]   -0.01152247 
_atom_sites.fract_transf_matrix[2][3]   0.01695431 
_atom_sites.fract_transf_matrix[3][1]   -0.00608960 
_atom_sites.fract_transf_matrix[3][2]   -0.01974580 
_atom_sites.fract_transf_matrix[3][3]   -0.00237037 
_atom_sites.fract_transf_vector[1]      0.280162 
_atom_sites.fract_transf_vector[2]      0.604747 
_atom_sites.fract_transf_vector[3]      0.296201 
# 
loop_
_atom_type.symbol 
AS 
C  
N  
O  
S  
SE 
X  
# 
loop_
_atom_site.group_PDB 
_atom_site.id 
_atom_site.type_symbol 
_atom_site.label_atom_id 
_atom_site.label_alt_id 
_atom_site.label_comp_id 
_atom_site.label_asym_id 
_atom_site.label_entity_id 
_atom_site.label_seq_id 
_atom_site.pdbx_PDB_ins_code 
_atom_site.Cartn_x 
_atom_site.Cartn_y 
_atom_site.Cartn_z 
_atom_site.occupancy 
_atom_site.B_iso_or_equiv 
_atom_site.pdbx_formal_charge 
_atom_site.auth_seq_id 
_atom_site.auth_comp_id 
_atom_site.auth_asym_id 
_atom_site.auth_atom_id 
_atom_site.pdbx_PDB_model_num 
ATOM   1   N  N   . ALA A 1 2   ? -10.601 3.912   14.221  1.00 44.16 ? 1553 ALA A N   1 
ATOM   2   C  CA  . ALA A 1 2   ? -9.894  2.882   13.387  1.00 44.04 ? 1553 ALA A CA  1 
ATOM   3   C  C   . ALA A 1 2   ? -10.902 1.945   12.735  1.00 44.96 ? 1553 ALA A C   1 
ATOM   4   O  O   . ALA A 1 2   ? -11.651 1.251   13.431  1.00 47.46 ? 1553 ALA A O   1 
ATOM   5   C  CB  . ALA A 1 2   ? -8.922  2.091   14.233  1.00 44.82 ? 1553 ALA A CB  1 
ATOM   6   N  N   . LYS A 1 3   ? -10.916 1.925   11.403  1.00 43.06 ? 1554 LYS A N   1 
ATOM   7   C  CA  . LYS A 1 3   ? -11.886 1.136   10.643  1.00 43.81 ? 1554 LYS A CA  1 
ATOM   8   C  C   . LYS A 1 3   ? -11.225 0.462   9.436   1.00 41.59 ? 1554 LYS A C   1 
ATOM   9   O  O   . LYS A 1 3   ? -10.064 0.724   9.136   1.00 39.36 ? 1554 LYS A O   1 
ATOM   10  C  CB  . LYS A 1 3   ? -13.023 2.038   10.168  1.00 45.59 ? 1554 LYS A CB  1 
ATOM   11  N  N   . PRO A 1 4   ? -11.959 -0.429  8.754   1.00 42.60 ? 1555 PRO A N   1 
ATOM   12  C  CA  . PRO A 1 4   ? -11.489 -0.955  7.479   1.00 41.43 ? 1555 PRO A CA  1 
ATOM   13  C  C   . PRO A 1 4   ? -11.495 0.122   6.392   1.00 40.87 ? 1555 PRO A C   1 
ATOM   14  O  O   . PRO A 1 4   ? -12.322 1.039   6.449   1.00 42.59 ? 1555 PRO A O   1 
ATOM   15  C  CB  . PRO A 1 4   ? -12.505 -2.061  7.152   1.00 43.17 ? 1555 PRO A CB  1 
ATOM   16  C  CG  . PRO A 1 4   ? -13.156 -2.385  8.433   1.00 46.20 ? 1555 PRO A CG  1 
ATOM   17  C  CD  . PRO A 1 4   ? -13.136 -1.157  9.251   1.00 45.82 ? 1555 PRO A CD  1 
ATOM   18  N  N   . ARG A 1 5   ? -10.568 0.014   5.433   1.00 37.64 ? 1556 ARG A N   1 
ATOM   19  C  CA  . ARG A 1 5   ? -10.528 0.900   4.259   1.00 37.36 ? 1556 ARG A CA  1 
ATOM   20  C  C   . ARG A 1 5   ? -10.555 0.079   2.989   1.00 35.91 ? 1556 ARG A C   1 
ATOM   21  O  O   . ARG A 1 5   ? -9.713  -0.777  2.805   1.00 35.39 ? 1556 ARG A O   1 
ATOM   22  C  CB  . ARG A 1 5   ? -9.260  1.754   4.239   1.00 36.19 ? 1556 ARG A CB  1 
ATOM   23  C  CG  . ARG A 1 5   ? -9.084  2.635   5.417   1.00 37.72 ? 1556 ARG A CG  1 
ATOM   24  C  CD  . ARG A 1 5   ? -10.035 3.804   5.408   1.00 39.65 ? 1556 ARG A CD  1 
ATOM   25  N  NE  . ARG A 1 5   ? -10.142 4.381   6.727   1.00 41.61 ? 1556 ARG A NE  1 
ATOM   26  C  CZ  . ARG A 1 5   ? -10.810 5.491   7.021   1.00 44.34 ? 1556 ARG A CZ  1 
ATOM   27  N  NH1 . ARG A 1 5   ? -11.455 6.182   6.075   1.00 45.20 ? 1556 ARG A NH1 1 
ATOM   28  N  NH2 . ARG A 1 5   ? -10.830 5.918   8.281   1.00 46.10 ? 1556 ARG A NH2 1 
ATOM   29  N  N   . ASN A 1 6   ? -11.539 0.338   2.125   1.00 37.42 ? 1557 ASN A N   1 
ATOM   30  C  CA  . ASN A 1 6   ? -11.599 -0.278  0.796   1.00 37.48 ? 1557 ASN A CA  1 
ATOM   31  C  C   . ASN A 1 6   ? -10.844 0.604   -0.189  1.00 36.08 ? 1557 ASN A C   1 
ATOM   32  O  O   . ASN A 1 6   ? -11.227 1.743   -0.438  1.00 38.24 ? 1557 ASN A O   1 
ATOM   33  C  CB  . ASN A 1 6   ? -13.034 -0.466  0.348   1.00 39.95 ? 1557 ASN A CB  1 
ATOM   34  C  CG  . ASN A 1 6   ? -13.777 -1.486  1.198   1.00 41.74 ? 1557 ASN A CG  1 
ATOM   35  O  OD1 . ASN A 1 6   ? -13.471 -2.665  1.168   1.00 42.30 ? 1557 ASN A OD1 1 
ATOM   36  N  ND2 . ASN A 1 6   ? -14.745 -1.021  1.963   1.00 44.37 ? 1557 ASN A ND2 1 
ATOM   37  N  N   . LEU A 1 7   ? -9.764  0.064   -0.728  1.00 33.85 ? 1558 LEU A N   1 
ATOM   38  C  CA  . LEU A 1 7   ? -8.835  0.814   -1.556  1.00 31.72 ? 1558 LEU A CA  1 
ATOM   39  C  C   . LEU A 1 7   ? -9.033  0.382   -2.985  1.00 31.57 ? 1558 LEU A C   1 
ATOM   40  O  O   . LEU A 1 7   ? -9.239  -0.791  -3.236  1.00 31.86 ? 1558 LEU A O   1 
ATOM   41  C  CB  . LEU A 1 7   ? -7.406  0.508   -1.110  1.00 28.62 ? 1558 LEU A CB  1 
ATOM   42  C  CG  . LEU A 1 7   ? -7.164  0.719   0.387   1.00 27.47 ? 1558 LEU A CG  1 
ATOM   43  C  CD1 . LEU A 1 7   ? -5.874  0.028   0.846   1.00 25.64 ? 1558 LEU A CD1 1 
ATOM   44  C  CD2 . LEU A 1 7   ? -7.145  2.179   0.696   1.00 27.90 ? 1558 LEU A CD2 1 
ATOM   45  N  N   . ASN A 1 8   ? -9.002  1.338   -3.914  1.00 33.25 ? 1559 ASN A N   1 
ATOM   46  C  CA  . ASN A 1 8   ? -9.055  1.034   -5.341  1.00 34.78 ? 1559 ASN A CA  1 
ATOM   47  C  C   . ASN A 1 8   ? -7.638  1.035   -5.854  1.00 32.50 ? 1559 ASN A C   1 
ATOM   48  O  O   . ASN A 1 8   ? -7.052  2.086   -6.070  1.00 33.21 ? 1559 ASN A O   1 
ATOM   49  C  CB  . ASN A 1 8   ? -9.896  2.068   -6.095  1.00 39.15 ? 1559 ASN A CB  1 
ATOM   50  C  CG  . ASN A 1 8   ? -11.363 2.012   -5.722  1.00 42.93 ? 1559 ASN A CG  1 
ATOM   51  O  OD1 . ASN A 1 8   ? -11.911 2.977   -5.177  1.00 47.31 ? 1559 ASN A OD1 1 
ATOM   52  N  ND2 . ASN A 1 8   ? -12.013 0.885   -6.012  1.00 44.56 ? 1559 ASN A ND2 1 
ATOM   53  N  N   . VAL A 1 9   ? -7.070  -0.146  -6.020  1.00 30.74 ? 1560 VAL A N   1 
ATOM   54  C  CA  . VAL A 1 9   ? -5.653  -0.257  -6.342  1.00 28.07 ? 1560 VAL A CA  1 
ATOM   55  C  C   . VAL A 1 9   ? -5.482  -0.641  -7.799  1.00 29.82 ? 1560 VAL A C   1 
ATOM   56  O  O   . VAL A 1 9   ? -6.098  -1.601  -8.260  1.00 31.43 ? 1560 VAL A O   1 
ATOM   57  C  CB  . VAL A 1 9   ? -4.968  -1.272  -5.434  1.00 24.58 ? 1560 VAL A CB  1 
ATOM   58  C  CG1 . VAL A 1 9   ? -3.461  -1.320  -5.707  1.00 22.34 ? 1560 VAL A CG1 1 
ATOM   59  C  CG2 . VAL A 1 9   ? -5.233  -0.910  -3.954  1.00 21.96 ? 1560 VAL A CG2 1 
ATOM   60  N  N   . SER A 1 10  ? -4.686  0.144   -8.532  1.00 30.92 ? 1561 SER A N   1 
ATOM   61  C  CA  . SER A 1 10  ? -4.182  -0.273  -9.845  1.00 34.06 ? 1561 SER A CA  1 
ATOM   62  C  C   . SER A 1 10  ? -2.750  -0.828  -9.696  1.00 33.93 ? 1561 SER A C   1 
ATOM   63  O  O   . SER A 1 10  ? -1.987  -0.367  -8.874  1.00 32.90 ? 1561 SER A O   1 
ATOM   64  C  CB  . SER A 1 10  ? -4.216  0.893   -10.827 1.00 37.56 ? 1561 SER A CB  1 
ATOM   65  O  OG  . SER A 1 10  ? -3.685  2.063   -10.240 1.00 39.14 ? 1561 SER A OG  1 
ATOM   66  N  N   . PHE A 1 11  ? -2.413  -1.839  -10.476 1.00 35.56 ? 1562 PHE A N   1 
ATOM   67  C  CA  . PHE A 1 11  ? -1.049  -2.343  -10.512 1.00 36.21 ? 1562 PHE A CA  1 
ATOM   68  C  C   . PHE A 1 11  ? -0.461  -1.886  -11.833 1.00 39.02 ? 1562 PHE A C   1 
ATOM   69  O  O   . PHE A 1 11  ? -0.814  -2.413  -12.897 1.00 39.43 ? 1562 PHE A O   1 
ATOM   70  C  CB  . PHE A 1 11  ? -1.036  -3.877  -10.380 1.00 35.99 ? 1562 PHE A CB  1 
ATOM   71  C  CG  . PHE A 1 11  ? 0.288   -4.451  -9.929  1.00 34.84 ? 1562 PHE A CG  1 
ATOM   72  C  CD1 . PHE A 1 11  ? 0.317   -5.534  -9.060  1.00 33.77 ? 1562 PHE A CD1 1 
ATOM   73  C  CD2 . PHE A 1 11  ? 1.499   -3.924  -10.372 1.00 34.98 ? 1562 PHE A CD2 1 
ATOM   74  C  CE1 . PHE A 1 11  ? 1.500   -6.069  -8.649  1.00 33.38 ? 1562 PHE A CE1 1 
ATOM   75  C  CE2 . PHE A 1 11  ? 2.699   -4.464  -9.942  1.00 34.95 ? 1562 PHE A CE2 1 
ATOM   76  C  CZ  . PHE A 1 11  ? 2.700   -5.540  -9.094  1.00 33.92 ? 1562 PHE A CZ  1 
ATOM   77  N  N   . GLN A 1 12  ? 0.429   -0.891  -11.766 1.00 40.96 ? 1563 GLN A N   1 
ATOM   78  C  CA  . GLN A 1 12  ? 0.950   -0.228  -12.965 1.00 44.09 ? 1563 GLN A CA  1 
ATOM   79  C  C   . GLN A 1 12  ? 2.065   -1.037  -13.645 1.00 44.84 ? 1563 GLN A C   1 
ATOM   80  O  O   . GLN A 1 12  ? 2.847   -1.734  -12.984 1.00 42.81 ? 1563 GLN A O   1 
ATOM   81  C  CB  . GLN A 1 12  ? 1.455   1.183   -12.622 1.00 46.17 ? 1563 GLN A CB  1 
ATOM   82  C  CG  . GLN A 1 12  ? 0.379   2.110   -12.038 1.00 47.56 ? 1563 GLN A CG  1 
ATOM   83  C  CD  . GLN A 1 12  ? 0.781   3.599   -12.067 1.00 50.28 ? 1563 GLN A CD  1 
ATOM   84  O  OE1 . GLN A 1 12  ? 1.967   3.948   -11.958 1.00 52.18 ? 1563 GLN A OE1 1 
ATOM   85  N  NE2 . GLN A 1 12  ? -0.213  4.474   -12.215 1.00 51.43 ? 1563 GLN A NE2 1 
ATOM   86  N  N   . GLY A 1 13  ? 2.123   -0.940  -14.971 1.00 47.41 ? 1564 GLY A N   1 
ATOM   87  C  CA  . GLY A 1 13  ? 3.138   -1.645  -15.766 1.00 49.93 ? 1564 GLY A CA  1 
ATOM   88  C  C   . GLY A 1 13  ? 2.532   -2.518  -16.848 1.00 52.31 ? 1564 GLY A C   1 
ATOM   89  O  O   . GLY A 1 13  ? 3.133   -2.717  -17.892 1.00 54.16 ? 1564 GLY A O   1 
ATOM   90  N  N   . CYS A 1 14  ? 1.354   -3.067  -16.574 1.00 53.59 ? 1565 CYS A N   1 
ATOM   91  C  CA  . CYS A 1 14  ? 0.562   -3.750  -17.595 1.00 57.37 ? 1565 CYS A CA  1 
ATOM   92  C  C   . CYS A 1 14  ? -0.913  -3.367  -17.461 1.00 57.92 ? 1565 CYS A C   1 
ATOM   93  O  O   . CYS A 1 14  ? -1.325  -2.789  -16.456 1.00 57.86 ? 1565 CYS A O   1 
ATOM   94  C  CB  . CYS A 1 14  ? 0.750   -5.267  -17.508 1.00 57.06 ? 1565 CYS A CB  1 
ATOM   95  S  SG  . CYS A 1 14  ? 0.979   -5.926  -15.840 1.00 55.04 ? 1565 CYS A SG  1 
ATOM   96  N  N   . GLY A 1 15  ? -1.699  -3.704  -18.474 1.00 60.30 ? 1566 GLY A N   1 
ATOM   97  C  CA  . GLY A 1 15  ? -3.078  -3.239  -18.571 1.00 61.52 ? 1566 GLY A CA  1 
ATOM   98  C  C   . GLY A 1 15  ? -4.077  -4.078  -17.804 1.00 60.28 ? 1566 GLY A C   1 
ATOM   99  O  O   . GLY A 1 15  ? -5.075  -4.524  -18.366 1.00 61.91 ? 1566 GLY A O   1 
HETATM 100 N  N   . MSE A 1 16  ? -3.810  -4.293  -16.516 1.00 57.50 ? 1567 MSE A N   1 
HETATM 101 C  CA  . MSE A 1 16  ? -4.743  -4.989  -15.649 1.00 56.88 ? 1567 MSE A CA  1 
HETATM 102 C  C   . MSE A 1 16  ? -5.817  -4.018  -15.169 1.00 54.51 ? 1567 MSE A C   1 
HETATM 103 O  O   . MSE A 1 16  ? -5.567  -2.818  -15.038 1.00 53.37 ? 1567 MSE A O   1 
HETATM 104 C  CB  . MSE A 1 16  ? -4.012  -5.574  -14.445 1.00 58.15 ? 1567 MSE A CB  1 
HETATM 105 C  CG  . MSE A 1 16  ? -2.951  -6.603  -14.787 1.00 60.26 ? 1567 MSE A CG  1 
HETATM 106 SE SE  . MSE A 1 16  ? -2.117  -7.291  -13.163 1.00 64.02 ? 1567 MSE A SE  1 
HETATM 107 C  CE  . MSE A 1 16  ? -3.707  -8.092  -12.344 1.00 62.42 ? 1567 MSE A CE  1 
ATOM   108 N  N   . ASP A 1 17  ? -7.015  -4.535  -14.916 1.00 52.18 ? 1568 ASP A N   1 
ATOM   109 C  CA  . ASP A 1 17  ? -8.061  -3.745  -14.262 1.00 49.83 ? 1568 ASP A CA  1 
ATOM   110 C  C   . ASP A 1 17  ? -7.636  -3.427  -12.828 1.00 44.80 ? 1568 ASP A C   1 
ATOM   111 O  O   . ASP A 1 17  ? -6.821  -4.138  -12.240 1.00 40.48 ? 1568 ASP A O   1 
ATOM   112 C  CB  . ASP A 1 17  ? -9.400  -4.505  -14.239 1.00 51.00 ? 1568 ASP A CB  1 
ATOM   113 C  CG  . ASP A 1 17  ? -10.126 -4.486  -15.587 1.00 54.25 ? 1568 ASP A CG  1 
ATOM   114 O  OD1 . ASP A 1 17  ? -9.802  -3.644  -16.457 1.00 54.81 ? 1568 ASP A OD1 1 
ATOM   115 O  OD2 . ASP A 1 17  ? -11.041 -5.312  -15.762 1.00 55.86 ? 1568 ASP A OD2 1 
ATOM   116 N  N   . SER A 1 18  ? -8.191  -2.349  -12.278 1.00 43.04 ? 1569 SER A N   1 
ATOM   117 C  CA  . SER A 1 18  ? -8.029  -2.047  -10.877 1.00 40.53 ? 1569 SER A CA  1 
ATOM   118 C  C   . SER A 1 18  ? -8.824  -3.054  -10.052 1.00 39.39 ? 1569 SER A C   1 
ATOM   119 O  O   . SER A 1 18  ? -9.799  -3.643  -10.541 1.00 40.74 ? 1569 SER A O   1 
ATOM   120 C  CB  . SER A 1 18  ? -8.502  -0.631  -10.571 1.00 42.04 ? 1569 SER A CB  1 
ATOM   121 O  OG  . SER A 1 18  ? -8.002  0.285   -11.531 1.00 44.54 ? 1569 SER A OG  1 
ATOM   122 N  N   . LEU A 1 19  ? -8.397  -3.251  -8.812  1.00 35.98 ? 1570 LEU A N   1 
ATOM   123 C  CA  . LEU A 1 19  ? -9.067  -4.153  -7.876  1.00 36.70 ? 1570 LEU A CA  1 
ATOM   124 C  C   . LEU A 1 19  ? -9.409  -3.391  -6.615  1.00 36.29 ? 1570 LEU A C   1 
ATOM   125 O  O   . LEU A 1 19  ? -8.633  -2.537  -6.175  1.00 34.65 ? 1570 LEU A O   1 
ATOM   126 C  CB  . LEU A 1 19  ? -8.150  -5.341  -7.504  1.00 34.77 ? 1570 LEU A CB  1 
ATOM   127 C  CG  . LEU A 1 19  ? -7.996  -6.492  -8.489  1.00 35.24 ? 1570 LEU A CG  1 
ATOM   128 C  CD1 . LEU A 1 19  ? -7.108  -7.587  -7.871  1.00 33.79 ? 1570 LEU A CD1 1 
ATOM   129 C  CD2 . LEU A 1 19  ? -9.346  -7.062  -8.893  1.00 38.06 ? 1570 LEU A CD2 1 
ATOM   130 N  N   . SER A 1 20  ? -10.563 -3.699  -6.026  1.00 38.74 ? 1571 SER A N   1 
ATOM   131 C  CA  . SER A 1 20  ? -10.911 -3.170  -4.704  1.00 39.59 ? 1571 SER A CA  1 
ATOM   132 C  C   . SER A 1 20  ? -10.330 -4.095  -3.638  1.00 38.22 ? 1571 SER A C   1 
ATOM   133 O  O   . SER A 1 20  ? -10.560 -5.307  -3.665  1.00 40.44 ? 1571 SER A O   1 
ATOM   134 C  CB  . SER A 1 20  ? -12.421 -3.043  -4.541  1.00 43.53 ? 1571 SER A CB  1 
ATOM   135 O  OG  . SER A 1 20  ? -12.724 -2.089  -3.529  1.00 45.64 ? 1571 SER A OG  1 
ATOM   136 N  N   . VAL A 1 21  ? -9.553  -3.528  -2.719  1.00 35.67 ? 1572 VAL A N   1 
ATOM   137 C  CA  . VAL A 1 21  ? -8.869  -4.305  -1.695  1.00 34.19 ? 1572 VAL A CA  1 
ATOM   138 C  C   . VAL A 1 21  ? -9.183  -3.721  -0.328  1.00 35.08 ? 1572 VAL A C   1 
ATOM   139 O  O   . VAL A 1 21  ? -8.992  -2.536  -0.100  1.00 35.48 ? 1572 VAL A O   1 
ATOM   140 C  CB  . VAL A 1 21  ? -7.336  -4.290  -1.903  1.00 31.09 ? 1572 VAL A CB  1 
ATOM   141 C  CG1 . VAL A 1 21  ? -6.631  -5.082  -0.806  1.00 30.36 ? 1572 VAL A CG1 1 
ATOM   142 C  CG2 . VAL A 1 21  ? -6.973  -4.846  -3.296  1.00 29.90 ? 1572 VAL A CG2 1 
ATOM   143 N  N   . ARG A 1 22  ? -9.648  -4.564  0.579   1.00 35.93 ? 1573 ARG A N   1 
ATOM   144 C  CA  . ARG A 1 22  ? -9.964  -4.131  1.935   1.00 37.45 ? 1573 ARG A CA  1 
ATOM   145 C  C   . ARG A 1 22  ? -8.731  -4.270  2.823   1.00 36.24 ? 1573 ARG A C   1 
ATOM   146 O  O   . ARG A 1 22  ? -8.152  -5.346  2.921   1.00 36.97 ? 1573 ARG A O   1 
ATOM   147 C  CB  . ARG A 1 22  ? -11.106 -4.968  2.492   1.00 40.06 ? 1573 ARG A CB  1 
ATOM   148 C  CG  . ARG A 1 22  ? -11.869 -4.296  3.614   1.00 41.95 ? 1573 ARG A CG  1 
ATOM   149 C  CD  . ARG A 1 22  ? -12.404 -5.317  4.589   1.00 44.58 ? 1573 ARG A CD  1 
ATOM   150 N  NE  . ARG A 1 22  ? -13.610 -4.852  5.266   1.00 47.06 ? 1573 ARG A NE  1 
ATOM   151 C  CZ  . ARG A 1 22  ? -13.951 -5.167  6.513   1.00 48.17 ? 1573 ARG A CZ  1 
ATOM   152 N  NH1 . ARG A 1 22  ? -13.179 -5.949  7.267   1.00 47.61 ? 1573 ARG A NH1 1 
ATOM   153 N  NH2 . ARG A 1 22  ? -15.071 -4.690  7.013   1.00 51.88 ? 1573 ARG A NH2 1 
ATOM   154 N  N   . ALA A 1 23  ? -8.326  -3.172  3.453   1.00 35.91 ? 1574 ALA A N   1 
ATOM   155 C  CA  . ALA A 1 23  ? -7.219  -3.175  4.402   1.00 35.67 ? 1574 ALA A CA  1 
ATOM   156 C  C   . ALA A 1 23  ? -7.708  -2.538  5.693   1.00 38.78 ? 1574 ALA A C   1 
ATOM   157 O  O   . ALA A 1 23  ? -8.748  -1.909  5.707   1.00 40.34 ? 1574 ALA A O   1 
ATOM   158 C  CB  . ALA A 1 23  ? -6.049  -2.396  3.843   1.00 33.08 ? 1574 ALA A CB  1 
HETATM 159 N  N   . MSE A 1 24  ? -6.950  -2.702  6.770   1.00 41.53 ? 1575 MSE A N   1 
HETATM 160 C  CA  . MSE A 1 24  ? -7.303  -2.104  8.070   1.00 44.23 ? 1575 MSE A CA  1 
HETATM 161 C  C   . MSE A 1 24  ? -6.465  -0.875  8.317   1.00 40.01 ? 1575 MSE A C   1 
HETATM 162 O  O   . MSE A 1 24  ? -5.314  -0.821  7.906   1.00 37.99 ? 1575 MSE A O   1 
HETATM 163 C  CB  . MSE A 1 24  ? -7.062  -3.106  9.207   1.00 50.47 ? 1575 MSE A CB  1 
HETATM 164 C  CG  . MSE A 1 24  ? -7.996  -4.300  9.222   1.00 56.04 ? 1575 MSE A CG  1 
HETATM 165 SE SE  . MSE A 1 24  ? -9.862  -3.785  9.472   1.00 66.42 ? 1575 MSE A SE  1 
HETATM 166 C  CE  . MSE A 1 24  ? -9.694  -2.584  11.024  1.00 64.01 ? 1575 MSE A CE  1 
ATOM   167 N  N   . ASP A 1 25  ? -7.041  0.108   9.022   1.00 39.09 ? 1576 ASP A N   1 
ATOM   168 C  CA  . ASP A 1 25  ? -6.321  1.340   9.401   1.00 36.78 ? 1576 ASP A CA  1 
ATOM   169 C  C   . ASP A 1 25  ? -5.038  1.028   10.144  1.00 34.95 ? 1576 ASP A C   1 
ATOM   170 O  O   . ASP A 1 25  ? -4.045  1.741   10.007  1.00 32.67 ? 1576 ASP A O   1 
ATOM   171 C  CB  . ASP A 1 25  ? -7.208  2.245   10.293  1.00 39.81 ? 1576 ASP A CB  1 
ATOM   172 C  CG  . ASP A 1 25  ? -8.117  3.161   9.490   1.00 39.69 ? 1576 ASP A CG  1 
ATOM   173 O  OD1 . ASP A 1 25  ? -7.887  3.339   8.284   1.00 38.64 ? 1576 ASP A OD1 1 
ATOM   174 O  OD2 . ASP A 1 25  ? -9.062  3.712   10.074  1.00 42.05 ? 1576 ASP A OD2 1 
ATOM   175 N  N   . THR A 1 26  ? -5.069  -0.041  10.927  1.00 35.15 ? 1577 THR A N   1 
ATOM   176 C  CA  . THR A 1 26  ? -3.950  -0.423  11.767  1.00 37.00 ? 1577 THR A CA  1 
ATOM   177 C  C   . THR A 1 26  ? -2.943  -1.353  11.061  1.00 36.26 ? 1577 THR A C   1 
ATOM   178 O  O   . THR A 1 26  ? -1.885  -1.633  11.607  1.00 35.94 ? 1577 THR A O   1 
ATOM   179 C  CB  . THR A 1 26  ? -4.459  -1.067  13.093  1.00 40.00 ? 1577 THR A CB  1 
ATOM   180 O  OG1 . THR A 1 26  ? -5.567  -1.935  12.820  1.00 41.59 ? 1577 THR A OG1 1 
ATOM   181 C  CG2 . THR A 1 26  ? -4.922  0.013   14.067  1.00 40.83 ? 1577 THR A CG2 1 
ATOM   182 N  N   . ASP A 1 27  ? -3.259  -1.807  9.839   1.00 34.74 ? 1578 ASP A N   1 
ATOM   183 C  CA  . ASP A 1 27  ? -2.288  -2.565  9.051   1.00 33.93 ? 1578 ASP A CA  1 
ATOM   184 C  C   . ASP A 1 27  ? -1.057  -1.718  8.787   1.00 32.42 ? 1578 ASP A C   1 
ATOM   185 O  O   . ASP A 1 27  ? -1.176  -0.561  8.413   1.00 30.23 ? 1578 ASP A O   1 
ATOM   186 C  CB  . ASP A 1 27  ? -2.860  -2.997  7.694   1.00 33.62 ? 1578 ASP A CB  1 
ATOM   187 C  CG  . ASP A 1 27  ? -3.850  -4.131  7.795   1.00 35.89 ? 1578 ASP A CG  1 
ATOM   188 O  OD1 . ASP A 1 27  ? -3.995  -4.752  8.859   1.00 39.50 ? 1578 ASP A OD1 1 
ATOM   189 O  OD2 . ASP A 1 27  ? -4.488  -4.414  6.779   1.00 38.43 ? 1578 ASP A OD2 1 
ATOM   190 N  N   . THR A 1 28  ? 0.126   -2.297  8.988   1.00 33.04 ? 1579 THR A N   1 
ATOM   191 C  CA  . THR A 1 28  ? 1.355   -1.678  8.511   1.00 33.36 ? 1579 THR A CA  1 
ATOM   192 C  C   . THR A 1 28  ? 1.280   -1.697  7.000   1.00 32.83 ? 1579 THR A C   1 
ATOM   193 O  O   . THR A 1 28  ? 0.542   -2.497  6.421   1.00 31.50 ? 1579 THR A O   1 
ATOM   194 C  CB  . THR A 1 28  ? 2.615   -2.460  8.920   1.00 34.51 ? 1579 THR A CB  1 
ATOM   195 O  OG1 . THR A 1 28  ? 2.636   -3.718  8.232   1.00 33.79 ? 1579 THR A OG1 1 
ATOM   196 C  CG2 . THR A 1 28  ? 2.654   -2.692  10.423  1.00 36.25 ? 1579 THR A CG2 1 
ATOM   197 N  N   . LEU A 1 29  ? 2.033   -0.827  6.355   1.00 32.93 ? 1580 LEU A N   1 
ATOM   198 C  CA  . LEU A 1 29  ? 1.979   -0.744  4.908   1.00 33.58 ? 1580 LEU A CA  1 
ATOM   199 C  C   . LEU A 1 29  ? 2.556   -1.981  4.215   1.00 33.02 ? 1580 LEU A C   1 
ATOM   200 O  O   . LEU A 1 29  ? 2.206   -2.266  3.084   1.00 33.16 ? 1580 LEU A O   1 
ATOM   201 C  CB  . LEU A 1 29  ? 2.640   0.541   4.428   1.00 34.65 ? 1580 LEU A CB  1 
ATOM   202 C  CG  . LEU A 1 29  ? 1.582   1.652   4.520   1.00 35.40 ? 1580 LEU A CG  1 
ATOM   203 C  CD1 . LEU A 1 29  ? 2.132   2.846   5.148   1.00 36.62 ? 1580 LEU A CD1 1 
ATOM   204 C  CD2 . LEU A 1 29  ? 1.010   1.933   3.155   1.00 35.91 ? 1580 LEU A CD2 1 
ATOM   205 N  N   . THR A 1 30  ? 3.424   -2.712  4.909   1.00 33.37 ? 1581 THR A N   1 
ATOM   206 C  CA  . THR A 1 30  ? 3.873   -4.025  4.437   1.00 32.49 ? 1581 THR A CA  1 
ATOM   207 C  C   . THR A 1 30  ? 2.691   -4.963  4.389   1.00 32.48 ? 1581 THR A C   1 
ATOM   208 O  O   . THR A 1 30  ? 2.486   -5.650  3.389   1.00 32.23 ? 1581 THR A O   1 
ATOM   209 C  CB  . THR A 1 30  ? 4.968   -4.578  5.331   1.00 33.83 ? 1581 THR A CB  1 
ATOM   210 O  OG1 . THR A 1 30  ? 6.143   -3.809  5.110   1.00 33.76 ? 1581 THR A OG1 1 
ATOM   211 C  CG2 . THR A 1 30  ? 5.272   -6.078  5.017   1.00 34.71 ? 1581 THR A CG2 1 
ATOM   212 N  N   . GLN A 1 31  ? 1.881   -4.947  5.450   1.00 32.02 ? 1582 GLN A N   1 
ATOM   213 C  CA  . GLN A 1 31  ? 0.676   -5.762  5.509   1.00 32.51 ? 1582 GLN A CA  1 
ATOM   214 C  C   . GLN A 1 31  ? -0.328  -5.336  4.460   1.00 29.52 ? 1582 GLN A C   1 
ATOM   215 O  O   . GLN A 1 31  ? -1.012  -6.185  3.884   1.00 29.73 ? 1582 GLN A O   1 
ATOM   216 C  CB  . GLN A 1 31  ? 0.030   -5.712  6.895   1.00 35.08 ? 1582 GLN A CB  1 
ATOM   217 C  CG  . GLN A 1 31  ? 0.781   -6.473  7.963   1.00 37.54 ? 1582 GLN A CG  1 
ATOM   218 C  CD  . GLN A 1 31  ? 0.220   -6.243  9.352   1.00 39.75 ? 1582 GLN A CD  1 
ATOM   219 O  OE1 . GLN A 1 31  ? -0.277  -5.161  9.667   1.00 40.09 ? 1582 GLN A OE1 1 
ATOM   220 N  NE2 . GLN A 1 31  ? 0.309   -7.259  10.198  1.00 42.20 ? 1582 GLN A NE2 1 
ATOM   221 N  N   . VAL A 1 32  ? -0.435  -4.026  4.216   1.00 28.31 ? 1583 VAL A N   1 
ATOM   222 C  CA  . VAL A 1 32  ? -1.297  -3.522  3.156   1.00 25.32 ? 1583 VAL A CA  1 
ATOM   223 C  C   . VAL A 1 32  ? -0.807  -4.071  1.790   1.00 24.83 ? 1583 VAL A C   1 
ATOM   224 O  O   . VAL A 1 32  ? -1.598  -4.542  0.991   1.00 25.80 ? 1583 VAL A O   1 
ATOM   225 C  CB  . VAL A 1 32  ? -1.320  -1.989  3.113   1.00 26.00 ? 1583 VAL A CB  1 
ATOM   226 C  CG1 . VAL A 1 32  ? -1.976  -1.492  1.828   1.00 23.85 ? 1583 VAL A CG1 1 
ATOM   227 C  CG2 . VAL A 1 32  ? -2.047  -1.423  4.329   1.00 26.05 ? 1583 VAL A CG2 1 
ATOM   228 N  N   . LYS A 1 33  ? 0.494   -4.004  1.549   1.00 23.89 ? 1584 LYS A N   1 
ATOM   229 C  CA  . LYS A 1 33  ? 1.080   -4.537  0.307   1.00 26.27 ? 1584 LYS A CA  1 
ATOM   230 C  C   . LYS A 1 33  ? 0.827   -6.046  0.155   1.00 27.63 ? 1584 LYS A C   1 
ATOM   231 O  O   . LYS A 1 33  ? 0.506   -6.521  -0.940  1.00 29.49 ? 1584 LYS A O   1 
ATOM   232 C  CB  . LYS A 1 33  ? 2.592   -4.260  0.269   1.00 27.44 ? 1584 LYS A CB  1 
ATOM   233 C  CG  . LYS A 1 33  ? 2.946   -2.827  0.076   1.00 28.59 ? 1584 LYS A CG  1 
ATOM   234 C  CD  . LYS A 1 33  ? 4.448   -2.612  0.180   1.00 30.71 ? 1584 LYS A CD  1 
ATOM   235 C  CE  . LYS A 1 33  ? 4.821   -1.258  -0.315  1.00 32.39 ? 1584 LYS A CE  1 
ATOM   236 N  NZ  . LYS A 1 33  ? 6.256   -0.994  -0.193  1.00 34.87 ? 1584 LYS A NZ  1 
ATOM   237 N  N   . GLU A 1 34  ? 0.988   -6.790  1.250   1.00 28.39 ? 1585 GLU A N   1 
ATOM   238 C  CA  . GLU A 1 34  ? 0.720   -8.236  1.261   1.00 30.45 ? 1585 GLU A CA  1 
ATOM   239 C  C   . GLU A 1 34  ? -0.717  -8.541  0.844   1.00 30.32 ? 1585 GLU A C   1 
ATOM   240 O  O   . GLU A 1 34  ? -0.962  -9.464  0.065   1.00 30.25 ? 1585 GLU A O   1 
ATOM   241 C  CB  . GLU A 1 34  ? 0.975   -8.814  2.649   1.00 33.42 ? 1585 GLU A CB  1 
ATOM   242 C  CG  . GLU A 1 34  ? 2.437   -8.899  3.021   1.00 34.65 ? 1585 GLU A CG  1 
ATOM   243 C  CD  . GLU A 1 34  ? 2.658   -9.217  4.500   1.00 36.13 ? 1585 GLU A CD  1 
ATOM   244 O  OE1 . GLU A 1 34  ? 1.680   -9.404  5.251   1.00 37.80 ? 1585 GLU A OE1 1 
ATOM   245 O  OE2 . GLU A 1 34  ? 3.819   -9.262  4.911   1.00 38.03 ? 1585 GLU A OE2 1 
ATOM   246 N  N   . LYS A 1 35  ? -1.653  -7.741  1.342   1.00 29.25 ? 1586 LYS A N   1 
ATOM   247 C  CA  . LYS A 1 35  ? -3.073  -7.916  1.030   1.00 28.98 ? 1586 LYS A CA  1 
ATOM   248 C  C   . LYS A 1 35  ? -3.360  -7.592  -0.433  1.00 27.23 ? 1586 LYS A C   1 
ATOM   249 O  O   . LYS A 1 35  ? -4.139  -8.274  -1.083  1.00 28.30 ? 1586 LYS A O   1 
ATOM   250 C  CB  . LYS A 1 35  ? -3.947  -7.046  1.963   1.00 29.31 ? 1586 LYS A CB  1 
ATOM   251 C  CG  . LYS A 1 35  ? -4.030  -7.592  3.386   1.00 32.79 ? 1586 LYS A CG  1 
ATOM   252 C  CD  . LYS A 1 35  ? -4.829  -6.695  4.347   1.00 33.11 ? 1586 LYS A CD  1 
ATOM   253 C  CE  . LYS A 1 35  ? -4.898  -7.341  5.733   1.00 36.00 ? 1586 LYS A CE  1 
ATOM   254 N  NZ  . LYS A 1 35  ? -5.770  -6.589  6.708   1.00 36.30 ? 1586 LYS A NZ  1 
ATOM   255 N  N   . ILE A 1 36  ? -2.709  -6.555  -0.937  1.00 26.16 ? 1587 ILE A N   1 
ATOM   256 C  CA  . ILE A 1 36  ? -2.840  -6.165  -2.327  1.00 26.04 ? 1587 ILE A CA  1 
ATOM   257 C  C   . ILE A 1 36  ? -2.242  -7.244  -3.248  1.00 25.76 ? 1587 ILE A C   1 
ATOM   258 O  O   . ILE A 1 36  ? -2.851  -7.621  -4.217  1.00 25.82 ? 1587 ILE A O   1 
ATOM   259 C  CB  . ILE A 1 36  ? -2.194  -4.780  -2.569  1.00 25.34 ? 1587 ILE A CB  1 
ATOM   260 C  CG1 . ILE A 1 36  ? -3.037  -3.692  -1.878  1.00 25.18 ? 1587 ILE A CG1 1 
ATOM   261 C  CG2 . ILE A 1 36  ? -2.064  -4.475  -4.084  1.00 27.65 ? 1587 ILE A CG2 1 
ATOM   262 C  CD1 . ILE A 1 36  ? -2.437  -2.323  -1.947  1.00 25.01 ? 1587 ILE A CD1 1 
ATOM   263 N  N   . LEU A 1 37  ? -1.062  -7.747  -2.911  1.00 25.44 ? 1588 LEU A N   1 
ATOM   264 C  CA  . LEU A 1 37  ? -0.432  -8.787  -3.727  1.00 26.01 ? 1588 LEU A CA  1 
ATOM   265 C  C   . LEU A 1 37  ? -1.247  -10.093 -3.708  1.00 27.71 ? 1588 LEU A C   1 
ATOM   266 O  O   . LEU A 1 37  ? -1.362  -10.779 -4.730  1.00 26.62 ? 1588 LEU A O   1 
ATOM   267 C  CB  . LEU A 1 37  ? 0.998   -9.015  -3.274  1.00 25.51 ? 1588 LEU A CB  1 
ATOM   268 C  CG  . LEU A 1 37  ? 1.947   -7.891  -3.679  1.00 25.31 ? 1588 LEU A CG  1 
ATOM   269 C  CD1 . LEU A 1 37  ? 3.133   -7.858  -2.755  1.00 25.48 ? 1588 LEU A CD1 1 
ATOM   270 C  CD2 . LEU A 1 37  ? 2.420   -8.046  -5.147  1.00 25.31 ? 1588 LEU A CD2 1 
ATOM   271 N  N   . GLU A 1 38  ? -1.832  -10.420 -2.558  1.00 29.85 ? 1589 GLU A N   1 
ATOM   272 C  CA  . GLU A 1 38  ? -2.727  -11.570 -2.464  1.00 32.99 ? 1589 GLU A CA  1 
ATOM   273 C  C   . GLU A 1 38  ? -3.915  -11.419 -3.385  1.00 32.43 ? 1589 GLU A C   1 
ATOM   274 O  O   . GLU A 1 38  ? -4.339  -12.384 -4.004  1.00 33.44 ? 1589 GLU A O   1 
ATOM   275 C  CB  . GLU A 1 38  ? -3.188  -11.810 -1.008  1.00 36.32 ? 1589 GLU A CB  1 
ATOM   276 C  CG  . GLU A 1 38  ? -2.144  -12.559 -0.193  1.00 39.37 ? 1589 GLU A CG  1 
ATOM   277 C  CD  . GLU A 1 38  ? -2.537  -12.803 1.280   1.00 43.08 ? 1589 GLU A CD  1 
ATOM   278 O  OE1 . GLU A 1 38  ? -3.744  -12.806 1.618   1.00 45.40 ? 1589 GLU A OE1 1 
ATOM   279 O  OE2 . GLU A 1 38  ? -1.611  -13.011 2.097   1.00 45.86 ? 1589 GLU A OE2 1 
ATOM   280 N  N   . ALA A 1 39  ? -4.438  -10.200 -3.497  1.00 31.34 ? 1590 ALA A N   1 
ATOM   281 C  CA  . ALA A 1 39  ? -5.597  -9.936  -4.346  1.00 31.53 ? 1590 ALA A CA  1 
ATOM   282 C  C   . ALA A 1 39  ? -5.234  -10.047 -5.838  1.00 31.36 ? 1590 ALA A C   1 
ATOM   283 O  O   . ALA A 1 39  ? -5.931  -10.715 -6.606  1.00 32.80 ? 1590 ALA A O   1 
ATOM   284 C  CB  . ALA A 1 39  ? -6.159  -8.562  -4.051  1.00 30.82 ? 1590 ALA A CB  1 
ATOM   285 N  N   . PHE A 1 40  ? -4.146  -9.382  -6.234  1.00 29.45 ? 1591 PHE A N   1 
ATOM   286 C  CA  . PHE A 1 40  ? -3.708  -9.355  -7.629  1.00 27.88 ? 1591 PHE A CA  1 
ATOM   287 C  C   . PHE A 1 40  ? -3.114  -10.682 -8.117  1.00 29.07 ? 1591 PHE A C   1 
ATOM   288 O  O   . PHE A 1 40  ? -3.323  -11.061 -9.282  1.00 29.37 ? 1591 PHE A O   1 
ATOM   289 C  CB  . PHE A 1 40  ? -2.681  -8.244  -7.849  1.00 27.54 ? 1591 PHE A CB  1 
ATOM   290 C  CG  . PHE A 1 40  ? -3.289  -6.908  -8.104  1.00 28.22 ? 1591 PHE A CG  1 
ATOM   291 C  CD1 . PHE A 1 40  ? -3.235  -5.899  -7.143  1.00 27.78 ? 1591 PHE A CD1 1 
ATOM   292 C  CD2 . PHE A 1 40  ? -3.915  -6.645  -9.305  1.00 29.23 ? 1591 PHE A CD2 1 
ATOM   293 C  CE1 . PHE A 1 40  ? -3.810  -4.642  -7.394  1.00 27.12 ? 1591 PHE A CE1 1 
ATOM   294 C  CE2 . PHE A 1 40  ? -4.488  -5.394  -9.561  1.00 30.41 ? 1591 PHE A CE2 1 
ATOM   295 C  CZ  . PHE A 1 40  ? -4.432  -4.400  -8.596  1.00 29.12 ? 1591 PHE A CZ  1 
ATOM   296 N  N   . CYS A 1 41  ? -2.372  -11.376 -7.244  1.00 27.77 ? 1592 CYS A N   1 
ATOM   297 C  CA  . CYS A 1 41  ? -1.621  -12.563 -7.640  1.00 27.97 ? 1592 CYS A CA  1 
ATOM   298 C  C   . CYS A 1 41  ? -2.233  -13.902 -7.191  1.00 30.76 ? 1592 CYS A C   1 
ATOM   299 O  O   . CYS A 1 41  ? -1.558  -14.941 -7.239  1.00 30.86 ? 1592 CYS A O   1 
ATOM   300 C  CB  . CYS A 1 41  ? -0.179  -12.443 -7.142  1.00 26.88 ? 1592 CYS A CB  1 
ATOM   301 S  SG  . CYS A 1 41  ? 0.646   -10.950 -7.755  1.00 27.13 ? 1592 CYS A SG  1 
ATOM   302 N  N   . LYS A 1 42  ? -3.518  -13.883 -6.808  1.00 32.57 ? 1593 LYS A N   1 
ATOM   303 C  CA  . LYS A 1 42  ? -4.243  -15.097 -6.344  1.00 34.26 ? 1593 LYS A CA  1 
ATOM   304 C  C   . LYS A 1 42  ? -4.129  -16.324 -7.283  1.00 35.41 ? 1593 LYS A C   1 
ATOM   305 O  O   . LYS A 1 42  ? -4.024  -17.466 -6.815  1.00 36.56 ? 1593 LYS A O   1 
ATOM   306 C  CB  . LYS A 1 42  ? -5.730  -14.776 -6.102  1.00 36.03 ? 1593 LYS A CB  1 
ATOM   307 C  CG  . LYS A 1 42  ? -6.538  -14.432 -7.370  1.00 37.13 ? 1593 LYS A CG  1 
ATOM   308 N  N   . ASN A 1 43  ? -4.144  -16.090 -8.595  1.00 36.06 ? 1594 ASN A N   1 
ATOM   309 C  CA  . ASN A 1 43  ? -4.119  -17.184 -9.577  1.00 36.35 ? 1594 ASN A CA  1 
ATOM   310 C  C   . ASN A 1 43  ? -2.712  -17.600 -10.030 1.00 34.80 ? 1594 ASN A C   1 
ATOM   311 O  O   . ASN A 1 43  ? -2.567  -18.414 -10.931 1.00 34.59 ? 1594 ASN A O   1 
ATOM   312 C  CB  . ASN A 1 43  ? -4.983  -16.812 -10.776 1.00 39.20 ? 1594 ASN A CB  1 
ATOM   313 C  CG  . ASN A 1 43  ? -6.459  -16.618 -10.394 1.00 42.15 ? 1594 ASN A CG  1 
ATOM   314 O  OD1 . ASN A 1 43  ? -7.060  -17.475 -9.744  1.00 44.05 ? 1594 ASN A OD1 1 
ATOM   315 N  ND2 . ASN A 1 43  ? -7.033  -15.494 -10.793 1.00 43.51 ? 1594 ASN A ND2 1 
ATOM   316 N  N   . VAL A 1 44  ? -1.688  -17.068 -9.370  1.00 33.05 ? 1595 VAL A N   1 
ATOM   317 C  CA  . VAL A 1 44  ? -0.284  -17.350 -9.711  1.00 33.49 ? 1595 VAL A CA  1 
ATOM   318 C  C   . VAL A 1 44  ? 0.415   -18.063 -8.546  1.00 32.43 ? 1595 VAL A C   1 
ATOM   319 O  O   . VAL A 1 44  ? 0.129   -17.754 -7.393  1.00 32.10 ? 1595 VAL A O   1 
ATOM   320 C  CB  . VAL A 1 44  ? 0.448   -16.031 -9.987  1.00 32.54 ? 1595 VAL A CB  1 
ATOM   321 C  CG1 . VAL A 1 44  ? 1.958   -16.243 -10.044 1.00 33.08 ? 1595 VAL A CG1 1 
ATOM   322 C  CG2 . VAL A 1 44  ? -0.083  -15.405 -11.258 1.00 33.66 ? 1595 VAL A CG2 1 
ATOM   323 N  N   . PRO A 1 45  ? 1.351   -19.009 -8.836  1.00 32.96 ? 1596 PRO A N   1 
ATOM   324 C  CA  . PRO A 1 45  ? 2.076   -19.636 -7.715  1.00 33.88 ? 1596 PRO A CA  1 
ATOM   325 C  C   . PRO A 1 45  ? 2.810   -18.613 -6.845  1.00 32.67 ? 1596 PRO A C   1 
ATOM   326 O  O   . PRO A 1 45  ? 3.439   -17.678 -7.374  1.00 31.36 ? 1596 PRO A O   1 
ATOM   327 C  CB  . PRO A 1 45  ? 3.074   -20.591 -8.406  1.00 35.21 ? 1596 PRO A CB  1 
ATOM   328 C  CG  . PRO A 1 45  ? 2.942   -20.338 -9.875  1.00 34.93 ? 1596 PRO A CG  1 
ATOM   329 C  CD  . PRO A 1 45  ? 1.655   -19.659 -10.120 1.00 34.22 ? 1596 PRO A CD  1 
ATOM   330 N  N   . TYR A 1 46  ? 2.728   -18.792 -5.521  1.00 33.19 ? 1597 TYR A N   1 
ATOM   331 C  CA  . TYR A 1 46  ? 3.294   -17.831 -4.567  1.00 32.32 ? 1597 TYR A CA  1 
ATOM   332 C  C   . TYR A 1 46  ? 4.801   -17.648 -4.722  1.00 31.46 ? 1597 TYR A C   1 
ATOM   333 O  O   . TYR A 1 46  ? 5.322   -16.596 -4.420  1.00 31.40 ? 1597 TYR A O   1 
ATOM   334 C  CB  . TYR A 1 46  ? 2.943   -18.215 -3.113  1.00 34.12 ? 1597 TYR A CB  1 
ATOM   335 C  CG  . TYR A 1 46  ? 3.563   -17.293 -2.103  1.00 33.78 ? 1597 TYR A CG  1 
ATOM   336 C  CD1 . TYR A 1 46  ? 2.997   -16.068 -1.820  1.00 32.50 ? 1597 TYR A CD1 1 
ATOM   337 C  CD2 . TYR A 1 46  ? 4.755   -17.639 -1.450  1.00 35.08 ? 1597 TYR A CD2 1 
ATOM   338 C  CE1 . TYR A 1 46  ? 3.582   -15.199 -0.906  1.00 33.19 ? 1597 TYR A CE1 1 
ATOM   339 C  CE2 . TYR A 1 46  ? 5.338   -16.788 -0.529  1.00 35.09 ? 1597 TYR A CE2 1 
ATOM   340 C  CZ  . TYR A 1 46  ? 4.753   -15.577 -0.262  1.00 34.49 ? 1597 TYR A CZ  1 
ATOM   341 O  OH  . TYR A 1 46  ? 5.344   -14.731 0.638   1.00 36.53 ? 1597 TYR A OH  1 
ATOM   342 N  N   . SER A 1 47  ? 5.497   -18.668 -5.216  1.00 33.35 ? 1598 SER A N   1 
ATOM   343 C  CA  . SER A 1 47  ? 6.945   -18.553 -5.456  1.00 33.44 ? 1598 SER A CA  1 
ATOM   344 C  C   . SER A 1 47  ? 7.274   -17.459 -6.490  1.00 32.82 ? 1598 SER A C   1 
ATOM   345 O  O   . SER A 1 47  ? 8.412   -17.000 -6.565  1.00 33.46 ? 1598 SER A O   1 
ATOM   346 C  CB  . SER A 1 47  ? 7.530   -19.895 -5.899  1.00 34.70 ? 1598 SER A CB  1 
ATOM   347 O  OG  . SER A 1 47  ? 6.844   -20.422 -7.040  1.00 35.09 ? 1598 SER A OG  1 
ATOM   348 N  N   . GLN A 1 48  ? 6.273   -17.033 -7.266  1.00 31.87 ? 1599 GLN A N   1 
ATOM   349 C  CA  . GLN A 1 48  ? 6.505   -16.089 -8.354  1.00 31.62 ? 1599 GLN A CA  1 
ATOM   350 C  C   . GLN A 1 48  ? 5.934   -14.699 -8.111  1.00 31.48 ? 1599 GLN A C   1 
ATOM   351 O  O   . GLN A 1 48  ? 6.091   -13.822 -8.949  1.00 32.35 ? 1599 GLN A O   1 
ATOM   352 C  CB  . GLN A 1 48  ? 5.952   -16.669 -9.654  1.00 30.98 ? 1599 GLN A CB  1 
ATOM   353 C  CG  . GLN A 1 48  ? 6.586   -17.991 -10.061 1.00 32.91 ? 1599 GLN A CG  1 
ATOM   354 C  CD  . GLN A 1 48  ? 8.030   -17.868 -10.509 1.00 33.82 ? 1599 GLN A CD  1 
ATOM   355 O  OE1 . GLN A 1 48  ? 8.639   -16.802 -10.426 1.00 33.25 ? 1599 GLN A OE1 1 
ATOM   356 N  NE2 . GLN A 1 48  ? 8.582   -18.970 -11.003 1.00 35.33 ? 1599 GLN A NE2 1 
ATOM   357 N  N   . TRP A 1 49  ? 5.296   -14.482 -6.954  1.00 31.96 ? 1600 TRP A N   1 
ATOM   358 C  CA  . TRP A 1 49  ? 4.736   -13.170 -6.632  1.00 29.48 ? 1600 TRP A CA  1 
ATOM   359 C  C   . TRP A 1 49  ? 5.848   -12.184 -6.353  1.00 29.28 ? 1600 TRP A C   1 
ATOM   360 O  O   . TRP A 1 49  ? 6.857   -12.553 -5.777  1.00 29.33 ? 1600 TRP A O   1 
ATOM   361 C  CB  . TRP A 1 49  ? 3.895   -13.233 -5.376  1.00 29.19 ? 1600 TRP A CB  1 
ATOM   362 C  CG  . TRP A 1 49  ? 2.641   -14.022 -5.463  1.00 28.16 ? 1600 TRP A CG  1 
ATOM   363 C  CD1 . TRP A 1 49  ? 2.267   -14.878 -6.441  1.00 27.98 ? 1600 TRP A CD1 1 
ATOM   364 C  CD2 . TRP A 1 49  ? 1.617   -14.047 -4.485  1.00 29.13 ? 1600 TRP A CD2 1 
ATOM   365 N  NE1 . TRP A 1 49  ? 1.052   -15.432 -6.144  1.00 29.30 ? 1600 TRP A NE1 1 
ATOM   366 C  CE2 . TRP A 1 49  ? 0.627   -14.933 -4.943  1.00 30.24 ? 1600 TRP A CE2 1 
ATOM   367 C  CE3 . TRP A 1 49  ? 1.427   -13.385 -3.252  1.00 29.79 ? 1600 TRP A CE3 1 
ATOM   368 C  CZ2 . TRP A 1 49  ? -0.544  -15.189 -4.216  1.00 31.70 ? 1600 TRP A CZ2 1 
ATOM   369 C  CZ3 . TRP A 1 49  ? 0.270   -13.639 -2.529  1.00 30.93 ? 1600 TRP A CZ3 1 
ATOM   370 C  CH2 . TRP A 1 49  ? -0.702  -14.538 -3.010  1.00 31.72 ? 1600 TRP A CH2 1 
ATOM   371 N  N   . PRO A 1 50  ? 5.647   -10.902 -6.725  1.00 27.94 ? 1601 PRO A N   1 
ATOM   372 C  CA  . PRO A 1 50  ? 6.496   -9.875  -6.179  1.00 28.02 ? 1601 PRO A CA  1 
ATOM   373 C  C   . PRO A 1 50  ? 6.353   -9.846  -4.675  1.00 28.17 ? 1601 PRO A C   1 
ATOM   374 O  O   . PRO A 1 50  ? 5.308   -10.225 -4.160  1.00 28.18 ? 1601 PRO A O   1 
ATOM   375 C  CB  . PRO A 1 50  ? 5.933   -8.583  -6.790  1.00 27.85 ? 1601 PRO A CB  1 
ATOM   376 C  CG  . PRO A 1 50  ? 5.116   -9.003  -7.920  1.00 27.32 ? 1601 PRO A CG  1 
ATOM   377 C  CD  . PRO A 1 50  ? 4.604   -10.344 -7.603  1.00 27.24 ? 1601 PRO A CD  1 
ATOM   378 N  N   . ARG A 1 51  ? 7.405   -9.434  -3.976  1.00 29.74 ? 1602 ARG A N   1 
ATOM   379 C  CA  . ARG A 1 51  ? 7.361   -9.298  -2.511  1.00 30.99 ? 1602 ARG A CA  1 
ATOM   380 C  C   . ARG A 1 51  ? 7.126   -7.863  -2.147  1.00 29.66 ? 1602 ARG A C   1 
ATOM   381 O  O   . ARG A 1 51  ? 7.284   -6.975  -2.983  1.00 28.20 ? 1602 ARG A O   1 
ATOM   382 C  CB  . ARG A 1 51  ? 8.670   -9.790  -1.887  1.00 32.18 ? 1602 ARG A CB  1 
ATOM   383 C  CG  . ARG A 1 51  ? 9.081   -11.196 -2.317  1.00 35.00 ? 1602 ARG A CG  1 
ATOM   384 C  CD  . ARG A 1 51  ? 7.922   -12.175 -2.208  1.00 35.40 ? 1602 ARG A CD  1 
ATOM   385 N  NE  . ARG A 1 51  ? 8.327   -13.537 -2.512  1.00 37.04 ? 1602 ARG A NE  1 
ATOM   386 C  CZ  . ARG A 1 51  ? 7.494   -14.524 -2.850  1.00 37.63 ? 1602 ARG A CZ  1 
ATOM   387 N  NH1 . ARG A 1 51  ? 6.179   -14.316 -2.918  1.00 35.75 ? 1602 ARG A NH1 1 
ATOM   388 N  NH2 . ARG A 1 51  ? 7.980   -15.734 -3.121  1.00 38.74 ? 1602 ARG A NH2 1 
ATOM   389 N  N   . ALA A 1 52  ? 6.762   -7.620  -0.886  1.00 30.76 ? 1603 ALA A N   1 
ATOM   390 C  CA  . ALA A 1 52  ? 6.527   -6.266  -0.409  1.00 30.19 ? 1603 ALA A CA  1 
ATOM   391 C  C   . ALA A 1 52  ? 7.689   -5.341  -0.764  1.00 31.50 ? 1603 ALA A C   1 
ATOM   392 O  O   . ALA A 1 52  ? 7.481   -4.214  -1.190  1.00 32.07 ? 1603 ALA A O   1 
ATOM   393 C  CB  . ALA A 1 52  ? 6.271   -6.268  1.133   1.00 32.69 ? 1603 ALA A CB  1 
ATOM   394 N  N   . GLU A 1 53  ? 8.913   -5.841  -0.633  1.00 32.90 ? 1604 GLU A N   1 
ATOM   395 C  CA  . GLU A 1 53  ? 10.108  -5.051  -0.943  1.00 33.84 ? 1604 GLU A CA  1 
ATOM   396 C  C   . GLU A 1 53  ? 10.329  -4.797  -2.445  1.00 33.78 ? 1604 GLU A C   1 
ATOM   397 O  O   . GLU A 1 53  ? 11.182  -3.989  -2.808  1.00 34.01 ? 1604 GLU A O   1 
ATOM   398 C  CB  . GLU A 1 53  ? 11.347  -5.721  -0.357  1.00 35.40 ? 1604 GLU A CB  1 
ATOM   399 N  N   . ASP A 1 54  ? 9.576   -5.481  -3.310  1.00 30.89 ? 1605 ASP A N   1 
ATOM   400 C  CA  . ASP A 1 54  ? 9.744   -5.322  -4.755  1.00 32.06 ? 1605 ASP A CA  1 
ATOM   401 C  C   . ASP A 1 54  ? 8.834   -4.266  -5.331  1.00 31.54 ? 1605 ASP A C   1 
ATOM   402 O  O   . ASP A 1 54  ? 8.897   -3.989  -6.524  1.00 32.92 ? 1605 ASP A O   1 
ATOM   403 C  CB  . ASP A 1 54  ? 9.479   -6.641  -5.482  1.00 31.47 ? 1605 ASP A CB  1 
ATOM   404 C  CG  . ASP A 1 54  ? 10.503  -7.687  -5.174  1.00 33.42 ? 1605 ASP A CG  1 
ATOM   405 O  OD1 . ASP A 1 54  ? 11.714  -7.377  -5.250  1.00 36.78 ? 1605 ASP A OD1 1 
ATOM   406 O  OD2 . ASP A 1 54  ? 10.106  -8.830  -4.876  1.00 32.57 ? 1605 ASP A OD2 1 
ATOM   407 N  N   . VAL A 1 55  ? 7.974   -3.681  -4.505  1.00 31.47 ? 1606 VAL A N   1 
ATOM   408 C  CA  . VAL A 1 55  ? 6.985   -2.747  -5.006  1.00 30.59 ? 1606 VAL A CA  1 
ATOM   409 C  C   . VAL A 1 55  ? 6.842   -1.512  -4.151  1.00 32.14 ? 1606 VAL A C   1 
ATOM   410 O  O   . VAL A 1 55  ? 7.016   -1.565  -2.921  1.00 31.86 ? 1606 VAL A O   1 
ATOM   411 C  CB  . VAL A 1 55  ? 5.573   -3.415  -5.133  1.00 29.09 ? 1606 VAL A CB  1 
ATOM   412 C  CG1 . VAL A 1 55  ? 5.605   -4.565  -6.130  1.00 26.99 ? 1606 VAL A CG1 1 
ATOM   413 C  CG2 . VAL A 1 55  ? 5.059   -3.879  -3.781  1.00 27.21 ? 1606 VAL A CG2 1 
ATOM   414 N  N   . ASP A 1 56  ? 6.522   -0.396  -4.821  1.00 33.44 ? 1607 ASP A N   1 
ATOM   415 C  CA  . ASP A 1 56  ? 6.039   0.813   -4.158  1.00 34.32 ? 1607 ASP A CA  1 
ATOM   416 C  C   . ASP A 1 56  ? 4.525   0.873   -4.215  1.00 33.41 ? 1607 ASP A C   1 
ATOM   417 O  O   . ASP A 1 56  ? 3.885   0.378   -5.175  1.00 32.30 ? 1607 ASP A O   1 
ATOM   418 C  CB  . ASP A 1 56  ? 6.591   2.073   -4.826  1.00 37.16 ? 1607 ASP A CB  1 
ATOM   419 C  CG  . ASP A 1 56  ? 7.937   2.498   -4.269  1.00 39.24 ? 1607 ASP A CG  1 
ATOM   420 O  OD1 . ASP A 1 56  ? 8.242   2.182   -3.100  1.00 40.13 ? 1607 ASP A OD1 1 
ATOM   421 O  OD2 . ASP A 1 56  ? 8.679   3.179   -5.003  1.00 41.87 ? 1607 ASP A OD2 1 
ATOM   422 N  N   . LEU A 1 57  ? 3.942   1.495   -3.198  1.00 32.23 ? 1608 LEU A N   1 
ATOM   423 C  CA  . LEU A 1 57  ? 2.534   1.815   -3.214  1.00 30.79 ? 1608 LEU A CA  1 
ATOM   424 C  C   . LEU A 1 57  ? 2.421   3.340   -3.140  1.00 30.23 ? 1608 LEU A C   1 
ATOM   425 O  O   . LEU A 1 57  ? 2.970   3.971   -2.232  1.00 31.06 ? 1608 LEU A O   1 
ATOM   426 C  CB  . LEU A 1 57  ? 1.806   1.110   -2.061  1.00 29.30 ? 1608 LEU A CB  1 
ATOM   427 C  CG  . LEU A 1 57  ? 0.287   1.170   -2.048  1.00 30.51 ? 1608 LEU A CG  1 
ATOM   428 C  CD1 . LEU A 1 57  ? -0.311  0.538   -3.298  1.00 30.65 ? 1608 LEU A CD1 1 
ATOM   429 C  CD2 . LEU A 1 57  ? -0.256  0.483   -0.776  1.00 29.72 ? 1608 LEU A CD2 1 
ATOM   430 N  N   . GLU A 1 58  ? 1.754   3.926   -4.118  1.00 29.17 ? 1609 GLU A N   1 
ATOM   431 C  CA  . GLU A 1 58  ? 1.607   5.369   -4.189  1.00 30.21 ? 1609 GLU A CA  1 
ATOM   432 C  C   . GLU A 1 58  ? 0.152   5.728   -4.043  1.00 30.09 ? 1609 GLU A C   1 
ATOM   433 O  O   . GLU A 1 58  ? -0.719  5.049   -4.573  1.00 31.65 ? 1609 GLU A O   1 
ATOM   434 C  CB  . GLU A 1 58  ? 2.161   5.908   -5.512  1.00 31.14 ? 1609 GLU A CB  1 
ATOM   435 N  N   . TRP A 1 59  ? -0.101  6.788   -3.284  1.00 30.25 ? 1610 TRP A N   1 
ATOM   436 C  CA  . TRP A 1 59  ? -1.424  7.316   -3.081  1.00 30.26 ? 1610 TRP A CA  1 
ATOM   437 C  C   . TRP A 1 59  ? -1.472  8.644   -3.774  1.00 33.19 ? 1610 TRP A C   1 
ATOM   438 O  O   . TRP A 1 59  ? -0.651  9.532   -3.496  1.00 32.82 ? 1610 TRP A O   1 
ATOM   439 C  CB  . TRP A 1 59  ? -1.709  7.498   -1.584  1.00 29.67 ? 1610 TRP A CB  1 
ATOM   440 C  CG  . TRP A 1 59  ? -2.959  8.271   -1.297  1.00 30.77 ? 1610 TRP A CG  1 
ATOM   441 C  CD1 . TRP A 1 59  ? -4.158  8.152   -1.926  1.00 31.05 ? 1610 TRP A CD1 1 
ATOM   442 C  CD2 . TRP A 1 59  ? -3.131  9.283   -0.297  1.00 32.12 ? 1610 TRP A CD2 1 
ATOM   443 N  NE1 . TRP A 1 59  ? -5.064  9.027   -1.391  1.00 32.92 ? 1610 TRP A NE1 1 
ATOM   444 C  CE2 . TRP A 1 59  ? -4.461  9.732   -0.386  1.00 32.06 ? 1610 TRP A CE2 1 
ATOM   445 C  CE3 . TRP A 1 59  ? -2.290  9.849   0.661   1.00 31.84 ? 1610 TRP A CE3 1 
ATOM   446 C  CZ2 . TRP A 1 59  ? -4.977  10.735  0.446   1.00 34.11 ? 1610 TRP A CZ2 1 
ATOM   447 C  CZ3 . TRP A 1 59  ? -2.803  10.842  1.496   1.00 33.10 ? 1610 TRP A CZ3 1 
ATOM   448 C  CH2 . TRP A 1 59  ? -4.143  11.268  1.380   1.00 33.44 ? 1610 TRP A CH2 1 
ATOM   449 N  N   . PHE A 1 60  ? -2.430  8.783   -4.677  1.00 35.43 ? 1611 PHE A N   1 
ATOM   450 C  CA  . PHE A 1 60  ? -2.649  10.014  -5.367  1.00 38.86 ? 1611 PHE A CA  1 
ATOM   451 C  C   . PHE A 1 60  ? -3.566  10.889  -4.504  1.00 38.86 ? 1611 PHE A C   1 
ATOM   452 O  O   . PHE A 1 60  ? -4.793  10.853  -4.642  1.00 38.37 ? 1611 PHE A O   1 
ATOM   453 C  CB  . PHE A 1 60  ? -3.265  9.757   -6.764  1.00 42.14 ? 1611 PHE A CB  1 
ATOM   454 C  CG  . PHE A 1 60  ? -2.539  8.696   -7.582  1.00 43.91 ? 1611 PHE A CG  1 
ATOM   455 C  CD1 . PHE A 1 60  ? -1.139  8.558   -7.524  1.00 44.68 ? 1611 PHE A CD1 1 
ATOM   456 C  CD2 . PHE A 1 60  ? -3.259  7.853   -8.440  1.00 45.53 ? 1611 PHE A CD2 1 
ATOM   457 C  CE1 . PHE A 1 60  ? -0.470  7.572   -8.290  1.00 45.22 ? 1611 PHE A CE1 1 
ATOM   458 C  CE2 . PHE A 1 60  ? -2.603  6.872   -9.213  1.00 45.72 ? 1611 PHE A CE2 1 
ATOM   459 C  CZ  . PHE A 1 60  ? -1.202  6.734   -9.135  1.00 45.66 ? 1611 PHE A CZ  1 
ATOM   460 N  N   . ALA A 1 61  ? -2.943  11.670  -3.612  1.00 38.97 ? 1612 ALA A N   1 
ATOM   461 C  CA  . ALA A 1 61  ? -3.652  12.532  -2.675  1.00 40.34 ? 1612 ALA A CA  1 
ATOM   462 C  C   . ALA A 1 61  ? -4.281  13.723  -3.380  1.00 44.19 ? 1612 ALA A C   1 
ATOM   463 O  O   . ALA A 1 61  ? -5.354  14.193  -2.979  1.00 45.80 ? 1612 ALA A O   1 
ATOM   464 C  CB  . ALA A 1 61  ? -2.709  13.022  -1.600  1.00 40.16 ? 1612 ALA A CB  1 
ATOM   465 N  N   . SER A 1 62  ? -3.588  14.229  -4.406  1.00 46.38 ? 1613 SER A N   1 
ATOM   466 C  CA  . SER A 1 62  ? -4.085  15.343  -5.238  1.00 49.31 ? 1613 SER A CA  1 
ATOM   467 C  C   . SER A 1 62  ? -3.829  15.027  -6.705  1.00 50.84 ? 1613 SER A C   1 
ATOM   468 O  O   . SER A 1 62  ? -3.407  13.920  -7.041  1.00 49.43 ? 1613 SER A O   1 
ATOM   469 C  CB  . SER A 1 62  ? -3.389  16.653  -4.853  1.00 50.29 ? 1613 SER A CB  1 
ATOM   470 N  N   . SER A 1 63  ? -4.098  15.995  -7.581  1.00 53.82 ? 1614 SER A N   1 
ATOM   471 C  CA  . SER A 1 63  ? -3.742  15.860  -8.994  1.00 55.72 ? 1614 SER A CA  1 
ATOM   472 C  C   . SER A 1 63  ? -2.219  15.969  -9.164  1.00 55.94 ? 1614 SER A C   1 
ATOM   473 O  O   . SER A 1 63  ? -1.640  15.360  -10.061 1.00 56.43 ? 1614 SER A O   1 
ATOM   474 C  CB  . SER A 1 63  ? -4.442  16.936  -9.827  1.00 59.77 ? 1614 SER A CB  1 
ATOM   475 N  N   . THR A 1 64  ? -1.586  16.749  -8.284  1.00 56.19 ? 1615 THR A N   1 
ATOM   476 C  CA  . THR A 1 64  ? -0.160  17.063  -8.384  1.00 57.10 ? 1615 THR A CA  1 
ATOM   477 C  C   . THR A 1 64  ? 0.686   16.429  -7.269  1.00 54.59 ? 1615 THR A C   1 
ATOM   478 O  O   . THR A 1 64  ? 1.908   16.540  -7.293  1.00 54.63 ? 1615 THR A O   1 
ATOM   479 C  CB  . THR A 1 64  ? 0.057   18.600  -8.347  1.00 59.86 ? 1615 THR A CB  1 
ATOM   480 N  N   . GLN A 1 65  ? 0.034   15.771  -6.303  1.00 52.09 ? 1616 GLN A N   1 
ATOM   481 C  CA  . GLN A 1 65  ? 0.722   15.225  -5.138  1.00 50.85 ? 1616 GLN A CA  1 
ATOM   482 C  C   . GLN A 1 65  ? 0.433   13.736  -4.988  1.00 49.19 ? 1616 GLN A C   1 
ATOM   483 O  O   . GLN A 1 65  ? -0.720  13.328  -4.872  1.00 48.26 ? 1616 GLN A O   1 
ATOM   484 C  CB  . GLN A 1 65  ? 0.287   15.960  -3.868  1.00 50.62 ? 1616 GLN A CB  1 
ATOM   485 N  N   . SER A 1 66  ? 1.486   12.930  -5.006  1.00 48.76 ? 1617 SER A N   1 
ATOM   486 C  CA  . SER A 1 66  ? 1.369   11.523  -4.681  1.00 47.27 ? 1617 SER A CA  1 
ATOM   487 C  C   . SER A 1 66  ? 2.340   11.217  -3.569  1.00 46.15 ? 1617 SER A C   1 
ATOM   488 O  O   . SER A 1 66  ? 3.446   11.762  -3.536  1.00 47.69 ? 1617 SER A O   1 
ATOM   489 C  CB  . SER A 1 66  ? 1.653   10.641  -5.906  1.00 47.87 ? 1617 SER A CB  1 
ATOM   490 O  OG  . SER A 1 66  ? 3.044   10.460  -6.111  1.00 49.67 ? 1617 SER A OG  1 
ATOM   491 N  N   . TYR A 1 67  ? 1.932   10.361  -2.644  1.00 43.78 ? 1618 TYR A N   1 
ATOM   492 C  CA  . TYR A 1 67  ? 2.791   10.001  -1.536  1.00 42.96 ? 1618 TYR A CA  1 
ATOM   493 C  C   . TYR A 1 67  ? 3.064   8.510   -1.599  1.00 40.19 ? 1618 TYR A C   1 
ATOM   494 O  O   . TYR A 1 67  ? 2.143   7.700   -1.743  1.00 38.42 ? 1618 TYR A O   1 
ATOM   495 C  CB  . TYR A 1 67  ? 2.168   10.427  -0.189  1.00 44.36 ? 1618 TYR A CB  1 
ATOM   496 C  CG  . TYR A 1 67  ? 1.572   11.841  -0.206  1.00 47.61 ? 1618 TYR A CG  1 
ATOM   497 C  CD1 . TYR A 1 67  ? 2.240   12.901  -0.835  1.00 50.78 ? 1618 TYR A CD1 1 
ATOM   498 C  CD2 . TYR A 1 67  ? 0.351   12.116  0.405   1.00 48.39 ? 1618 TYR A CD2 1 
ATOM   499 C  CE1 . TYR A 1 67  ? 1.701   14.183  -0.865  1.00 52.87 ? 1618 TYR A CE1 1 
ATOM   500 C  CE2 . TYR A 1 67  ? -0.202  13.416  0.388   1.00 50.47 ? 1618 TYR A CE2 1 
ATOM   501 C  CZ  . TYR A 1 67  ? 0.478   14.438  -0.250  1.00 53.04 ? 1618 TYR A CZ  1 
ATOM   502 O  OH  . TYR A 1 67  ? -0.046  15.720  -0.284  1.00 55.62 ? 1618 TYR A OH  1 
ATOM   503 N  N   . ILE A 1 68  ? 4.342   8.153   -1.546  1.00 38.21 ? 1619 ILE A N   1 
ATOM   504 C  CA  . ILE A 1 68  ? 4.743   6.771   -1.524  1.00 36.53 ? 1619 ILE A CA  1 
ATOM   505 C  C   . ILE A 1 68  ? 4.585   6.303   -0.088  1.00 35.34 ? 1619 ILE A C   1 
ATOM   506 O  O   . ILE A 1 68  ? 5.077   6.939   0.851   1.00 36.51 ? 1619 ILE A O   1 
ATOM   507 C  CB  . ILE A 1 68  ? 6.185   6.587   -2.035  1.00 37.31 ? 1619 ILE A CB  1 
ATOM   508 C  CG1 . ILE A 1 68  ? 6.256   6.933   -3.531  1.00 38.70 ? 1619 ILE A CG1 1 
ATOM   509 C  CG2 . ILE A 1 68  ? 6.656   5.171   -1.823  1.00 36.22 ? 1619 ILE A CG2 1 
ATOM   510 C  CD1 . ILE A 1 68  ? 7.585   7.441   -3.962  1.00 41.71 ? 1619 ILE A CD1 1 
ATOM   511 N  N   . LEU A 1 69  ? 3.867   5.211   0.083   1.00 33.57 ? 1620 LEU A N   1 
ATOM   512 C  CA  . LEU A 1 69  ? 3.473   4.767   1.401   1.00 33.33 ? 1620 LEU A CA  1 
ATOM   513 C  C   . LEU A 1 69  ? 4.379   3.640   1.806   1.00 33.99 ? 1620 LEU A C   1 
ATOM   514 O  O   . LEU A 1 69  ? 4.389   2.576   1.164   1.00 33.55 ? 1620 LEU A O   1 
ATOM   515 C  CB  . LEU A 1 69  ? 2.018   4.314   1.391   1.00 32.27 ? 1620 LEU A CB  1 
ATOM   516 C  CG  . LEU A 1 69  ? 1.030   5.271   0.734   1.00 32.04 ? 1620 LEU A CG  1 
ATOM   517 C  CD1 . LEU A 1 69  ? -0.352  4.630   0.657   1.00 32.51 ? 1620 LEU A CD1 1 
ATOM   518 C  CD2 . LEU A 1 69  ? 0.985   6.540   1.494   1.00 34.04 ? 1620 LEU A CD2 1 
ATOM   519 N  N   . ARG A 1 70  ? 5.169   3.877   2.854   1.00 33.91 ? 1621 ARG A N   1 
ATOM   520 C  CA  . ARG A 1 70  ? 6.084   2.880   3.355   1.00 34.33 ? 1621 ARG A CA  1 
ATOM   521 C  C   . ARG A 1 70  ? 5.903   2.670   4.841   1.00 34.20 ? 1621 ARG A C   1 
ATOM   522 O  O   . ARG A 1 70  ? 5.336   3.502   5.516   1.00 32.61 ? 1621 ARG A O   1 
ATOM   523 C  CB  . ARG A 1 70  ? 7.519   3.313   3.063   1.00 35.05 ? 1621 ARG A CB  1 
ATOM   524 C  CG  . ARG A 1 70  ? 7.915   3.134   1.618   1.00 36.39 ? 1621 ARG A CG  1 
ATOM   525 N  N   . ASP A 1 71  ? 6.400   1.537   5.332   1.00 35.29 ? 1622 ASP A N   1 
ATOM   526 C  CA  . ASP A 1 71  ? 6.446   1.254   6.762   1.00 37.29 ? 1622 ASP A CA  1 
ATOM   527 C  C   . ASP A 1 71  ? 7.221   2.309   7.532   1.00 38.64 ? 1622 ASP A C   1 
ATOM   528 O  O   . ASP A 1 71  ? 6.745   2.833   8.534   1.00 38.98 ? 1622 ASP A O   1 
ATOM   529 C  CB  . ASP A 1 71  ? 7.087   -0.110  7.013   1.00 38.18 ? 1622 ASP A CB  1 
ATOM   530 C  CG  . ASP A 1 71  ? 6.111   -1.238  6.897   1.00 37.93 ? 1622 ASP A CG  1 
ATOM   531 O  OD1 . ASP A 1 71  ? 4.907   -0.981  6.637   1.00 36.79 ? 1622 ASP A OD1 1 
ATOM   532 O  OD2 . ASP A 1 71  ? 6.548   -2.397  7.070   1.00 38.64 ? 1622 ASP A OD2 1 
ATOM   533 N  N   . LEU A 1 72  ? 8.428   2.598   7.074   1.00 39.12 ? 1623 LEU A N   1 
ATOM   534 C  CA  . LEU A 1 72  ? 9.268   3.574   7.726   1.00 41.04 ? 1623 LEU A CA  1 
ATOM   535 C  C   . LEU A 1 72  ? 9.705   4.613   6.724   1.00 40.90 ? 1623 LEU A C   1 
ATOM   536 O  O   . LEU A 1 72  ? 10.173  4.289   5.651   1.00 41.46 ? 1623 LEU A O   1 
ATOM   537 C  CB  . LEU A 1 72  ? 10.491  2.897   8.365   1.00 42.76 ? 1623 LEU A CB  1 
ATOM   538 C  CG  . LEU A 1 72  ? 10.219  2.019   9.601   1.00 43.28 ? 1623 LEU A CG  1 
ATOM   539 C  CD1 . LEU A 1 72  ? 11.469  1.219   9.982   1.00 45.59 ? 1623 LEU A CD1 1 
ATOM   540 C  CD2 . LEU A 1 72  ? 9.736   2.862   10.767  1.00 43.71 ? 1623 LEU A CD2 1 
ATOM   541 N  N   . ASP A 1 73  ? 9.515   5.868   7.083   1.00 42.47 ? 1624 ASP A N   1 
ATOM   542 C  CA  . ASP A 1 73  ? 10.045  6.984   6.316   1.00 43.39 ? 1624 ASP A CA  1 
ATOM   543 C  C   . ASP A 1 73  ? 10.162  8.200   7.224   1.00 45.96 ? 1624 ASP A C   1 
ATOM   544 O  O   . ASP A 1 73  ? 9.996   8.081   8.448   1.00 45.84 ? 1624 ASP A O   1 
ATOM   545 C  CB  . ASP A 1 73  ? 9.194   7.253   5.059   1.00 41.75 ? 1624 ASP A CB  1 
ATOM   546 C  CG  . ASP A 1 73  ? 7.748   7.696   5.373   1.00 40.22 ? 1624 ASP A CG  1 
ATOM   547 O  OD1 . ASP A 1 73  ? 7.493   8.322   6.420   1.00 39.94 ? 1624 ASP A OD1 1 
ATOM   548 O  OD2 . ASP A 1 73  ? 6.871   7.411   4.535   1.00 38.93 ? 1624 ASP A OD2 1 
ATOM   549 N  N   . ASP A 1 74  ? 10.450  9.366   6.638   1.00 48.89 ? 1625 ASP A N   1 
ATOM   550 C  CA  . ASP A 1 74  ? 10.681  10.587  7.415   1.00 51.57 ? 1625 ASP A CA  1 
ATOM   551 C  C   . ASP A 1 74  ? 9.399   11.255  7.976   1.00 50.11 ? 1625 ASP A C   1 
ATOM   552 O  O   . ASP A 1 74  ? 9.482   12.289  8.643   1.00 51.36 ? 1625 ASP A O   1 
ATOM   553 C  CB  . ASP A 1 74  ? 11.495  11.600  6.582   1.00 54.83 ? 1625 ASP A CB  1 
ATOM   554 C  CG  . ASP A 1 74  ? 12.904  11.103  6.270   1.00 57.29 ? 1625 ASP A CG  1 
ATOM   555 O  OD1 . ASP A 1 74  ? 13.137  9.876   6.300   1.00 57.17 ? 1625 ASP A OD1 1 
ATOM   556 O  OD2 . ASP A 1 74  ? 13.782  11.943  5.998   1.00 61.06 ? 1625 ASP A OD2 1 
ATOM   557 N  N   . THR A 1 75  ? 8.228   10.676  7.709   1.00 47.12 ? 1626 THR A N   1 
ATOM   558 C  CA  . THR A 1 75  ? 6.995   11.131  8.366   1.00 46.18 ? 1626 THR A CA  1 
ATOM   559 C  C   . THR A 1 75  ? 6.624   10.225  9.536   1.00 44.61 ? 1626 THR A C   1 
ATOM   560 O  O   . THR A 1 75  ? 5.621   10.463  10.200  1.00 44.04 ? 1626 THR A O   1 
ATOM   561 C  CB  . THR A 1 75  ? 5.791   11.184  7.381   1.00 44.80 ? 1626 THR A CB  1 
ATOM   562 O  OG1 . THR A 1 75  ? 5.336   9.856   7.098   1.00 41.10 ? 1626 THR A OG1 1 
ATOM   563 C  CG2 . THR A 1 75  ? 6.186   11.883  6.090   1.00 45.71 ? 1626 THR A CG2 1 
ATOM   564 N  N   . SER A 1 76  ? 7.432   9.187   9.778   1.00 43.97 ? 1627 SER A N   1 
ATOM   565 C  CA  . SER A 1 76  ? 7.157   8.222   10.834  1.00 44.23 ? 1627 SER A CA  1 
ATOM   566 C  C   . SER A 1 76  ? 7.265   8.859   12.212  1.00 47.18 ? 1627 SER A C   1 
ATOM   567 O  O   . SER A 1 76  ? 8.179   9.651   12.477  1.00 48.96 ? 1627 SER A O   1 
ATOM   568 C  CB  . SER A 1 76  ? 8.134   7.039   10.765  1.00 44.88 ? 1627 SER A CB  1 
ATOM   569 O  OG  . SER A 1 76  ? 8.000   6.317   9.559   1.00 43.16 ? 1627 SER A OG  1 
ATOM   570 N  N   . VAL A 1 77  ? 6.332   8.498   13.090  1.00 46.97 ? 1628 VAL A N   1 
ATOM   571 C  CA  . VAL A 1 77  ? 6.418   8.867   14.494  1.00 48.71 ? 1628 VAL A CA  1 
ATOM   572 C  C   . VAL A 1 77  ? 7.681   8.255   15.125  1.00 50.39 ? 1628 VAL A C   1 
ATOM   573 O  O   . VAL A 1 77  ? 7.985   7.078   14.917  1.00 49.69 ? 1628 VAL A O   1 
ATOM   574 C  CB  . VAL A 1 77  ? 5.177   8.392   15.263  1.00 48.53 ? 1628 VAL A CB  1 
ATOM   575 C  CG1 . VAL A 1 77  ? 5.394   8.507   16.776  1.00 51.79 ? 1628 VAL A CG1 1 
ATOM   576 C  CG2 . VAL A 1 77  ? 3.958   9.191   14.828  1.00 47.48 ? 1628 VAL A CG2 1 
ATOM   577 N  N   . VAL A 1 78  ? 8.420   9.076   15.869  1.00 52.66 ? 1629 VAL A N   1 
ATOM   578 C  CA  . VAL A 1 78  ? 9.567   8.611   16.633  1.00 55.07 ? 1629 VAL A CA  1 
ATOM   579 C  C   . VAL A 1 78  ? 9.179   8.620   18.106  1.00 57.47 ? 1629 VAL A C   1 
ATOM   580 O  O   . VAL A 1 78  ? 8.745   9.652   18.627  1.00 57.46 ? 1629 VAL A O   1 
ATOM   581 C  CB  . VAL A 1 78  ? 10.788  9.505   16.408  1.00 56.82 ? 1629 VAL A CB  1 
ATOM   582 N  N   . GLU A 1 79  ? 9.323   7.470   18.774  1.00 58.50 ? 1630 GLU A N   1 
ATOM   583 C  CA  . GLU A 1 79  ? 8.894   7.332   20.176  1.00 60.63 ? 1630 GLU A CA  1 
ATOM   584 C  C   . GLU A 1 79  ? 9.955   6.640   21.005  1.00 63.65 ? 1630 GLU A C   1 
ATOM   585 O  O   . GLU A 1 79  ? 10.326  5.508   20.710  1.00 63.88 ? 1630 GLU A O   1 
ATOM   586 C  CB  . GLU A 1 79  ? 7.583   6.542   20.253  1.00 59.33 ? 1630 GLU A CB  1 
ATOM   587 N  N   . ASP A 1 80  ? 10.439  7.327   22.047  1.00 66.09 ? 1631 ASP A N   1 
ATOM   588 C  CA  . ASP A 1 80  ? 11.470  6.792   22.945  1.00 70.42 ? 1631 ASP A CA  1 
ATOM   589 C  C   . ASP A 1 80  ? 12.706  6.280   22.175  1.00 71.17 ? 1631 ASP A C   1 
ATOM   590 O  O   . ASP A 1 80  ? 13.238  5.198   22.467  1.00 73.70 ? 1631 ASP A O   1 
ATOM   591 C  CB  . ASP A 1 80  ? 10.888  5.685   23.831  1.00 71.62 ? 1631 ASP A CB  1 
ATOM   592 N  N   . GLY A 1 81  ? 13.140  7.058   21.183  1.00 69.57 ? 1632 GLY A N   1 
ATOM   593 C  CA  . GLY A 1 81  ? 14.359  6.761   20.431  1.00 69.62 ? 1632 GLY A CA  1 
ATOM   594 C  C   . GLY A 1 81  ? 14.212  5.771   19.288  1.00 66.23 ? 1632 GLY A C   1 
ATOM   595 O  O   . GLY A 1 81  ? 15.187  5.471   18.617  1.00 67.17 ? 1632 GLY A O   1 
ATOM   596 N  N   . ARG A 1 82  ? 12.997  5.266   19.065  1.00 62.92 ? 1633 ARG A N   1 
ATOM   597 C  CA  . ARG A 1 82  ? 12.724  4.325   17.980  1.00 59.92 ? 1633 ARG A CA  1 
ATOM   598 C  C   . ARG A 1 82  ? 11.636  4.866   17.085  1.00 56.32 ? 1633 ARG A C   1 
ATOM   599 O  O   . ARG A 1 82  ? 10.670  5.459   17.568  1.00 55.00 ? 1633 ARG A O   1 
ATOM   600 C  CB  . ARG A 1 82  ? 12.243  2.991   18.532  1.00 60.48 ? 1633 ARG A CB  1 
ATOM   601 C  CG  . ARG A 1 82  ? 13.312  2.075   18.978  1.00 63.77 ? 1633 ARG A CG  1 
ATOM   602 C  CD  . ARG A 1 82  ? 12.719  0.758   19.392  1.00 64.15 ? 1633 ARG A CD  1 
ATOM   603 N  NE  . ARG A 1 82  ? 13.734  -0.185  19.840  1.00 67.53 ? 1633 ARG A NE  1 
ATOM   604 C  CZ  . ARG A 1 82  ? 14.347  -0.141  21.023  1.00 71.06 ? 1633 ARG A CZ  1 
ATOM   605 N  NH1 . ARG A 1 82  ? 14.065  0.819   21.908  1.00 73.15 ? 1633 ARG A NH1 1 
ATOM   606 N  NH2 . ARG A 1 82  ? 15.254  -1.060  21.323  1.00 73.58 ? 1633 ARG A NH2 1 
ATOM   607 N  N   . LYS A 1 83  ? 11.776  4.643   15.781  1.00 53.35 ? 1634 LYS A N   1 
ATOM   608 C  CA  . LYS A 1 83  ? 10.688  4.909   14.861  1.00 50.40 ? 1634 LYS A CA  1 
ATOM   609 C  C   . LYS A 1 83  ? 9.619   3.835   15.022  1.00 48.18 ? 1634 LYS A C   1 
ATOM   610 O  O   . LYS A 1 83  ? 9.933   2.647   15.285  1.00 47.89 ? 1634 LYS A O   1 
ATOM   611 C  CB  . LYS A 1 83  ? 11.173  4.947   13.414  1.00 50.45 ? 1634 LYS A CB  1 
ATOM   612 C  CG  . LYS A 1 83  ? 11.991  6.186   13.062  1.00 52.95 ? 1634 LYS A CG  1 
ATOM   613 C  CD  . LYS A 1 83  ? 12.049  6.385   11.547  1.00 52.59 ? 1634 LYS A CD  1 
ATOM   614 C  CE  . LYS A 1 83  ? 12.786  7.660   11.172  1.00 54.71 ? 1634 LYS A CE  1 
ATOM   615 N  NZ  . LYS A 1 83  ? 12.823  7.841   9.698   1.00 54.26 ? 1634 LYS A NZ  1 
ATOM   616 N  N   . LYS A 1 84  ? 8.365   4.266   14.887  1.00 46.03 ? 1635 LYS A N   1 
ATOM   617 C  CA  . LYS A 1 84  ? 7.204   3.389   14.890  1.00 44.93 ? 1635 LYS A CA  1 
ATOM   618 C  C   . LYS A 1 84  ? 6.767   3.157   13.448  1.00 41.59 ? 1635 LYS A C   1 
ATOM   619 O  O   . LYS A 1 84  ? 6.837   4.062   12.625  1.00 39.30 ? 1635 LYS A O   1 
ATOM   620 C  CB  . LYS A 1 84  ? 6.057   4.032   15.693  1.00 44.85 ? 1635 LYS A CB  1 
ATOM   621 N  N   . LEU A 1 85  ? 6.323   1.942   13.148  1.00 41.44 ? 1636 LEU A N   1 
ATOM   622 C  CA  . LEU A 1 85  ? 5.895   1.596   11.796  1.00 40.17 ? 1636 LEU A CA  1 
ATOM   623 C  C   . LEU A 1 85  ? 4.689   2.429   11.365  1.00 38.48 ? 1636 LEU A C   1 
ATOM   624 O  O   . LEU A 1 85  ? 3.764   2.622   12.141  1.00 40.09 ? 1636 LEU A O   1 
ATOM   625 C  CB  . LEU A 1 85  ? 5.553   0.093   11.697  1.00 40.54 ? 1636 LEU A CB  1 
ATOM   626 C  CG  . LEU A 1 85  ? 6.708   -0.900  11.633  1.00 42.12 ? 1636 LEU A CG  1 
ATOM   627 C  CD1 . LEU A 1 85  ? 6.177   -2.276  11.335  1.00 42.52 ? 1636 LEU A CD1 1 
ATOM   628 C  CD2 . LEU A 1 85  ? 7.722   -0.504  10.588  1.00 41.29 ? 1636 LEU A CD2 1 
ATOM   629 N  N   . ASN A 1 86  ? 4.727   2.935   10.132  1.00 36.48 ? 1637 ASN A N   1 
ATOM   630 C  CA  . ASN A 1 86  ? 3.599   3.629   9.542   1.00 34.97 ? 1637 ASN A CA  1 
ATOM   631 C  C   . ASN A 1 86  ? 2.467   2.651   9.246   1.00 33.84 ? 1637 ASN A C   1 
ATOM   632 O  O   . ASN A 1 86  ? 2.687   1.536   8.762   1.00 31.83 ? 1637 ASN A O   1 
ATOM   633 C  CB  . ASN A 1 86  ? 3.982   4.325   8.225   1.00 33.95 ? 1637 ASN A CB  1 
ATOM   634 C  CG  . ASN A 1 86  ? 4.943   5.489   8.413   1.00 35.47 ? 1637 ASN A CG  1 
ATOM   635 O  OD1 . ASN A 1 86  ? 5.166   5.977   9.533   1.00 36.29 ? 1637 ASN A OD1 1 
ATOM   636 N  ND2 . ASN A 1 86  ? 5.500   5.963   7.307   1.00 34.66 ? 1637 ASN A ND2 1 
ATOM   637 N  N   . THR A 1 87  ? 1.257   3.082   9.546   1.00 33.54 ? 1638 THR A N   1 
ATOM   638 C  CA  . THR A 1 87  ? 0.081   2.325   9.239   1.00 32.19 ? 1638 THR A CA  1 
ATOM   639 C  C   . THR A 1 87  ? -0.682  3.051   8.171   1.00 31.16 ? 1638 THR A C   1 
ATOM   640 O  O   . THR A 1 87  ? -0.344  4.177   7.803   1.00 31.85 ? 1638 THR A O   1 
ATOM   641 C  CB  . THR A 1 87  ? -0.802  2.203   10.464  1.00 33.57 ? 1638 THR A CB  1 
ATOM   642 O  OG1 . THR A 1 87  ? -1.179  3.515   10.902  1.00 32.96 ? 1638 THR A OG1 1 
ATOM   643 C  CG2 . THR A 1 87  ? -0.063  1.503   11.562  1.00 35.00 ? 1638 THR A CG2 1 
ATOM   644 N  N   . LEU A 1 88  ? -1.726  2.415   7.677   1.00 30.36 ? 1639 LEU A N   1 
ATOM   645 C  CA  . LEU A 1 88  ? -2.631  3.040   6.734   1.00 30.64 ? 1639 LEU A CA  1 
ATOM   646 C  C   . LEU A 1 88  ? -3.250  4.322   7.340   1.00 32.06 ? 1639 LEU A C   1 
ATOM   647 O  O   . LEU A 1 88  ? -3.347  5.347   6.667   1.00 33.87 ? 1639 LEU A O   1 
ATOM   648 C  CB  . LEU A 1 88  ? -3.714  2.030   6.339   1.00 31.16 ? 1639 LEU A CB  1 
ATOM   649 C  CG  . LEU A 1 88  ? -4.565  2.274   5.110   1.00 31.47 ? 1639 LEU A CG  1 
ATOM   650 C  CD1 . LEU A 1 88  ? -3.728  2.394   3.861   1.00 29.87 ? 1639 LEU A CD1 1 
ATOM   651 C  CD2 . LEU A 1 88  ? -5.557  1.116   4.996   1.00 32.38 ? 1639 LEU A CD2 1 
ATOM   652 N  N   . ALA A 1 89  ? -3.632  4.251   8.621   1.00 31.84 ? 1640 ALA A N   1 
ATOM   653 C  CA  . ALA A 1 89  ? -4.211  5.388   9.349   1.00 33.49 ? 1640 ALA A CA  1 
ATOM   654 C  C   . ALA A 1 89  ? -3.242  6.549   9.554   1.00 32.43 ? 1640 ALA A C   1 
ATOM   655 O  O   . ALA A 1 89  ? -3.666  7.686   9.645   1.00 32.25 ? 1640 ALA A O   1 
ATOM   656 C  CB  . ALA A 1 89  ? -4.759  4.922   10.712  1.00 35.04 ? 1640 ALA A CB  1 
ATOM   657 N  N   . HIS A 1 90  ? -1.949  6.245   9.657   1.00 32.52 ? 1641 HIS A N   1 
ATOM   658 C  CA  . HIS A 1 90  ? -0.894  7.272   9.772   1.00 33.04 ? 1641 HIS A CA  1 
ATOM   659 C  C   . HIS A 1 90  ? -0.931  8.290   8.626   1.00 32.36 ? 1641 HIS A C   1 
ATOM   660 O  O   . HIS A 1 90  ? -0.800  9.485   8.846   1.00 33.85 ? 1641 HIS A O   1 
ATOM   661 C  CB  . HIS A 1 90  ? 0.476   6.600   9.817   1.00 34.15 ? 1641 HIS A CB  1 
ATOM   662 C  CG  . HIS A 1 90  ? 1.623   7.560   9.832   1.00 36.07 ? 1641 HIS A CG  1 
ATOM   663 N  ND1 . HIS A 1 90  ? 2.011   8.236   10.967  1.00 38.12 ? 1641 HIS A ND1 1 
ATOM   664 C  CD2 . HIS A 1 90  ? 2.469   7.953   8.851   1.00 36.81 ? 1641 HIS A CD2 1 
ATOM   665 C  CE1 . HIS A 1 90  ? 3.042   9.006   10.685  1.00 38.99 ? 1641 HIS A CE1 1 
ATOM   666 N  NE2 . HIS A 1 90  ? 3.337   8.856   9.407   1.00 38.30 ? 1641 HIS A NE2 1 
ATOM   667 N  N   . TYR A 1 91  ? -1.096  7.806   7.408   1.00 31.18 ? 1642 TYR A N   1 
ATOM   668 C  CA  . TYR A 1 91  ? -1.186  8.682   6.227   1.00 32.23 ? 1642 TYR A CA  1 
ATOM   669 C  C   . TYR A 1 91  ? -2.586  9.294   6.042   1.00 33.25 ? 1642 TYR A C   1 
ATOM   670 O  O   . TYR A 1 91  ? -2.798  10.081  5.125   1.00 34.99 ? 1642 TYR A O   1 
ATOM   671 C  CB  . TYR A 1 91  ? -0.801  7.907   4.964   1.00 30.81 ? 1642 TYR A CB  1 
ATOM   672 C  CG  . TYR A 1 91  ? 0.654   7.506   4.904   1.00 30.25 ? 1642 TYR A CG  1 
ATOM   673 C  CD1 . TYR A 1 91  ? 1.636   8.428   4.537   1.00 31.96 ? 1642 TYR A CD1 1 
ATOM   674 C  CD2 . TYR A 1 91  ? 1.058   6.213   5.204   1.00 29.80 ? 1642 TYR A CD2 1 
ATOM   675 C  CE1 . TYR A 1 91  ? 3.000   8.067   4.476   1.00 31.71 ? 1642 TYR A CE1 1 
ATOM   676 C  CE2 . TYR A 1 91  ? 2.441   5.843   5.139   1.00 30.77 ? 1642 TYR A CE2 1 
ATOM   677 C  CZ  . TYR A 1 91  ? 3.385   6.781   4.773   1.00 30.64 ? 1642 TYR A CZ  1 
ATOM   678 O  OH  . TYR A 1 91  ? 4.722   6.418   4.712   1.00 33.29 ? 1642 TYR A OH  1 
ATOM   679 N  N   . LYS A 1 92  ? -3.527  8.927   6.922   1.00 34.67 ? 1643 LYS A N   1 
ATOM   680 C  CA  . LYS A 1 92  ? -4.948  9.330   6.832   1.00 35.62 ? 1643 LYS A CA  1 
ATOM   681 C  C   . LYS A 1 92  ? -5.559  9.048   5.451   1.00 35.52 ? 1643 LYS A C   1 
ATOM   682 O  O   . LYS A 1 92  ? -6.217  9.918   4.839   1.00 36.90 ? 1643 LYS A O   1 
ATOM   683 C  CB  . LYS A 1 92  ? -5.149  10.799  7.269   1.00 37.08 ? 1643 LYS A CB  1 
ATOM   684 C  CG  . LYS A 1 92  ? -4.790  11.046  8.749   1.00 38.21 ? 1643 LYS A CG  1 
ATOM   685 C  CD  . LYS A 1 92  ? -5.829  11.876  9.485   1.00 39.24 ? 1643 LYS A CD  1 
ATOM   686 N  N   . ILE A 1 93  ? -5.351  7.814   4.979   1.00 34.24 ? 1644 ILE A N   1 
ATOM   687 C  CA  . ILE A 1 93  ? -5.888  7.370   3.694   1.00 34.15 ? 1644 ILE A CA  1 
ATOM   688 C  C   . ILE A 1 93  ? -7.421  7.248   3.774   1.00 35.08 ? 1644 ILE A C   1 
ATOM   689 O  O   . ILE A 1 93  ? -7.947  6.508   4.610   1.00 35.30 ? 1644 ILE A O   1 
ATOM   690 C  CB  . ILE A 1 93  ? -5.304  6.000   3.250   1.00 32.89 ? 1644 ILE A CB  1 
ATOM   691 C  CG1 . ILE A 1 93  ? -3.758  6.035   3.218   1.00 31.90 ? 1644 ILE A CG1 1 
ATOM   692 C  CG2 . ILE A 1 93  ? -5.884  5.597   1.895   1.00 33.17 ? 1644 ILE A CG2 1 
ATOM   693 C  CD1 . ILE A 1 93  ? -3.182  7.098   2.371   1.00 31.75 ? 1644 ILE A CD1 1 
ATOM   694 N  N   . PRO A 1 94  ? -8.142  7.969   2.898   1.00 35.95 ? 1645 PRO A N   1 
ATOM   695 C  CA  . PRO A 1 94  ? -9.589  7.909   2.950   1.00 37.98 ? 1645 PRO A CA  1 
ATOM   696 C  C   . PRO A 1 94  ? -10.170 6.631   2.343   1.00 38.67 ? 1645 PRO A C   1 
ATOM   697 O  O   . PRO A 1 94  ? -9.475  5.891   1.634   1.00 36.31 ? 1645 PRO A O   1 
ATOM   698 C  CB  . PRO A 1 94  ? -10.019 9.130   2.138   1.00 39.35 ? 1645 PRO A CB  1 
ATOM   699 C  CG  . PRO A 1 94  ? -8.891  9.387   1.210   1.00 38.50 ? 1645 PRO A CG  1 
ATOM   700 C  CD  . PRO A 1 94  ? -7.656  8.887   1.848   1.00 36.25 ? 1645 PRO A CD  1 
ATOM   701 N  N   . GLU A 1 95  ? -11.441 6.389   2.641   1.00 40.84 ? 1646 GLU A N   1 
ATOM   702 C  CA  . GLU A 1 95  ? -12.188 5.300   2.052   1.00 42.88 ? 1646 GLU A CA  1 
ATOM   703 C  C   . GLU A 1 95  ? -12.325 5.549   0.535   1.00 42.89 ? 1646 GLU A C   1 
ATOM   704 O  O   . GLU A 1 95  ? -12.529 6.688   0.098   1.00 43.40 ? 1646 GLU A O   1 
ATOM   705 C  CB  . GLU A 1 95  ? -13.570 5.204   2.726   1.00 46.18 ? 1646 GLU A CB  1 
ATOM   706 C  CG  . GLU A 1 95  ? -14.497 4.109   2.203   1.00 49.51 ? 1646 GLU A CG  1 
ATOM   707 C  CD  . GLU A 1 95  ? -14.066 2.704   2.595   1.00 49.52 ? 1646 GLU A CD  1 
ATOM   708 O  OE1 . GLU A 1 95  ? -12.967 2.538   3.142   1.00 49.44 ? 1646 GLU A OE1 1 
ATOM   709 O  OE2 . GLU A 1 95  ? -14.836 1.754   2.342   1.00 52.73 ? 1646 GLU A OE2 1 
ATOM   710 N  N   . GLY A 1 96  ? -12.179 4.484   -0.256  1.00 42.47 ? 1647 GLY A N   1 
ATOM   711 C  CA  . GLY A 1 96  ? -12.265 4.584   -1.713  1.00 42.69 ? 1647 GLY A CA  1 
ATOM   712 C  C   . GLY A 1 96  ? -11.083 5.305   -2.345  1.00 41.54 ? 1647 GLY A C   1 
ATOM   713 O  O   . GLY A 1 96  ? -11.158 5.750   -3.497  1.00 43.20 ? 1647 GLY A O   1 
ATOM   714 N  N   . ALA A 1 97  ? -9.989  5.411   -1.603  1.00 38.29 ? 1648 ALA A N   1 
ATOM   715 C  CA  . ALA A 1 97  ? -8.794  6.062   -2.099  1.00 37.55 ? 1648 ALA A CA  1 
ATOM   716 C  C   . ALA A 1 97  ? -8.260  5.302   -3.307  1.00 36.55 ? 1648 ALA A C   1 
ATOM   717 O  O   . ALA A 1 97  ? -8.319  4.080   -3.343  1.00 35.11 ? 1648 ALA A O   1 
ATOM   718 C  CB  . ALA A 1 97  ? -7.744  6.122   -1.019  1.00 34.00 ? 1648 ALA A CB  1 
ATOM   719 N  N   . SER A 1 98  ? -7.754  6.047   -4.291  1.00 38.06 ? 1649 SER A N   1 
ATOM   720 C  CA  . SER A 1 98  ? -7.077  5.472   -5.445  1.00 38.53 ? 1649 SER A CA  1 
ATOM   721 C  C   . SER A 1 98  ? -5.597  5.313   -5.142  1.00 35.67 ? 1649 SER A C   1 
ATOM   722 O  O   . SER A 1 98  ? -4.890  6.307   -4.882  1.00 36.42 ? 1649 SER A O   1 
ATOM   723 C  CB  . SER A 1 98  ? -7.245  6.362   -6.671  1.00 41.06 ? 1649 SER A CB  1 
ATOM   724 O  OG  . SER A 1 98  ? -8.604  6.497   -7.014  1.00 44.11 ? 1649 SER A OG  1 
ATOM   725 N  N   . LEU A 1 99  ? -5.127  4.074   -5.167  1.00 34.37 ? 1650 LEU A N   1 
ATOM   726 C  CA  . LEU A 1 99  ? -3.706  3.776   -4.967  1.00 32.11 ? 1650 LEU A CA  1 
ATOM   727 C  C   . LEU A 1 99  ? -3.143  3.116   -6.217  1.00 31.04 ? 1650 LEU A C   1 
ATOM   728 O  O   . LEU A 1 99  ? -3.873  2.456   -6.942  1.00 31.16 ? 1650 LEU A O   1 
ATOM   729 C  CB  . LEU A 1 99  ? -3.508  2.829   -3.791  1.00 32.18 ? 1650 LEU A CB  1 
ATOM   730 C  CG  . LEU A 1 99  ? -3.985  3.211   -2.386  1.00 33.40 ? 1650 LEU A CG  1 
ATOM   731 C  CD1 . LEU A 1 99  ? -3.578  2.086   -1.431  1.00 33.57 ? 1650 LEU A CD1 1 
ATOM   732 C  CD2 . LEU A 1 99  ? -3.409  4.513   -1.929  1.00 33.51 ? 1650 LEU A CD2 1 
ATOM   733 N  N   . ALA A 1 100 ? -1.845  3.288   -6.461  1.00 29.82 ? 1651 ALA A N   1 
ATOM   734 C  CA  . ALA A 1 100 ? -1.160  2.563   -7.540  1.00 30.89 ? 1651 ALA A CA  1 
ATOM   735 C  C   . ALA A 1 100 ? 0.007   1.785   -6.980  1.00 30.06 ? 1651 ALA A C   1 
ATOM   736 O  O   . ALA A 1 100 ? 0.797   2.310   -6.166  1.00 28.15 ? 1651 ALA A O   1 
ATOM   737 C  CB  . ALA A 1 100 ? -0.688  3.517   -8.615  1.00 32.59 ? 1651 ALA A CB  1 
HETATM 738 N  N   . MSE A 1 101 ? 0.112   0.522   -7.385  1.00 30.31 ? 1652 MSE A N   1 
HETATM 739 C  CA  . MSE A 1 101 ? 1.236   -0.299  -7.025  1.00 29.36 ? 1652 MSE A CA  1 
HETATM 740 C  C   . MSE A 1 101 ? 2.177   -0.433  -8.226  1.00 30.05 ? 1652 MSE A C   1 
HETATM 741 O  O   . MSE A 1 101 ? 1.725   -0.590  -9.351  1.00 29.82 ? 1652 MSE A O   1 
HETATM 742 C  CB  . MSE A 1 101 ? 0.760   -1.672  -6.554  1.00 31.71 ? 1652 MSE A CB  1 
HETATM 743 C  CG  . MSE A 1 101 ? 1.865   -2.656  -6.347  1.00 32.77 ? 1652 MSE A CG  1 
HETATM 744 SE SE  . MSE A 1 101 ? 1.358   -4.246  -5.344  1.00 37.30 ? 1652 MSE A SE  1 
HETATM 745 C  CE  . MSE A 1 101 ? 1.162   -3.392  -3.607  1.00 30.78 ? 1652 MSE A CE  1 
ATOM   746 N  N   . SER A 1 102 ? 3.487   -0.402  -7.955  1.00 29.46 ? 1653 SER A N   1 
ATOM   747 C  CA  . SER A 1 102 ? 4.525   -0.389  -8.981  1.00 30.01 ? 1653 SER A CA  1 
ATOM   748 C  C   . SER A 1 102 ? 5.677   -1.287  -8.631  1.00 29.31 ? 1653 SER A C   1 
ATOM   749 O  O   . SER A 1 102 ? 6.114   -1.295  -7.497  1.00 27.49 ? 1653 SER A O   1 
ATOM   750 C  CB  . SER A 1 102 ? 5.074   1.017   -9.106  1.00 31.78 ? 1653 SER A CB  1 
ATOM   751 O  OG  . SER A 1 102 ? 4.378   1.707   -10.076 1.00 34.66 ? 1653 SER A OG  1 
ATOM   752 N  N   . LEU A 1 103 ? 6.186   -2.031  -9.610  1.00 30.10 ? 1654 LEU A N   1 
ATOM   753 C  CA  . LEU A 1 103 ? 7.388   -2.835  -9.414  1.00 30.83 ? 1654 LEU A CA  1 
ATOM   754 C  C   . LEU A 1 103 ? 8.560   -1.887  -9.489  1.00 32.91 ? 1654 LEU A C   1 
ATOM   755 O  O   . LEU A 1 103 ? 8.573   -0.974  -10.326 1.00 33.14 ? 1654 LEU A O   1 
ATOM   756 C  CB  . LEU A 1 103 ? 7.503   -3.943  -10.485 1.00 31.72 ? 1654 LEU A CB  1 
ATOM   757 C  CG  . LEU A 1 103 ? 6.608   -5.175  -10.241 1.00 30.12 ? 1654 LEU A CG  1 
ATOM   758 C  CD1 . LEU A 1 103 ? 6.299   -5.917  -11.528 1.00 32.17 ? 1654 LEU A CD1 1 
ATOM   759 C  CD2 . LEU A 1 103 ? 7.249   -6.104  -9.224  1.00 30.38 ? 1654 LEU A CD2 1 
ATOM   760 N  N   . ILE A 1 104 ? 9.539   -2.080  -8.616  1.00 33.68 ? 1655 ILE A N   1 
ATOM   761 C  CA  . ILE A 1 104 ? 10.684  -1.164  -8.546  1.00 36.79 ? 1655 ILE A CA  1 
ATOM   762 C  C   . ILE A 1 104 ? 12.012  -1.899  -8.704  1.00 38.47 ? 1655 ILE A C   1 
ATOM   763 O  O   . ILE A 1 104 ? 12.084  -3.114  -8.545  1.00 38.24 ? 1655 ILE A O   1 
ATOM   764 C  CB  . ILE A 1 104 ? 10.648  -0.327  -7.237  1.00 36.33 ? 1655 ILE A CB  1 
ATOM   765 C  CG1 . ILE A 1 104 ? 10.818  -1.210  -6.000  1.00 36.08 ? 1655 ILE A CG1 1 
ATOM   766 C  CG2 . ILE A 1 104 ? 9.333   0.457   -7.147  1.00 36.44 ? 1655 ILE A CG2 1 
ATOM   767 C  CD1 . ILE A 1 104 ? 12.252  -1.351  -5.553  1.00 37.83 ? 1655 ILE A CD1 1 
ATOM   768 N  N   . ASP A 1 105 ? 13.059  -1.141  -9.003  1.00 42.30 ? 1656 ASP A N   1 
ATOM   769 C  CA  . ASP A 1 105 ? 14.369  -1.709  -9.323  1.00 46.63 ? 1656 ASP A CA  1 
ATOM   770 C  C   . ASP A 1 105 ? 15.088  -2.245  -8.077  1.00 47.57 ? 1656 ASP A C   1 
ATOM   771 O  O   . ASP A 1 105 ? 14.972  -1.672  -6.985  1.00 49.60 ? 1656 ASP A O   1 
ATOM   772 C  CB  . ASP A 1 105 ? 15.234  -0.647  -10.012 1.00 50.41 ? 1656 ASP A CB  1 
ATOM   773 C  CG  . ASP A 1 105 ? 16.361  -1.237  -10.832 1.00 53.33 ? 1656 ASP A CG  1 
ATOM   774 O  OD1 . ASP A 1 105 ? 16.462  -2.480  -10.940 1.00 53.59 ? 1656 ASP A OD1 1 
ATOM   775 O  OD2 . ASP A 1 105 ? 17.153  -0.447  -11.380 1.00 56.71 ? 1656 ASP A OD2 1 
HETATM 776 AS AS  . ARS B 2 .   ? 0.681   -11.467 -9.973  1.00 37.95 ? 1    ARS A AS  1 
HETATM 777 AS AS  . ARS C 2 .   ? 2.407   -5.846  -13.990 1.00 67.09 ? 2    ARS A AS  1 
HETATM 778 X  UNK . UNX D 3 .   ? 6.905   -0.713  -12.709 0.01 2.00  ? 1679 UNX A UNK 1 
HETATM 779 O  O   . HOH E 4 .   ? 1.922   4.529   12.665  1.00 48.90 ? 3    HOH A O   1 
HETATM 780 O  O   . HOH E 4 .   ? 4.972   6.095   12.178  1.00 41.06 ? 4    HOH A O   1 
HETATM 781 O  O   . HOH E 4 .   ? 0.744   8.310   13.243  1.00 45.70 ? 5    HOH A O   1 
HETATM 782 O  O   . HOH E 4 .   ? 5.620   1.580   -0.973  1.00 27.81 ? 6    HOH A O   1 
HETATM 783 O  O   . HOH E 4 .   ? -3.524  -13.426 -10.132 1.00 29.84 ? 7    HOH A O   1 
HETATM 784 O  O   . HOH E 4 .   ? 8.930   -14.403 -6.298  1.00 42.62 ? 8    HOH A O   1 
HETATM 785 O  O   . HOH E 4 .   ? 6.086   -10.027 0.654   1.00 34.19 ? 9    HOH A O   1 
HETATM 786 O  O   . HOH E 4 .   ? 16.221  4.384   16.241  1.00 52.27 ? 10   HOH A O   1 
HETATM 787 O  O   . HOH E 4 .   ? -7.681  9.186   -4.315  1.00 38.94 ? 11   HOH A O   1 
HETATM 788 O  O   . HOH E 4 .   ? -12.068 -3.185  -11.495 1.00 46.16 ? 1680 HOH A O   1 
HETATM 789 O  O   . HOH E 4 .   ? -6.387  -9.500  -0.069  1.00 35.53 ? 1681 HOH A O   1 
# 
loop_
_atom_site_anisotrop.id 
_atom_site_anisotrop.type_symbol 
_atom_site_anisotrop.pdbx_label_atom_id 
_atom_site_anisotrop.pdbx_label_alt_id 
_atom_site_anisotrop.pdbx_label_comp_id 
_atom_site_anisotrop.pdbx_label_asym_id 
_atom_site_anisotrop.pdbx_label_seq_id 
_atom_site_anisotrop.pdbx_PDB_ins_code 
_atom_site_anisotrop.U[1][1] 
_atom_site_anisotrop.U[2][2] 
_atom_site_anisotrop.U[3][3] 
_atom_site_anisotrop.U[1][2] 
_atom_site_anisotrop.U[1][3] 
_atom_site_anisotrop.U[2][3] 
_atom_site_anisotrop.pdbx_auth_seq_id 
_atom_site_anisotrop.pdbx_auth_comp_id 
_atom_site_anisotrop.pdbx_auth_asym_id 
_atom_site_anisotrop.pdbx_auth_atom_id 
1   N  N   . ALA A 2   ? 0.5623 0.5552 0.5603 -0.0112 0.2478  -0.0966 1553 ALA A N   
2   C  CA  . ALA A 2   ? 0.5692 0.5514 0.5525 -0.0168 0.2322  -0.0792 1553 ALA A CA  
3   C  C   . ALA A 2   ? 0.5608 0.5641 0.5832 -0.0359 0.2517  -0.0827 1553 ALA A C   
4   O  O   . ALA A 2   ? 0.6027 0.5906 0.6097 -0.0508 0.2889  -0.0891 1553 ALA A O   
5   C  CB  . ALA A 2   ? 0.6260 0.5522 0.5245 -0.0135 0.2347  -0.0668 1553 ALA A CB  
6   N  N   . LYS A 3   ? 0.5097 0.5456 0.5806 -0.0358 0.2278  -0.0801 1554 LYS A N   
7   C  CA  . LYS A 3   ? 0.4944 0.5573 0.6128 -0.0518 0.2392  -0.0878 1554 LYS A CA  
8   C  C   . LYS A 3   ? 0.4662 0.5295 0.5843 -0.0519 0.2130  -0.0738 1554 LYS A C   
9   O  O   . LYS A 3   ? 0.4527 0.5010 0.5418 -0.0397 0.1875  -0.0594 1554 LYS A O   
10  C  CB  . LYS A 3   ? 0.4731 0.5886 0.6703 -0.0479 0.2356  -0.1092 1554 LYS A CB  
11  N  N   . PRO A 4   ? 0.4618 0.5427 0.6139 -0.0665 0.2210  -0.0802 1555 PRO A N   
12  C  CA  . PRO A 4   ? 0.4421 0.5299 0.6021 -0.0649 0.1946  -0.0708 1555 PRO A CA  
13  C  C   . PRO A 4   ? 0.4097 0.5315 0.6115 -0.0480 0.1608  -0.0736 1555 PRO A C   
14  O  O   . PRO A 4   ? 0.4072 0.5581 0.6530 -0.0415 0.1600  -0.0892 1555 PRO A O   
15  C  CB  . PRO A 4   ? 0.4481 0.5495 0.6426 -0.0854 0.2144  -0.0835 1555 PRO A CB  
16  C  CG  . PRO A 4   ? 0.4968 0.5804 0.6779 -0.1011 0.2572  -0.0923 1555 PRO A CG  
17  C  CD  . PRO A 4   ? 0.4927 0.5796 0.6684 -0.0878 0.2594  -0.0962 1555 PRO A CD  
18  N  N   . ARG A 5   ? 0.3775 0.4912 0.5613 -0.0402 0.1345  -0.0587 1556 ARG A N   
19  C  CA  . ARG A 5   ? 0.3582 0.4924 0.5687 -0.0250 0.1040  -0.0581 1556 ARG A CA  
20  C  C   . ARG A 5   ? 0.3345 0.4762 0.5534 -0.0274 0.0888  -0.0560 1556 ARG A C   
21  O  O   . ARG A 5   ? 0.3472 0.4667 0.5304 -0.0327 0.0886  -0.0432 1556 ARG A O   
22  C  CB  . ARG A 5   ? 0.3618 0.4750 0.5382 -0.0122 0.0882  -0.0424 1556 ARG A CB  
23  C  CG  . ARG A 5   ? 0.3880 0.4917 0.5532 -0.0074 0.0978  -0.0453 1556 ARG A CG  
24  C  CD  . ARG A 5   ? 0.3904 0.5179 0.5981 0.0024  0.0936  -0.0596 1556 ARG A CD  
25  N  NE  . ARG A 5   ? 0.4205 0.5407 0.6195 0.0036  0.1105  -0.0671 1556 ARG A NE  
26  C  CZ  . ARG A 5   ? 0.4399 0.5754 0.6691 0.0136  0.1095  -0.0804 1556 ARG A CZ  
27  N  NH1 . ARG A 5   ? 0.4298 0.5875 0.6999 0.0251  0.0900  -0.0876 1556 ARG A NH1 
28  N  NH2 . ARG A 5   ? 0.4707 0.5959 0.6848 0.0143  0.1267  -0.0876 1556 ARG A NH2 
29  N  N   . ASN A 6   ? 0.3276 0.5004 0.5937 -0.0217 0.0741  -0.0706 1557 ASN A N   
30  C  CA  . ASN A 6   ? 0.3240 0.5036 0.5964 -0.0194 0.0536  -0.0707 1557 ASN A CA  
31  C  C   . ASN A 6   ? 0.3187 0.4852 0.5669 -0.0004 0.0260  -0.0564 1557 ASN A C   
32  O  O   . ASN A 6   ? 0.3380 0.5124 0.6024 0.0152  0.0113  -0.0611 1557 ASN A O   
33  C  CB  . ASN A 6   ? 0.3217 0.5400 0.6562 -0.0204 0.0483  -0.0973 1557 ASN A CB  
34  C  CG  . ASN A 6   ? 0.3322 0.5609 0.6929 -0.0443 0.0810  -0.1125 1557 ASN A CG  
35  O  OD1 . ASN A 6   ? 0.3517 0.5633 0.6918 -0.0595 0.0924  -0.1069 1557 ASN A OD1 
36  N  ND2 . ASN A 6   ? 0.3423 0.5963 0.7471 -0.0478 0.0983  -0.1324 1557 ASN A ND2 
37  N  N   . LEU A 7   ? 0.3118 0.4550 0.5192 -0.0020 0.0212  -0.0396 1558 LEU A N   
38  C  CA  . LEU A 7   ? 0.3018 0.4252 0.4779 0.0111  0.0041  -0.0238 1558 LEU A CA  
39  C  C   . LEU A 7   ? 0.3011 0.4255 0.4727 0.0183  -0.0162 -0.0248 1558 LEU A C   
40  O  O   . LEU A 7   ? 0.3011 0.4322 0.4772 0.0089  -0.0139 -0.0305 1558 LEU A O   
41  C  CB  . LEU A 7   ? 0.2841 0.3827 0.4204 0.0043  0.0154  -0.0077 1558 LEU A CB  
42  C  CG  . LEU A 7   ? 0.2725 0.3659 0.4053 -0.0018 0.0338  -0.0086 1558 LEU A CG  
43  C  CD1 . LEU A 7   ? 0.2688 0.3404 0.3650 -0.0074 0.0414  0.0019  1558 LEU A CD1 
44  C  CD2 . LEU A 7   ? 0.2756 0.3679 0.4162 0.0085  0.0295  -0.0086 1558 LEU A CD2 
45  N  N   . ASN A 8   ? 0.3303 0.4438 0.4891 0.0357  -0.0362 -0.0197 1559 ASN A N   
46  C  CA  . ASN A 8   ? 0.3593 0.4638 0.4983 0.0462  -0.0572 -0.0183 1559 ASN A CA  
47  C  C   . ASN A 8   ? 0.3579 0.4303 0.4463 0.0445  -0.0516 0.0028  1559 ASN A C   
48  O  O   . ASN A 8   ? 0.3830 0.4316 0.4469 0.0523  -0.0522 0.0152  1559 ASN A O   
49  C  CB  . ASN A 8   ? 0.4130 0.5160 0.5584 0.0693  -0.0834 -0.0256 1559 ASN A CB  
50  C  CG  . ASN A 8   ? 0.4275 0.5700 0.6336 0.0728  -0.0919 -0.0526 1559 ASN A CG  
51  O  OD1 . ASN A 8   ? 0.4715 0.6231 0.7027 0.0817  -0.0938 -0.0603 1559 ASN A OD1 
52  N  ND2 . ASN A 8   ? 0.4304 0.5978 0.6646 0.0655  -0.0960 -0.0697 1559 ASN A ND2 
53  N  N   . VAL A 9   ? 0.3407 0.4118 0.4155 0.0335  -0.0439 0.0054  1560 VAL A N   
54  C  CA  . VAL A 9   ? 0.3278 0.3751 0.3637 0.0298  -0.0343 0.0213  1560 VAL A CA  
55  C  C   . VAL A 9   ? 0.3659 0.3976 0.3693 0.0381  -0.0471 0.0249  1560 VAL A C   
56  O  O   . VAL A 9   ? 0.3798 0.4232 0.3911 0.0381  -0.0573 0.0139  1560 VAL A O   
57  C  CB  . VAL A 9   ? 0.2810 0.3332 0.3195 0.0146  -0.0170 0.0216  1560 VAL A CB  
58  C  CG1 . VAL A 9   ? 0.2687 0.3027 0.2771 0.0125  -0.0080 0.0335  1560 VAL A CG1 
59  C  CG2 . VAL A 9   ? 0.2367 0.2990 0.2988 0.0083  -0.0046 0.0173  1560 VAL A CG2 
60  N  N   . SER A 10  ? 0.4022 0.4049 0.3677 0.0452  -0.0454 0.0387  1561 SER A N   
61  C  CA  . SER A 10  ? 0.4637 0.4441 0.3861 0.0506  -0.0495 0.0448  1561 SER A CA  
62  C  C   . SER A 10  ? 0.4679 0.4436 0.3777 0.0377  -0.0276 0.0519  1561 SER A C   
63  O  O   . SER A 10  ? 0.4502 0.4276 0.3719 0.0292  -0.0120 0.0563  1561 SER A O   
64  C  CB  . SER A 10  ? 0.5340 0.4780 0.4149 0.0666  -0.0580 0.0553  1561 SER A CB  
65  O  OG  . SER A 10  ? 0.5583 0.4883 0.4404 0.0630  -0.0438 0.0652  1561 SER A OG  
66  N  N   . PHE A 11  ? 0.4967 0.4685 0.3857 0.0373  -0.0286 0.0498  1562 PHE A N   
67  C  CA  . PHE A 11  ? 0.5103 0.4779 0.3875 0.0285  -0.0098 0.0539  1562 PHE A CA  
68  C  C   . PHE A 11  ? 0.5725 0.5084 0.4015 0.0351  -0.0037 0.0633  1562 PHE A C   
69  O  O   . PHE A 11  ? 0.5922 0.5157 0.3902 0.0441  -0.0152 0.0610  1562 PHE A O   
70  C  CB  . PHE A 11  ? 0.4991 0.4821 0.3864 0.0234  -0.0124 0.0437  1562 PHE A CB  
71  C  CG  . PHE A 11  ? 0.4820 0.4689 0.3728 0.0154  0.0041  0.0434  1562 PHE A CG  
72  C  CD1 . PHE A 11  ? 0.4580 0.4572 0.3677 0.0098  0.0037  0.0358  1562 PHE A CD1 
73  C  CD2 . PHE A 11  ? 0.4926 0.4685 0.3680 0.0141  0.0204  0.0491  1562 PHE A CD2 
74  C  CE1 . PHE A 11  ? 0.4517 0.4528 0.3634 0.0071  0.0136  0.0332  1562 PHE A CE1 
75  C  CE2 . PHE A 11  ? 0.4849 0.4704 0.3725 0.0088  0.0327  0.0438  1562 PHE A CE2 
76  C  CZ  . PHE A 11  ? 0.4620 0.4601 0.3667 0.0074  0.0266  0.0356  1562 PHE A CZ  
77  N  N   . GLN A 12  ? 0.6052 0.5250 0.4259 0.0300  0.0154  0.0728  1563 GLN A N   
78  C  CA  . GLN A 12  ? 0.6752 0.5554 0.4445 0.0341  0.0274  0.0840  1563 GLN A CA  
79  C  C   . GLN A 12  ? 0.6919 0.5692 0.4426 0.0281  0.0460  0.0817  1563 GLN A C   
80  O  O   . GLN A 12  ? 0.6454 0.5505 0.4306 0.0182  0.0559  0.0729  1563 GLN A O   
81  C  CB  . GLN A 12  ? 0.7076 0.5682 0.4783 0.0281  0.0448  0.0937  1563 GLN A CB  
82  C  CG  . GLN A 12  ? 0.7212 0.5798 0.5060 0.0364  0.0269  0.0957  1563 GLN A CG  
83  C  CD  . GLN A 12  ? 0.7731 0.5959 0.5415 0.0339  0.0424  0.1075  1563 GLN A CD  
84  O  OE1 . GLN A 12  ? 0.7975 0.6136 0.5712 0.0188  0.0698  0.1099  1563 GLN A OE1 
85  N  NE2 . GLN A 12  ? 0.8012 0.6004 0.5525 0.0489  0.0245  0.1127  1563 GLN A NE2 
86  N  N   . GLY A 13  ? 0.7560 0.5967 0.4487 0.0362  0.0498  0.0886  1564 GLY A N   
87  C  CA  . GLY A 13  ? 0.7982 0.6322 0.4666 0.0317  0.0701  0.0856  1564 GLY A CA  
88  C  C   . GLY A 13  ? 0.8478 0.6675 0.4721 0.0463  0.0518  0.0817  1564 GLY A C   
89  O  O   . GLY A 13  ? 0.8958 0.6893 0.4727 0.0484  0.0676  0.0838  1564 GLY A O   
90  N  N   . CYS A 14  ? 0.8515 0.6901 0.4943 0.0553  0.0197  0.0737  1565 CYS A N   
91  C  CA  . CYS A 14  ? 0.9168 0.7416 0.5213 0.0713  -0.0045 0.0670  1565 CYS A CA  
92  C  C   . CYS A 14  ? 0.9195 0.7474 0.5337 0.0849  -0.0385 0.0631  1565 CYS A C   
93  O  O   . CYS A 14  ? 0.8978 0.7451 0.5555 0.0800  -0.0417 0.0640  1565 CYS A O   
94  C  CB  . CYS A 14  ? 0.8956 0.7486 0.5237 0.0666  -0.0085 0.0517  1565 CYS A CB  
95  S  SG  . CYS A 14  ? 0.8277 0.7287 0.5346 0.0495  -0.0038 0.0435  1565 CYS A SG  
96  N  N   . GLY A 15  ? 0.9683 0.7787 0.5440 0.1033  -0.0648 0.0559  1566 GLY A N   
97  C  CA  . GLY A 15  ? 0.9823 0.7923 0.5626 0.1210  -0.1001 0.0489  1566 GLY A CA  
98  C  C   . GLY A 15  ? 0.9262 0.7865 0.5774 0.1161  -0.1214 0.0280  1566 GLY A C   
99  O  O   . GLY A 15  ? 0.9449 0.8109 0.5964 0.1305  -0.1529 0.0110  1566 GLY A O   
100 N  N   . MSE A 16  ? 0.8598 0.7544 0.5703 0.0958  -0.1037 0.0277  1567 MSE A N   
101 C  CA  . MSE A 16  ? 0.8161 0.7528 0.5921 0.0875  -0.1162 0.0100  1567 MSE A CA  
102 C  C   . MSE A 16  ? 0.7718 0.7205 0.5787 0.0957  -0.1324 0.0057  1567 MSE A C   
103 O  O   . MSE A 16  ? 0.7697 0.6991 0.5591 0.1010  -0.1257 0.0201  1567 MSE A O   
104 C  CB  . MSE A 16  ? 0.8118 0.7708 0.6266 0.0652  -0.0902 0.0127  1567 MSE A CB  
105 C  CG  . MSE A 16  ? 0.8481 0.7997 0.6417 0.0583  -0.0755 0.0135  1567 MSE A CG  
106 SE SE  . MSE A 16  ? 0.8729 0.8474 0.7120 0.0367  -0.0504 0.0150  1567 MSE A SE  
107 C  CE  . MSE A 16  ? 0.8254 0.8272 0.7190 0.0284  -0.0661 -0.0036 1567 MSE A CE  
108 N  N   . ASP A 17  ? 0.7152 0.6961 0.5712 0.0965  -0.1529 -0.0162 1568 ASP A N   
109 C  CA  . ASP A 17  ? 0.6629 0.6658 0.5643 0.1014  -0.1650 -0.0255 1568 ASP A CA  
110 C  C   . ASP A 17  ? 0.5821 0.6008 0.5190 0.0819  -0.1360 -0.0157 1568 ASP A C   
111 O  O   . ASP A 17  ? 0.5250 0.5471 0.4657 0.0638  -0.1127 -0.0092 1568 ASP A O   
112 C  CB  . ASP A 17  ? 0.6462 0.6869 0.6045 0.1019  -0.1878 -0.0559 1568 ASP A CB  
113 C  CG  . ASP A 17  ? 0.7001 0.7292 0.6317 0.1288  -0.2273 -0.0716 1568 ASP A CG  
114 O  OD1 . ASP A 17  ? 0.7427 0.7307 0.6089 0.1507  -0.2393 -0.0575 1568 ASP A OD1 
115 O  OD2 . ASP A 17  ? 0.6961 0.7551 0.6713 0.1281  -0.2466 -0.0995 1568 ASP A OD2 
116 N  N   . SER A 18  ? 0.5500 0.5757 0.5096 0.0882  -0.1400 -0.0159 1569 SER A N   
117 C  CA  . SER A 18  ? 0.4999 0.5433 0.4968 0.0721  -0.1169 -0.0119 1569 SER A CA  
118 C  C   . SER A 18  ? 0.4535 0.5345 0.5083 0.0560  -0.1116 -0.0317 1569 SER A C   
119 O  O   . SER A 18  ? 0.4554 0.5557 0.5367 0.0601  -0.1306 -0.0527 1569 SER A O   
120 C  CB  . SER A 18  ? 0.5172 0.5571 0.5227 0.0850  -0.1243 -0.0098 1569 SER A CB  
121 O  OG  . SER A 18  ? 0.5828 0.5798 0.5297 0.1022  -0.1326 0.0064  1569 SER A OG  
122 N  N   . LEU A 19  ? 0.4022 0.4905 0.4744 0.0379  -0.0854 -0.0259 1570 LEU A N   
123 C  CA  . LEU A 19  ? 0.3877 0.5013 0.5055 0.0199  -0.0724 -0.0412 1570 LEU A CA  
124 C  C   . LEU A 19  ? 0.3683 0.4947 0.5156 0.0145  -0.0572 -0.0420 1570 LEU A C   
125 O  O   . LEU A 19  ? 0.3602 0.4710 0.4851 0.0176  -0.0486 -0.0259 1570 LEU A O   
126 C  CB  . LEU A 19  ? 0.3749 0.4741 0.4720 0.0036  -0.0530 -0.0329 1570 LEU A CB  
127 C  CG  . LEU A 19  ? 0.3890 0.4806 0.4693 0.0031  -0.0629 -0.0384 1570 LEU A CG  
128 C  CD1 . LEU A 19  ? 0.3818 0.4571 0.4445 -0.0118 -0.0425 -0.0306 1570 LEU A CD1 
129 C  CD2 . LEU A 19  ? 0.4023 0.5184 0.5254 0.0013  -0.0781 -0.0642 1570 LEU A CD2 
130 N  N   . SER A 20  ? 0.3725 0.5276 0.5717 0.0055  -0.0521 -0.0627 1571 SER A N   
131 C  CA  . SER A 20  ? 0.3705 0.5372 0.5965 -0.0026 -0.0316 -0.0655 1571 SER A CA  
132 C  C   . SER A 20  ? 0.3635 0.5147 0.5739 -0.0236 -0.0019 -0.0574 1571 SER A C   
133 O  O   . SER A 20  ? 0.3896 0.5401 0.6068 -0.0376 0.0063  -0.0650 1571 SER A O   
134 C  CB  . SER A 20  ? 0.3858 0.5909 0.6770 -0.0032 -0.0359 -0.0939 1571 SER A CB  
135 O  OG  . SER A 20  ? 0.4028 0.6173 0.7138 -0.0022 -0.0229 -0.0958 1571 SER A OG  
136 N  N   . VAL A 21  ? 0.3450 0.4795 0.5305 -0.0239 0.0123  -0.0426 1572 VAL A N   
137 C  CA  . VAL A 21  ? 0.3431 0.4547 0.5012 -0.0377 0.0357  -0.0335 1572 VAL A CA  
138 C  C   . VAL A 21  ? 0.3510 0.4637 0.5180 -0.0424 0.0556  -0.0359 1572 VAL A C   
139 O  O   . VAL A 21  ? 0.3548 0.4709 0.5222 -0.0314 0.0502  -0.0321 1572 VAL A O   
140 C  CB  . VAL A 21  ? 0.3286 0.4138 0.4387 -0.0307 0.0307  -0.0140 1572 VAL A CB  
141 C  CG1 . VAL A 21  ? 0.3381 0.3976 0.4177 -0.0399 0.0492  -0.0071 1572 VAL A CG1 
142 C  CG2 . VAL A 21  ? 0.3192 0.4011 0.4156 -0.0254 0.0135  -0.0118 1572 VAL A CG2 
143 N  N   . ARG A 22  ? 0.3633 0.4685 0.5331 -0.0590 0.0803  -0.0425 1573 ARG A N   
144 C  CA  . ARG A 22  ? 0.3842 0.4848 0.5539 -0.0645 0.1036  -0.0453 1573 ARG A CA  
145 C  C   . ARG A 22  ? 0.4016 0.4630 0.5122 -0.0618 0.1113  -0.0278 1573 ARG A C   
146 O  O   . ARG A 22  ? 0.4323 0.4648 0.5076 -0.0675 0.1164  -0.0201 1573 ARG A O   
147 C  CB  . ARG A 22  ? 0.4061 0.5124 0.6035 -0.0850 0.1313  -0.0617 1573 ARG A CB  
148 C  CG  . ARG A 22  ? 0.4200 0.5364 0.6376 -0.0897 0.1551  -0.0727 1573 ARG A CG  
149 C  CD  . ARG A 22  ? 0.4644 0.5578 0.6715 -0.1130 0.1944  -0.0785 1573 ARG A CD  
150 N  NE  . ARG A 22  ? 0.4711 0.5914 0.7257 -0.1225 0.2198  -0.0997 1573 ARG A NE  
151 C  CZ  . ARG A 22  ? 0.5010 0.5956 0.7337 -0.1381 0.2600  -0.1021 1573 ARG A CZ  
152 N  NH1 . ARG A 22  ? 0.5390 0.5743 0.6956 -0.1439 0.2771  -0.0830 1573 ARG A NH1 
153 N  NH2 . ARG A 22  ? 0.5205 0.6461 0.8045 -0.1464 0.2834  -0.1244 1573 ARG A NH2 
154 N  N   . ALA A 23  ? 0.4011 0.4609 0.5022 -0.0513 0.1094  -0.0239 1574 ALA A N   
155 C  CA  . ALA A 23  ? 0.4261 0.4524 0.4765 -0.0461 0.1134  -0.0125 1574 ALA A CA  
156 C  C   . ALA A 23  ? 0.4684 0.4898 0.5151 -0.0469 0.1322  -0.0190 1574 ALA A C   
157 O  O   . ALA A 23  ? 0.4651 0.5138 0.5535 -0.0493 0.1389  -0.0315 1574 ALA A O   
158 C  CB  . ALA A 23  ? 0.3956 0.4238 0.4374 -0.0316 0.0900  -0.0034 1574 ALA A CB  
159 N  N   . MSE A 24  ? 0.5321 0.5181 0.5277 -0.0430 0.1392  -0.0125 1575 MSE A N   
160 C  CA  . MSE A 24  ? 0.5754 0.5497 0.5555 -0.0417 0.1572  -0.0184 1575 MSE A CA  
161 C  C   . MSE A 24  ? 0.5220 0.5003 0.4979 -0.0251 0.1380  -0.0174 1575 MSE A C   
162 O  O   . MSE A 24  ? 0.5026 0.4754 0.4652 -0.0160 0.1168  -0.0099 1575 MSE A O   
163 C  CB  . MSE A 24  ? 0.6935 0.6160 0.6080 -0.0459 0.1776  -0.0131 1575 MSE A CB  
164 C  CG  . MSE A 24  ? 0.7688 0.6778 0.6827 -0.0663 0.2057  -0.0155 1575 MSE A CG  
165 SE SE  . MSE A 24  ? 0.8649 0.8137 0.8449 -0.0842 0.2394  -0.0371 1575 MSE A SE  
166 C  CE  . MSE A 24  ? 0.8535 0.7833 0.7951 -0.0706 0.2508  -0.0404 1575 MSE A CE  
167 N  N   . ASP A 25  ? 0.5026 0.4903 0.4921 -0.0221 0.1473  -0.0270 1576 ASP A N   
168 C  CA  . ASP A 25  ? 0.4743 0.4626 0.4605 -0.0075 0.1314  -0.0289 1576 ASP A CA  
169 C  C   . ASP A 25  ? 0.4814 0.4343 0.4121 0.0019  0.1220  -0.0233 1576 ASP A C   
170 O  O   . ASP A 25  ? 0.4502 0.4066 0.3845 0.0125  0.1008  -0.0235 1576 ASP A O   
171 C  CB  . ASP A 25  ? 0.5057 0.5016 0.5051 -0.0059 0.1476  -0.0420 1576 ASP A CB  
172 C  CG  . ASP A 25  ? 0.4694 0.5058 0.5326 -0.0047 0.1420  -0.0509 1576 ASP A CG  
173 O  OD1 . ASP A 25  ? 0.4421 0.4949 0.5312 -0.0020 0.1217  -0.0450 1576 ASP A OD1 
174 O  OD2 . ASP A 25  ? 0.4881 0.5370 0.5723 -0.0048 0.1577  -0.0645 1576 ASP A OD2 
175 N  N   . THR A 26  ? 0.5131 0.4296 0.3927 -0.0014 0.1376  -0.0201 1577 THR A N   
176 C  CA  . THR A 26  ? 0.5703 0.4466 0.3888 0.0117  0.1267  -0.0173 1577 THR A CA  
177 C  C   . THR A 26  ? 0.5681 0.4356 0.3741 0.0151  0.1080  -0.0087 1577 THR A C   
178 O  O   . THR A 26  ? 0.5870 0.4272 0.3512 0.0296  0.0919  -0.0092 1577 THR A O   
179 C  CB  . THR A 26  ? 0.6459 0.4741 0.3997 0.0102  0.1534  -0.0175 1577 THR A CB  
180 O  OG1 . THR A 26  ? 0.6635 0.4901 0.4264 -0.0098 0.1824  -0.0144 1577 THR A OG1 
181 C  CG2 . THR A 26  ? 0.6573 0.4863 0.4075 0.0155  0.1642  -0.0289 1577 THR A CG2 
182 N  N   . ASP A 27  ? 0.5282 0.4200 0.3717 0.0040  0.1079  -0.0034 1578 ASP A N   
183 C  CA  . ASP A 27  ? 0.5205 0.4096 0.3589 0.0079  0.0899  0.0028  1578 ASP A CA  
184 C  C   . ASP A 27  ? 0.4896 0.3961 0.3460 0.0207  0.0648  -0.0017 1578 ASP A C   
185 O  O   . ASP A 27  ? 0.4388 0.3740 0.3356 0.0196  0.0609  -0.0054 1578 ASP A O   
186 C  CB  . ASP A 27  ? 0.4941 0.4100 0.3730 -0.0051 0.0923  0.0068  1578 ASP A CB  
187 C  CG  . ASP A 27  ? 0.5336 0.4312 0.3986 -0.0195 0.1147  0.0090  1578 ASP A CG  
188 O  OD1 . ASP A 27  ? 0.6094 0.4661 0.4252 -0.0205 0.1309  0.0104  1578 ASP A OD1 
189 O  OD2 . ASP A 27  ? 0.5453 0.4671 0.4475 -0.0301 0.1165  0.0083  1578 ASP A OD2 
190 N  N   . THR A 28  ? 0.5131 0.4009 0.3411 0.0329  0.0481  -0.0030 1579 THR A N   
191 C  CA  . THR A 28  ? 0.4999 0.4106 0.3570 0.0414  0.0266  -0.0100 1579 THR A CA  
192 C  C   . THR A 28  ? 0.4690 0.4097 0.3685 0.0304  0.0277  -0.0037 1579 THR A C   
193 O  O   . THR A 28  ? 0.4539 0.3922 0.3508 0.0210  0.0379  0.0044  1579 THR A O   
194 C  CB  . THR A 28  ? 0.5323 0.4215 0.3574 0.0579  0.0070  -0.0163 1579 THR A CB  
195 O  OG1 . THR A 28  ? 0.5307 0.4098 0.3434 0.0546  0.0089  -0.0082 1579 THR A OG1 
196 C  CG2 . THR A 28  ? 0.5888 0.4352 0.3533 0.0725  0.0038  -0.0210 1579 THR A CG2 
197 N  N   . LEU A 29  ? 0.4496 0.4153 0.3859 0.0311  0.0182  -0.0083 1580 LEU A N   
198 C  CA  . LEU A 29  ? 0.4405 0.4277 0.4074 0.0220  0.0207  -0.0015 1580 LEU A CA  
199 C  C   . LEU A 29  ? 0.4383 0.4216 0.3944 0.0230  0.0164  0.0011  1580 LEU A C   
200 O  O   . LEU A 29  ? 0.4330 0.4261 0.4006 0.0156  0.0208  0.0079  1580 LEU A O   
201 C  CB  . LEU A 29  ? 0.4360 0.4422 0.4383 0.0207  0.0169  -0.0061 1580 LEU A CB  
202 C  CG  . LEU A 29  ? 0.4393 0.4497 0.4560 0.0165  0.0244  -0.0032 1580 LEU A CG  
203 C  CD1 . LEU A 29  ? 0.4489 0.4614 0.4809 0.0201  0.0198  -0.0131 1580 LEU A CD1 
204 C  CD2 . LEU A 29  ? 0.4366 0.4570 0.4707 0.0094  0.0288  0.0067  1580 LEU A CD2 
205 N  N   . THR A 30  ? 0.4565 0.4235 0.3880 0.0346  0.0058  -0.0061 1581 THR A N   
206 C  CA  . THR A 30  ? 0.4545 0.4110 0.3687 0.0383  0.0011  -0.0047 1581 THR A CA  
207 C  C   . THR A 30  ? 0.4699 0.4057 0.3582 0.0298  0.0135  0.0062  1581 THR A C   
208 O  O   . THR A 30  ? 0.4632 0.4037 0.3575 0.0234  0.0164  0.0110  1581 THR A O   
209 C  CB  . THR A 30  ? 0.4861 0.4240 0.3751 0.0566  -0.0163 -0.0162 1581 THR A CB  
210 O  OG1 . THR A 30  ? 0.4627 0.4290 0.3908 0.0618  -0.0274 -0.0307 1581 THR A OG1 
211 C  CG2 . THR A 30  ? 0.5137 0.4302 0.3747 0.0631  -0.0216 -0.0142 1581 THR A CG2 
212 N  N   . GLN A 31  ? 0.4803 0.3939 0.3424 0.0285  0.0229  0.0085  1582 GLN A N   
213 C  CA  . GLN A 31  ? 0.4989 0.3936 0.3426 0.0166  0.0402  0.0159  1582 GLN A CA  
214 C  C   . GLN A 31  ? 0.4363 0.3625 0.3226 0.0022  0.0490  0.0186  1582 GLN A C   
215 O  O   . GLN A 31  ? 0.4394 0.3626 0.3274 -0.0076 0.0564  0.0214  1582 GLN A O   
216 C  CB  . GLN A 31  ? 0.5538 0.4177 0.3612 0.0167  0.0536  0.0160  1582 GLN A CB  
217 C  CG  . GLN A 31  ? 0.6216 0.4374 0.3672 0.0325  0.0457  0.0153  1582 GLN A CG  
218 C  CD  . GLN A 31  ? 0.6755 0.4571 0.3774 0.0346  0.0597  0.0152  1582 GLN A CD  
219 O  OE1 . GLN A 31  ? 0.6652 0.4679 0.3901 0.0306  0.0669  0.0111  1582 GLN A OE1 
220 N  NE2 . GLN A 31  ? 0.7488 0.4723 0.3820 0.0419  0.0642  0.0197  1582 GLN A NE2 
221 N  N   . VAL A 32  ? 0.4005 0.3545 0.3203 0.0021  0.0465  0.0164  1583 VAL A N   
222 C  CA  . VAL A 32  ? 0.3418 0.3225 0.2978 -0.0062 0.0491  0.0181  1583 VAL A CA  
223 C  C   . VAL A 32  ? 0.3304 0.3196 0.2932 -0.0065 0.0405  0.0213  1583 VAL A C   
224 O  O   . VAL A 32  ? 0.3370 0.3333 0.3100 -0.0132 0.0422  0.0221  1583 VAL A O   
225 C  CB  . VAL A 32  ? 0.3351 0.3348 0.3177 -0.0030 0.0456  0.0161  1583 VAL A CB  
226 C  CG1 . VAL A 32  ? 0.2918 0.3117 0.3027 -0.0061 0.0422  0.0188  1583 VAL A CG1 
227 C  CG2 . VAL A 32  ? 0.3383 0.3329 0.3184 -0.0031 0.0555  0.0112  1583 VAL A CG2 
228 N  N   . LYS A 33  ? 0.3196 0.3093 0.2785 0.0010  0.0314  0.0205  1584 LYS A N   
229 C  CA  . LYS A 33  ? 0.3467 0.3429 0.3086 0.0013  0.0263  0.0221  1584 LYS A CA  
230 C  C   . LYS A 33  ? 0.3765 0.3558 0.3173 -0.0009 0.0269  0.0225  1584 LYS A C   
231 O  O   . LYS A 33  ? 0.3964 0.3816 0.3421 -0.0048 0.0258  0.0238  1584 LYS A O   
232 C  CB  . LYS A 33  ? 0.3584 0.3595 0.3247 0.0091  0.0199  0.0167  1584 LYS A CB  
233 C  CG  . LYS A 33  ? 0.3597 0.3759 0.3505 0.0078  0.0215  0.0157  1584 LYS A CG  
234 C  CD  . LYS A 33  ? 0.3796 0.4039 0.3835 0.0131  0.0175  0.0054  1584 LYS A CD  
235 C  CE  . LYS A 33  ? 0.3882 0.4243 0.4181 0.0074  0.0242  0.0049  1584 LYS A CE  
236 N  NZ  . LYS A 33  ? 0.4078 0.4562 0.4611 0.0095  0.0232  -0.0092 1584 LYS A NZ  
237 N  N   . GLU A 34  ? 0.4041 0.3576 0.3167 0.0027  0.0284  0.0211  1585 GLU A N   
238 C  CA  . GLU A 34  ? 0.4476 0.3748 0.3342 -0.0001 0.0312  0.0222  1585 GLU A CA  
239 C  C   . GLU A 34  ? 0.4399 0.3716 0.3404 -0.0152 0.0425  0.0232  1585 GLU A C   
240 O  O   . GLU A 34  ? 0.4405 0.3682 0.3404 -0.0201 0.0416  0.0221  1585 GLU A O   
241 C  CB  . GLU A 34  ? 0.5123 0.4007 0.3567 0.0068  0.0331  0.0224  1585 GLU A CB  
242 C  CG  . GLU A 34  ? 0.5358 0.4160 0.3645 0.0254  0.0162  0.0168  1585 GLU A CG  
243 C  CD  . GLU A 34  ? 0.5846 0.4230 0.3650 0.0371  0.0138  0.0161  1585 GLU A CD  
244 O  OE1 . GLU A 34  ? 0.6237 0.4348 0.3775 0.0286  0.0300  0.0220  1585 GLU A OE1 
245 O  OE2 . GLU A 34  ? 0.6149 0.4466 0.3831 0.0556  -0.0042 0.0081  1585 GLU A OE2 
246 N  N   . LYS A 35  ? 0.4171 0.3597 0.3344 -0.0218 0.0520  0.0224  1586 LYS A N   
247 C  CA  . LYS A 35  ? 0.4016 0.3558 0.3434 -0.0356 0.0622  0.0181  1586 LYS A CA  
248 C  C   . LYS A 35  ? 0.3595 0.3433 0.3318 -0.0350 0.0497  0.0154  1586 LYS A C   
249 O  O   . LYS A 35  ? 0.3665 0.3555 0.3529 -0.0429 0.0498  0.0094  1586 LYS A O   
250 C  CB  . LYS A 35  ? 0.3983 0.3604 0.3547 -0.0405 0.0753  0.0147  1586 LYS A CB  
251 C  CG  . LYS A 35  ? 0.4676 0.3922 0.3859 -0.0443 0.0933  0.0164  1586 LYS A CG  
252 C  CD  . LYS A 35  ? 0.4657 0.3972 0.3949 -0.0482 0.1087  0.0118  1586 LYS A CD  
253 C  CE  . LYS A 35  ? 0.5349 0.4195 0.4133 -0.0518 0.1296  0.0145  1586 LYS A CE  
254 N  NZ  . LYS A 35  ? 0.5350 0.4234 0.4207 -0.0573 0.1503  0.0083  1586 LYS A NZ  
255 N  N   . ILE A 36  ? 0.3384 0.3375 0.3181 -0.0253 0.0391  0.0191  1587 ILE A N   
256 C  CA  . ILE A 36  ? 0.3261 0.3429 0.3203 -0.0216 0.0275  0.0189  1587 ILE A CA  
257 C  C   . ILE A 36  ? 0.3312 0.3390 0.3083 -0.0202 0.0215  0.0189  1587 ILE A C   
258 O  O   . ILE A 36  ? 0.3273 0.3419 0.3116 -0.0216 0.0147  0.0144  1587 ILE A O   
259 C  CB  . ILE A 36  ? 0.3133 0.3383 0.3112 -0.0132 0.0228  0.0243  1587 ILE A CB  
260 C  CG1 . ILE A 36  ? 0.3008 0.3361 0.3197 -0.0135 0.0260  0.0220  1587 ILE A CG1 
261 C  CG2 . ILE A 36  ? 0.3419 0.3714 0.3371 -0.0077 0.0129  0.0272  1587 ILE A CG2 
262 C  CD1 . ILE A 36  ? 0.2972 0.3341 0.3189 -0.0067 0.0232  0.0269  1587 ILE A CD1 
263 N  N   . LEU A 37  ? 0.3394 0.3322 0.2947 -0.0158 0.0225  0.0216  1588 LEU A N   
264 C  CA  . LEU A 37  ? 0.3547 0.3389 0.2946 -0.0129 0.0174  0.0198  1588 LEU A CA  
265 C  C   . LEU A 37  ? 0.3829 0.3522 0.3175 -0.0214 0.0197  0.0147  1588 LEU A C   
266 O  O   . LEU A 37  ? 0.3698 0.3393 0.3024 -0.0217 0.0134  0.0104  1588 LEU A O   
267 C  CB  . LEU A 37  ? 0.3570 0.3311 0.2810 -0.0040 0.0163  0.0199  1588 LEU A CB  
268 C  CG  . LEU A 37  ? 0.3448 0.3361 0.2806 0.0017  0.0157  0.0210  1588 LEU A CG  
269 C  CD1 . LEU A 37  ? 0.3491 0.3367 0.2824 0.0098  0.0138  0.0163  1588 LEU A CD1 
270 C  CD2 . LEU A 37  ? 0.3435 0.3416 0.2763 0.0040  0.0145  0.0201  1588 LEU A CD2 
271 N  N   . GLU A 38  ? 0.4165 0.3702 0.3472 -0.0292 0.0305  0.0144  1589 GLU A N   
272 C  CA  . GLU A 38  ? 0.4623 0.3991 0.3918 -0.0418 0.0384  0.0088  1589 GLU A CA  
273 C  C   . GLU A 38  ? 0.4343 0.3980 0.3998 -0.0496 0.0341  -0.0009 1589 GLU A C   
274 O  O   . GLU A 38  ? 0.4473 0.4058 0.4171 -0.0562 0.0316  -0.0090 1589 GLU A O   
275 C  CB  . GLU A 38  ? 0.5180 0.4289 0.4330 -0.0507 0.0569  0.0108  1589 GLU A CB  
276 C  CG  . GLU A 38  ? 0.5867 0.4553 0.4537 -0.0418 0.0576  0.0172  1589 GLU A CG  
277 C  CD  . GLU A 38  ? 0.6567 0.4873 0.4927 -0.0480 0.0765  0.0213  1589 GLU A CD  
278 O  OE1 . GLU A 38  ? 0.6801 0.5118 0.5329 -0.0652 0.0957  0.0174  1589 GLU A OE1 
279 O  OE2 . GLU A 38  ? 0.7173 0.5149 0.5101 -0.0343 0.0722  0.0267  1589 GLU A OE2 
280 N  N   . ALA A 39  ? 0.4027 0.3940 0.3941 -0.0472 0.0306  -0.0019 1590 ALA A N   
281 C  CA  . ALA A 39  ? 0.3843 0.4024 0.4113 -0.0498 0.0213  -0.0139 1590 ALA A CA  
282 C  C   . ALA A 39  ? 0.3835 0.4071 0.4010 -0.0390 0.0017  -0.0153 1590 ALA A C   
283 O  O   . ALA A 39  ? 0.3950 0.4249 0.4263 -0.0423 -0.0074 -0.0279 1590 ALA A O   
284 C  CB  . ALA A 39  ? 0.3592 0.4003 0.4111 -0.0454 0.0202  -0.0146 1590 ALA A CB  
285 N  N   . PHE A 40  ? 0.3685 0.3883 0.3621 -0.0266 -0.0033 -0.0039 1591 PHE A N   
286 C  CA  . PHE A 40  ? 0.3548 0.3742 0.3303 -0.0160 -0.0170 -0.0033 1591 PHE A CA  
287 C  C   . PHE A 40  ? 0.3822 0.3855 0.3367 -0.0168 -0.0179 -0.0067 1591 PHE A C   
288 O  O   . PHE A 40  ? 0.3885 0.3922 0.3349 -0.0117 -0.0304 -0.0137 1591 PHE A O   
289 C  CB  . PHE A 40  ? 0.3573 0.3743 0.3147 -0.0062 -0.0150 0.0092  1591 PHE A CB  
290 C  CG  . PHE A 40  ? 0.3595 0.3860 0.3266 0.0003  -0.0219 0.0117  1591 PHE A CG  
291 C  CD1 . PHE A 40  ? 0.3479 0.3792 0.3281 -0.0010 -0.0138 0.0174  1591 PHE A CD1 
292 C  CD2 . PHE A 40  ? 0.3745 0.4018 0.3341 0.0100  -0.0384 0.0075  1591 PHE A CD2 
293 C  CE1 . PHE A 40  ? 0.3353 0.3715 0.3233 0.0068  -0.0213 0.0192  1591 PHE A CE1 
294 C  CE2 . PHE A 40  ? 0.3876 0.4172 0.3506 0.0197  -0.0478 0.0098  1591 PHE A CE2 
295 C  CZ  . PHE A 40  ? 0.3645 0.3986 0.3431 0.0175  -0.0384 0.0160  1591 PHE A CZ  
296 N  N   . CYS A 41  ? 0.3755 0.3618 0.3179 -0.0207 -0.0068 -0.0029 1592 CYS A N   
297 C  CA  . CYS A 41  ? 0.3914 0.3595 0.3115 -0.0180 -0.0082 -0.0058 1592 CYS A CA  
298 C  C   . CYS A 41  ? 0.4330 0.3812 0.3543 -0.0294 -0.0042 -0.0137 1592 CYS A C   
299 O  O   . CYS A 41  ? 0.4491 0.3746 0.3487 -0.0266 -0.0042 -0.0153 1592 CYS A O   
300 C  CB  . CYS A 41  ? 0.3864 0.3461 0.2887 -0.0097 -0.0027 0.0014  1592 CYS A CB  
301 S  SG  . CYS A 41  ? 0.3828 0.3618 0.2862 -0.0007 -0.0018 0.0084  1592 CYS A SG  
302 N  N   . LYS A 42  ? 0.4444 0.4003 0.3928 -0.0424 0.0002  -0.0204 1593 LYS A N   
303 C  CA  . LYS A 42  ? 0.4709 0.4058 0.4251 -0.0583 0.0100  -0.0293 1593 LYS A CA  
304 C  C   . LYS A 42  ? 0.4938 0.4138 0.4376 -0.0583 0.0008  -0.0395 1593 LYS A C   
305 O  O   . LYS A 42  ? 0.5253 0.4112 0.4527 -0.0661 0.0098  -0.0407 1593 LYS A O   
306 C  CB  . LYS A 42  ? 0.4712 0.4280 0.4695 -0.0731 0.0158  -0.0410 1593 LYS A CB  
307 C  CG  . LYS A 42  ? 0.4637 0.4538 0.4934 -0.0686 -0.0049 -0.0565 1593 LYS A CG  
308 N  N   . ASN A 43  ? 0.4940 0.4342 0.4417 -0.0484 -0.0173 -0.0464 1594 ASN A N   
309 C  CA  . ASN A 43  ? 0.5046 0.4333 0.4430 -0.0471 -0.0282 -0.0590 1594 ASN A CA  
310 C  C   . ASN A 43  ? 0.5039 0.4149 0.4032 -0.0322 -0.0313 -0.0525 1594 ASN A C   
311 O  O   . ASN A 43  ? 0.5082 0.4101 0.3956 -0.0279 -0.0409 -0.0629 1594 ASN A O   
312 C  CB  . ASN A 43  ? 0.5247 0.4807 0.4839 -0.0427 -0.0480 -0.0737 1594 ASN A CB  
313 C  CG  . ASN A 43  ? 0.5381 0.5159 0.5475 -0.0574 -0.0471 -0.0881 1594 ASN A CG  
314 O  OD1 . ASN A 43  ? 0.5590 0.5250 0.5894 -0.0766 -0.0336 -0.0972 1594 ASN A OD1 
315 N  ND2 . ASN A 43  ? 0.5390 0.5465 0.5674 -0.0486 -0.0603 -0.0913 1594 ASN A ND2 
316 N  N   . VAL A 44  ? 0.4883 0.3956 0.3714 -0.0241 -0.0232 -0.0384 1595 VAL A N   
317 C  CA  . VAL A 44  ? 0.5063 0.4039 0.3622 -0.0094 -0.0247 -0.0356 1595 VAL A CA  
318 C  C   . VAL A 44  ? 0.5084 0.3759 0.3478 -0.0079 -0.0172 -0.0309 1595 VAL A C   
319 O  O   . VAL A 44  ? 0.5058 0.3654 0.3482 -0.0144 -0.0086 -0.0233 1595 VAL A O   
320 C  CB  . VAL A 44  ? 0.4864 0.4080 0.3418 0.0005  -0.0232 -0.0268 1595 VAL A CB  
321 C  CG1 . VAL A 44  ? 0.5003 0.4170 0.3393 0.0133  -0.0198 -0.0265 1595 VAL A CG1 
322 C  CG2 . VAL A 44  ? 0.4949 0.4336 0.3503 0.0039  -0.0320 -0.0301 1595 VAL A CG2 
323 N  N   . PRO A 45  ? 0.5289 0.3765 0.3467 0.0034  -0.0217 -0.0364 1596 PRO A N   
324 C  CA  . PRO A 45  ? 0.5586 0.3732 0.3552 0.0103  -0.0193 -0.0326 1596 PRO A CA  
325 C  C   . PRO A 45  ? 0.5376 0.3661 0.3373 0.0187  -0.0166 -0.0241 1596 PRO A C   
326 O  O   . PRO A 45  ? 0.5049 0.3670 0.3196 0.0253  -0.0173 -0.0243 1596 PRO A O   
327 C  CB  . PRO A 45  ? 0.5854 0.3870 0.3650 0.0257  -0.0278 -0.0430 1596 PRO A CB  
328 C  CG  . PRO A 45  ? 0.5689 0.3991 0.3589 0.0260  -0.0315 -0.0508 1596 PRO A CG  
329 C  CD  . PRO A 45  ? 0.5475 0.3961 0.3565 0.0106  -0.0301 -0.0479 1596 PRO A CD  
330 N  N   . TYR A 46  ? 0.5597 0.3587 0.3426 0.0178  -0.0125 -0.0173 1597 TYR A N   
331 C  CA  . TYR A 46  ? 0.5447 0.3538 0.3292 0.0255  -0.0119 -0.0110 1597 TYR A CA  
332 C  C   . TYR A 46  ? 0.5275 0.3522 0.3156 0.0461  -0.0222 -0.0186 1597 TYR A C   
333 O  O   . TYR A 46  ? 0.5118 0.3633 0.3177 0.0504  -0.0221 -0.0179 1597 TYR A O   
334 C  CB  . TYR A 46  ? 0.5929 0.3571 0.3462 0.0234  -0.0062 -0.0035 1597 TYR A CB  
335 C  CG  . TYR A 46  ? 0.5873 0.3585 0.3376 0.0343  -0.0092 0.0002  1597 TYR A CG  
336 C  CD1 . TYR A 46  ? 0.5538 0.3536 0.3272 0.0241  -0.0009 0.0057  1597 TYR A CD1 
337 C  CD2 . TYR A 46  ? 0.6189 0.3689 0.3449 0.0571  -0.0233 -0.0045 1597 TYR A CD2 
338 C  CE1 . TYR A 46  ? 0.5609 0.3672 0.3329 0.0342  -0.0047 0.0069  1597 TYR A CE1 
339 C  CE2 . TYR A 46  ? 0.6164 0.3744 0.3421 0.0683  -0.0294 -0.0048 1597 TYR A CE2 
340 C  CZ  . TYR A 46  ? 0.5921 0.3778 0.3405 0.0559  -0.0193 0.0012  1597 TYR A CZ  
341 O  OH  . TYR A 46  ? 0.6150 0.4085 0.3642 0.0671  -0.0264 -0.0012 1597 TYR A OH  
342 N  N   . SER A 47  ? 0.5603 0.3705 0.3362 0.0583  -0.0305 -0.0283 1598 SER A N   
343 C  CA  . SER A 47  ? 0.5502 0.3815 0.3388 0.0780  -0.0390 -0.0407 1598 SER A CA  
344 C  C   . SER A 47  ? 0.5139 0.3959 0.3371 0.0728  -0.0303 -0.0438 1598 SER A C   
345 O  O   . SER A 47  ? 0.5061 0.4142 0.3509 0.0837  -0.0311 -0.0539 1598 SER A O   
346 C  CB  . SER A 47  ? 0.5801 0.3869 0.3511 0.0922  -0.0486 -0.0525 1598 SER A CB  
347 O  OG  . SER A 47  ? 0.5859 0.3919 0.3553 0.0807  -0.0434 -0.0538 1598 SER A OG  
348 N  N   . GLN A 48  ? 0.4965 0.3899 0.3244 0.0566  -0.0218 -0.0361 1599 GLN A N   
349 C  CA  . GLN A 48  ? 0.4758 0.4037 0.3219 0.0528  -0.0128 -0.0370 1599 GLN A CA  
350 C  C   . GLN A 48  ? 0.4631 0.4091 0.3238 0.0419  -0.0057 -0.0255 1599 GLN A C   
351 O  O   . GLN A 48  ? 0.4646 0.4308 0.3337 0.0388  0.0029  -0.0238 1599 GLN A O   
352 C  CB  . GLN A 48  ? 0.4736 0.3969 0.3063 0.0490  -0.0127 -0.0400 1599 GLN A CB  
353 C  CG  . GLN A 48  ? 0.5082 0.4147 0.3272 0.0606  -0.0189 -0.0533 1599 GLN A CG  
354 C  CD  . GLN A 48  ? 0.5084 0.4364 0.3402 0.0739  -0.0135 -0.0661 1599 GLN A CD  
355 O  OE1 . GLN A 48  ? 0.4852 0.4398 0.3383 0.0729  -0.0039 -0.0655 1599 GLN A OE1 
356 N  NE2 . GLN A 48  ? 0.5345 0.4513 0.3564 0.0855  -0.0184 -0.0799 1599 GLN A NE2 
357 N  N   . TRP A 49  ? 0.4731 0.4078 0.3332 0.0369  -0.0076 -0.0178 1600 TRP A N   
358 C  CA  . TRP A 49  ? 0.4312 0.3823 0.3066 0.0280  -0.0018 -0.0085 1600 TRP A CA  
359 C  C   . TRP A 49  ? 0.4151 0.3873 0.3099 0.0337  0.0022  -0.0117 1600 TRP A C   
360 O  O   . TRP A 49  ? 0.4151 0.3860 0.3133 0.0449  -0.0032 -0.0210 1600 TRP A O   
361 C  CB  . TRP A 49  ? 0.4356 0.3686 0.3047 0.0222  -0.0023 -0.0022 1600 TRP A CB  
362 C  CG  . TRP A 49  ? 0.4319 0.3464 0.2917 0.0114  -0.0015 -0.0005 1600 TRP A CG  
363 C  CD1 . TRP A 49  ? 0.4332 0.3420 0.2876 0.0087  -0.0047 -0.0059 1600 TRP A CD1 
364 C  CD2 . TRP A 49  ? 0.4499 0.3493 0.3074 0.0009  0.0048  0.0042  1600 TRP A CD2 
365 N  NE1 . TRP A 49  ? 0.4551 0.3482 0.3097 -0.0042 -0.0017 -0.0062 1600 TRP A NE1 
366 C  CE2 . TRP A 49  ? 0.4681 0.3555 0.3252 -0.0101 0.0063  0.0003  1600 TRP A CE2 
367 C  CE3 . TRP A 49  ? 0.4600 0.3549 0.3168 -0.0009 0.0108  0.0099  1600 TRP A CE3 
368 C  CZ2 . TRP A 49  ? 0.4903 0.3631 0.3509 -0.0251 0.0169  0.0011  1600 TRP A CZ2 
369 C  CZ3 . TRP A 49  ? 0.4813 0.3592 0.3346 -0.0141 0.0215  0.0122  1600 TRP A CZ3 
370 C  CH2 . TRP A 49  ? 0.4931 0.3610 0.3508 -0.0271 0.0261  0.0075  1600 TRP A CH2 
371 N  N   . PRO A 50  ? 0.3876 0.3777 0.2963 0.0265  0.0105  -0.0054 1601 PRO A N   
372 C  CA  . PRO A 50  ? 0.3755 0.3823 0.3068 0.0281  0.0152  -0.0085 1601 PRO A CA  
373 C  C   . PRO A 50  ? 0.3805 0.3779 0.3117 0.0316  0.0069  -0.0083 1601 PRO A C   
374 O  O   . PRO A 50  ? 0.3923 0.3715 0.3068 0.0275  0.0041  -0.0010 1601 PRO A O   
375 C  CB  . PRO A 50  ? 0.3689 0.3839 0.3054 0.0184  0.0249  0.0017  1601 PRO A CB  
376 C  CG  . PRO A 50  ? 0.3720 0.3782 0.2878 0.0161  0.0239  0.0067  1601 PRO A CG  
377 C  CD  . PRO A 50  ? 0.3798 0.3719 0.2833 0.0183  0.0136  0.0033  1601 PRO A CD  
378 N  N   . ARG A 51  ? 0.3907 0.3993 0.3400 0.0393  0.0036  -0.0184 1602 ARG A N   
379 C  CA  . ARG A 51  ? 0.4125 0.4092 0.3555 0.0456  -0.0061 -0.0197 1602 ARG A CA  
380 C  C   . ARG A 51  ? 0.3842 0.3955 0.3471 0.0377  0.0002  -0.0158 1602 ARG A C   
381 O  O   . ARG A 51  ? 0.3526 0.3824 0.3364 0.0292  0.0113  -0.0141 1602 ARG A O   
382 C  CB  . ARG A 51  ? 0.4250 0.4233 0.3743 0.0635  -0.0201 -0.0373 1602 ARG A CB  
383 C  CG  . ARG A 51  ? 0.4712 0.4550 0.4034 0.0744  -0.0277 -0.0441 1602 ARG A CG  
384 C  CD  . ARG A 51  ? 0.5027 0.4488 0.3934 0.0700  -0.0277 -0.0303 1602 ARG A CD  
385 N  NE  . ARG A 51  ? 0.5369 0.4624 0.4079 0.0814  -0.0363 -0.0372 1602 ARG A NE  
386 C  CZ  . ARG A 51  ? 0.5631 0.4601 0.4063 0.0754  -0.0336 -0.0292 1602 ARG A CZ  
387 N  NH1 . ARG A 51  ? 0.5442 0.4338 0.3803 0.0577  -0.0227 -0.0158 1602 ARG A NH1 
388 N  NH2 . ARG A 51  ? 0.5898 0.4663 0.4159 0.0876  -0.0424 -0.0373 1602 ARG A NH2 
389 N  N   . ALA A 52  ? 0.4063 0.4043 0.3580 0.0411  -0.0059 -0.0143 1603 ALA A N   
390 C  CA  . ALA A 52  ? 0.3894 0.3988 0.3590 0.0353  -0.0016 -0.0124 1603 ALA A CA  
391 C  C   . ALA A 52  ? 0.3840 0.4207 0.3920 0.0348  0.0013  -0.0244 1603 ALA A C   
392 O  O   . ALA A 52  ? 0.3816 0.4288 0.4078 0.0243  0.0124  -0.0195 1603 ALA A O   
393 C  CB  . ALA A 52  ? 0.4352 0.4239 0.3827 0.0434  -0.0103 -0.0140 1603 ALA A CB  
394 N  N   . GLU A 53  ? 0.3938 0.4402 0.4157 0.0461  -0.0078 -0.0416 1604 GLU A N   
395 C  CA  . GLU A 53  ? 0.3805 0.4568 0.4483 0.0438  -0.0025 -0.0583 1604 GLU A CA  
396 C  C   . GLU A 53  ? 0.3702 0.4598 0.4534 0.0305  0.0190  -0.0545 1604 GLU A C   
397 O  O   . GLU A 53  ? 0.3536 0.4643 0.4743 0.0229  0.0316  -0.0658 1604 GLU A O   
398 C  CB  . GLU A 53  ? 0.3914 0.4781 0.4754 0.0621  -0.0207 -0.0827 1604 GLU A CB  
399 N  N   . ASP A 54  ? 0.3486 0.4235 0.4014 0.0273  0.0242  -0.0399 1605 ASP A N   
400 C  CA  . ASP A 54  ? 0.3611 0.4413 0.4156 0.0176  0.0434  -0.0357 1605 ASP A CA  
401 C  C   . ASP A 54  ? 0.3629 0.4312 0.4042 0.0054  0.0557  -0.0177 1605 ASP A C   
402 O  O   . ASP A 54  ? 0.3850 0.4486 0.4170 -0.0016 0.0719  -0.0118 1605 ASP A O   
403 C  CB  . ASP A 54  ? 0.3667 0.4358 0.3932 0.0232  0.0398  -0.0327 1605 ASP A CB  
404 C  CG  . ASP A 54  ? 0.3846 0.4625 0.4227 0.0371  0.0292  -0.0518 1605 ASP A CG  
405 O  OD1 . ASP A 54  ? 0.4062 0.5091 0.4821 0.0384  0.0355  -0.0705 1605 ASP A OD1 
406 O  OD2 . ASP A 54  ? 0.3890 0.4482 0.4002 0.0467  0.0149  -0.0498 1605 ASP A OD2 
407 N  N   . VAL A 55  ? 0.3663 0.4264 0.4029 0.0046  0.0480  -0.0093 1606 VAL A N   
408 C  CA  . VAL A 55  ? 0.3639 0.4113 0.3871 -0.0030 0.0548  0.0067  1606 VAL A CA  
409 C  C   . VAL A 55  ? 0.3773 0.4255 0.4182 -0.0063 0.0550  0.0068  1606 VAL A C   
410 O  O   . VAL A 55  ? 0.3675 0.4223 0.4207 -0.0010 0.0442  -0.0022 1606 VAL A O   
411 C  CB  . VAL A 55  ? 0.3588 0.3930 0.3537 0.0001  0.0442  0.0180  1606 VAL A CB  
412 C  CG1 . VAL A 55  ? 0.3401 0.3700 0.3151 0.0028  0.0437  0.0178  1606 VAL A CG1 
413 C  CG2 . VAL A 55  ? 0.3355 0.3681 0.3302 0.0045  0.0320  0.0153  1606 VAL A CG2 
414 N  N   . ASP A 56  ? 0.3990 0.4358 0.4358 -0.0136 0.0664  0.0168  1607 ASP A N   
415 C  CA  . ASP A 56  ? 0.4088 0.4397 0.4553 -0.0158 0.0652  0.0203  1607 ASP A CA  
416 C  C   . ASP A 56  ? 0.4087 0.4275 0.4331 -0.0112 0.0557  0.0329  1607 ASP A C   
417 O  O   . ASP A 56  ? 0.4056 0.4155 0.4061 -0.0087 0.0535  0.0412  1607 ASP A O   
418 C  CB  . ASP A 56  ? 0.4464 0.4652 0.5003 -0.0259 0.0840  0.0232  1607 ASP A CB  
419 C  CG  . ASP A 56  ? 0.4532 0.4893 0.5482 -0.0328 0.0928  0.0049  1607 ASP A CG  
420 O  OD1 . ASP A 56  ? 0.4509 0.5057 0.5677 -0.0266 0.0784  -0.0092 1607 ASP A OD1 
421 O  OD2 . ASP A 56  ? 0.4859 0.5145 0.5904 -0.0445 0.1145  0.0037  1607 ASP A OD2 
422 N  N   . LEU A 57  ? 0.3898 0.4098 0.4248 -0.0092 0.0492  0.0315  1608 LEU A N   
423 C  CA  . LEU A 57  ? 0.3773 0.3900 0.4024 -0.0052 0.0420  0.0394  1608 LEU A CA  
424 C  C   . LEU A 57  ? 0.3716 0.3721 0.4046 -0.0063 0.0462  0.0426  1608 LEU A C   
425 O  O   . LEU A 57  ? 0.3741 0.3790 0.4270 -0.0088 0.0485  0.0345  1608 LEU A O   
426 C  CB  . LEU A 57  ? 0.3541 0.3766 0.3824 -0.0019 0.0338  0.0339  1608 LEU A CB  
427 C  CG  . LEU A 57  ? 0.3696 0.3927 0.3969 0.0010  0.0283  0.0369  1608 LEU A CG  
428 C  CD1 . LEU A 57  ? 0.3764 0.3973 0.3906 0.0026  0.0233  0.0418  1608 LEU A CD1 
429 C  CD2 . LEU A 57  ? 0.3567 0.3858 0.3864 0.0005  0.0282  0.0301  1608 LEU A CD2 
430 N  N   . GLU A 58  ? 0.3704 0.3523 0.3855 -0.0030 0.0455  0.0531  1609 GLU A N   
431 C  CA  . GLU A 58  ? 0.3905 0.3515 0.4057 -0.0022 0.0488  0.0579  1609 GLU A CA  
432 C  C   . GLU A 58  ? 0.3901 0.3493 0.4037 0.0090  0.0344  0.0596  1609 GLU A C   
433 O  O   . GLU A 58  ? 0.4117 0.3760 0.4149 0.0159  0.0237  0.0610  1609 GLU A O   
434 C  CB  . GLU A 58  ? 0.4221 0.3515 0.4096 -0.0057 0.0617  0.0691  1609 GLU A CB  
435 N  N   . TRP A 59  ? 0.3886 0.3432 0.4176 0.0110  0.0334  0.0562  1610 TRP A N   
436 C  CA  . TRP A 59  ? 0.3869 0.3413 0.4212 0.0228  0.0207  0.0544  1610 TRP A CA  
437 C  C   . TRP A 59  ? 0.4426 0.3596 0.4587 0.0290  0.0204  0.0635  1610 TRP A C   
438 O  O   . TRP A 59  ? 0.4424 0.3421 0.4624 0.0215  0.0320  0.0644  1610 TRP A O   
439 C  CB  . TRP A 59  ? 0.3632 0.3381 0.4259 0.0222  0.0208  0.0419  1610 TRP A CB  
440 C  CG  . TRP A 59  ? 0.3731 0.3484 0.4477 0.0340  0.0111  0.0370  1610 TRP A CG  
441 C  CD1 . TRP A 59  ? 0.3750 0.3546 0.4501 0.0456  -0.0020 0.0361  1610 TRP A CD1 
442 C  CD2 . TRP A 59  ? 0.3848 0.3584 0.4769 0.0370  0.0122  0.0290  1610 TRP A CD2 
443 N  NE1 . TRP A 59  ? 0.3912 0.3737 0.4857 0.0561  -0.0087 0.0274  1610 TRP A NE1 
444 C  CE2 . TRP A 59  ? 0.3792 0.3567 0.4822 0.0508  0.0009  0.0238  1610 TRP A CE2 
445 C  CE3 . TRP A 59  ? 0.3794 0.3496 0.4807 0.0305  0.0201  0.0229  1610 TRP A CE3 
446 C  CZ2 . TRP A 59  ? 0.3990 0.3761 0.5206 0.0582  -0.0007 0.0141  1610 TRP A CZ2 
447 C  CZ3 . TRP A 59  ? 0.3910 0.3589 0.5076 0.0374  0.0178  0.0137  1610 TRP A CZ3 
448 C  CH2 . TRP A 59  ? 0.3913 0.3621 0.5169 0.0510  0.0085  0.0100  1610 TRP A CH2 
449 N  N   . PHE A 60  ? 0.4828 0.3847 0.4785 0.0434  0.0062  0.0689  1611 PHE A N   
450 C  CA  . PHE A 60  ? 0.5501 0.4078 0.5185 0.0541  0.0020  0.0784  1611 PHE A CA  
451 C  C   . PHE A 60  ? 0.5392 0.4033 0.5341 0.0654  -0.0094 0.0686  1611 PHE A C   
452 O  O   . PHE A 60  ? 0.5267 0.4017 0.5294 0.0822  -0.0289 0.0616  1611 PHE A O   
453 C  CB  . PHE A 60  ? 0.6134 0.4471 0.5403 0.0696  -0.0131 0.0870  1611 PHE A CB  
454 C  CG  . PHE A 60  ? 0.6439 0.4780 0.5464 0.0604  -0.0037 0.0931  1611 PHE A CG  
455 C  CD1 . PHE A 60  ? 0.6554 0.4855 0.5566 0.0408  0.0220  0.0976  1611 PHE A CD1 
456 C  CD2 . PHE A 60  ? 0.6687 0.5083 0.5527 0.0724  -0.0212 0.0917  1611 PHE A CD2 
457 C  CE1 . PHE A 60  ? 0.6683 0.5005 0.5492 0.0338  0.0314  0.1010  1611 PHE A CE1 
458 C  CE2 . PHE A 60  ? 0.6797 0.5181 0.5393 0.0652  -0.0129 0.0963  1611 PHE A CE2 
459 C  CZ  . PHE A 60  ? 0.6810 0.5153 0.5383 0.0461  0.0144  0.1014  1611 PHE A CZ  
460 N  N   . ALA A 61  ? 0.5362 0.3956 0.5486 0.0562  0.0027  0.0651  1612 ALA A N   
461 C  CA  . ALA A 61  ? 0.5433 0.4081 0.5813 0.0653  -0.0048 0.0542  1612 ALA A CA  
462 C  C   . ALA A 61  ? 0.6150 0.4352 0.6289 0.0838  -0.0174 0.0610  1612 ALA A C   
463 O  O   . ALA A 61  ? 0.6259 0.4553 0.6588 0.1005  -0.0329 0.0504  1612 ALA A O   
464 C  CB  . ALA A 61  ? 0.5329 0.4010 0.5919 0.0511  0.0101  0.0474  1612 ALA A CB  
465 N  N   . SER A 62  ? 0.6744 0.4430 0.6446 0.0813  -0.0094 0.0780  1613 SER A N   
466 C  CA  . SER A 62  ? 0.7447 0.4544 0.6743 0.1005  -0.0211 0.0885  1613 SER A CA  
467 C  C   . SER A 62  ? 0.7975 0.4662 0.6679 0.1043  -0.0204 0.1063  1613 SER A C   
468 O  O   . SER A 62  ? 0.7719 0.4656 0.6405 0.0934  -0.0130 0.1078  1613 SER A O   
469 C  CB  . SER A 62  ? 0.7725 0.4397 0.6984 0.0918  -0.0055 0.0923  1613 SER A CB  
470 N  N   . SER A 63  ? 0.8757 0.4767 0.6922 0.1216  -0.0284 0.1196  1614 SER A N   
471 C  CA  . SER A 63  ? 0.9418 0.4882 0.6871 0.1253  -0.0234 0.1389  1614 SER A CA  
472 C  C   . SER A 63  ? 0.9580 0.4788 0.6884 0.0942  0.0172  0.1506  1614 SER A C   
473 O  O   . SER A 63  ? 0.9820 0.4872 0.6748 0.0863  0.0313  0.1610  1614 SER A O   
474 C  CB  . SER A 63  ? 1.0393 0.5097 0.7218 0.1546  -0.0433 0.1505  1614 SER A CB  
475 N  N   . THR A 64  ? 0.9504 0.4698 0.7147 0.0768  0.0357  0.1458  1615 THR A N   
476 C  CA  . THR A 64  ? 0.9714 0.4658 0.7323 0.0470  0.0746  0.1520  1615 THR A CA  
477 C  C   . THR A 64  ? 0.8919 0.4566 0.7253 0.0226  0.0884  0.1334  1615 THR A C   
478 O  O   . THR A 64  ? 0.8907 0.4492 0.7357 -0.0026 0.1187  0.1325  1615 THR A O   
479 C  CB  . THR A 64  ? 1.0366 0.4615 0.7760 0.0443  0.0874  0.1597  1615 THR A CB  
480 N  N   . GLN A 65  ? 0.8231 0.4520 0.7039 0.0309  0.0666  0.1174  1616 GLN A N   
481 C  CA  . GLN A 65  ? 0.7678 0.4557 0.7085 0.0136  0.0742  0.0994  1616 GLN A CA  
482 C  C   . GLN A 65  ? 0.7230 0.4667 0.6793 0.0168  0.0626  0.0929  1616 GLN A C   
483 O  O   . GLN A 65  ? 0.7039 0.4678 0.6618 0.0343  0.0402  0.0899  1616 GLN A O   
484 C  CB  . GLN A 65  ? 0.7469 0.4503 0.7260 0.0188  0.0632  0.0848  1616 GLN A CB  
485 N  N   . SER A 66  ? 0.7049 0.4726 0.6749 -0.0003 0.0785  0.0889  1617 SER A N   
486 C  CA  . SER A 66  ? 0.6633 0.4814 0.6512 0.0008  0.0694  0.0809  1617 SER A CA  
487 C  C   . SER A 66  ? 0.6221 0.4770 0.6544 -0.0131 0.0773  0.0642  1617 SER A C   
488 O  O   . SER A 66  ? 0.6402 0.4848 0.6871 -0.0282 0.0954  0.0596  1617 SER A O   
489 C  CB  . SER A 66  ? 0.6848 0.4949 0.6390 -0.0008 0.0759  0.0911  1617 SER A CB  
490 O  OG  . SER A 66  ? 0.7041 0.5156 0.6673 -0.0198 0.1004  0.0882  1617 SER A OG  
491 N  N   . TYR A 67  ? 0.5717 0.4667 0.6250 -0.0077 0.0637  0.0535  1618 TYR A N   
492 C  CA  . TYR A 67  ? 0.5402 0.4654 0.6267 -0.0155 0.0658  0.0370  1618 TYR A CA  
493 C  C   . TYR A 67  ? 0.4966 0.4492 0.5811 -0.0158 0.0629  0.0344  1618 TYR A C   
494 O  O   . TYR A 67  ? 0.4761 0.4377 0.5457 -0.0074 0.0528  0.0394  1618 TYR A O   
495 C  CB  . TYR A 67  ? 0.5476 0.4853 0.6524 -0.0078 0.0540  0.0256  1618 TYR A CB  
496 C  CG  . TYR A 67  ? 0.5992 0.5077 0.7019 -0.0027 0.0529  0.0289  1618 TYR A CG  
497 C  CD1 . TYR A 67  ? 0.6525 0.5257 0.7512 -0.0119 0.0664  0.0342  1618 TYR A CD1 
498 C  CD2 . TYR A 67  ? 0.6067 0.5204 0.7116 0.0108  0.0403  0.0256  1618 TYR A CD2 
499 C  CE1 . TYR A 67  ? 0.6927 0.5315 0.7843 -0.0059 0.0646  0.0380  1618 TYR A CE1 
500 C  CE2 . TYR A 67  ? 0.6427 0.5284 0.7463 0.0184  0.0372  0.0271  1618 TYR A CE2 
501 C  CZ  . TYR A 67  ? 0.6915 0.5376 0.7860 0.0108  0.0480  0.0341  1618 TYR A CZ  
502 O  OH  . TYR A 67  ? 0.7380 0.5489 0.8262 0.0193  0.0444  0.0362  1618 TYR A OH  
503 N  N   . ILE A 68  ? 0.4615 0.4268 0.5633 -0.0255 0.0719  0.0249  1619 ILE A N   
504 C  CA  . ILE A 68  ? 0.4325 0.4214 0.5338 -0.0242 0.0681  0.0201  1619 ILE A CA  
505 C  C   . ILE A 68  ? 0.4069 0.4160 0.5197 -0.0166 0.0535  0.0072  1619 ILE A C   
506 O  O   . ILE A 68  ? 0.4130 0.4268 0.5472 -0.0170 0.0507  -0.0064 1619 ILE A O   
507 C  CB  . ILE A 68  ? 0.4340 0.4303 0.5531 -0.0354 0.0828  0.0116  1619 ILE A CB  
508 C  CG1 . ILE A 68  ? 0.4691 0.4377 0.5635 -0.0429 0.1015  0.0268  1619 ILE A CG1 
509 C  CG2 . ILE A 68  ? 0.4109 0.4321 0.5330 -0.0305 0.0750  0.0028  1619 ILE A CG2 
510 C  CD1 . ILE A 68  ? 0.5003 0.4661 0.6182 -0.0591 0.1253  0.0178  1619 ILE A CD1 
511 N  N   . LEU A 69  ? 0.3882 0.4046 0.4826 -0.0093 0.0450  0.0111  1620 LEU A N   
512 C  CA  . LEU A 69  ? 0.3837 0.4079 0.4749 -0.0018 0.0348  0.0030  1620 LEU A CA  
513 C  C   . LEU A 69  ? 0.3896 0.4236 0.4781 0.0015  0.0292  -0.0065 1620 LEU A C   
514 O  O   . LEU A 69  ? 0.3880 0.4238 0.4629 0.0015  0.0296  -0.0011 1620 LEU A O   
515 C  CB  . LEU A 69  ? 0.3768 0.3985 0.4507 0.0023  0.0326  0.0119  1620 LEU A CB  
516 C  CG  . LEU A 69  ? 0.3760 0.3890 0.4521 0.0033  0.0339  0.0205  1620 LEU A CG  
517 C  CD1 . LEU A 69  ? 0.3822 0.4014 0.4513 0.0073  0.0303  0.0237  1620 LEU A CD1 
518 C  CD2 . LEU A 69  ? 0.3986 0.4058 0.4888 0.0052  0.0338  0.0141  1620 LEU A CD2 
519 N  N   . ARG A 70  ? 0.3827 0.4220 0.4836 0.0060  0.0215  -0.0227 1621 ARG A N   
520 C  CA  . ARG A 70  ? 0.3870 0.4331 0.4842 0.0140  0.0108  -0.0350 1621 ARG A CA  
521 C  C   . ARG A 70  ? 0.3957 0.4319 0.4715 0.0267  -0.0023 -0.0442 1621 ARG A C   
522 O  O   . ARG A 70  ? 0.3782 0.4080 0.4525 0.0274  -0.0018 -0.0454 1621 ARG A O   
523 C  CB  . ARG A 70  ? 0.3774 0.4404 0.5136 0.0098  0.0113  -0.0518 1621 ARG A CB  
524 C  CG  . ARG A 70  ? 0.3887 0.4578 0.5360 -0.0011 0.0266  -0.0446 1621 ARG A CG  
525 N  N   . ASP A 71  ? 0.4186 0.4492 0.4727 0.0380  -0.0142 -0.0508 1622 ASP A N   
526 C  CA  . ASP A 71  ? 0.4603 0.4732 0.4830 0.0535  -0.0287 -0.0609 1622 ASP A CA  
527 C  C   . ASP A 71  ? 0.4658 0.4880 0.5141 0.0594  -0.0408 -0.0819 1622 ASP A C   
528 O  O   . ASP A 71  ? 0.4813 0.4893 0.5104 0.0652  -0.0441 -0.0855 1622 ASP A O   
529 C  CB  . ASP A 71  ? 0.4850 0.4859 0.4798 0.0676  -0.0426 -0.0661 1622 ASP A CB  
530 C  CG  . ASP A 71  ? 0.5046 0.4808 0.4556 0.0658  -0.0332 -0.0477 1622 ASP A CG  
531 O  OD1 . ASP A 71  ? 0.4922 0.4658 0.4396 0.0534  -0.0162 -0.0332 1622 ASP A OD1 
532 O  OD2 . ASP A 71  ? 0.5289 0.4879 0.4512 0.0772  -0.0433 -0.0498 1622 ASP A OD2 
533 N  N   . LEU A 72  ? 0.4490 0.4951 0.5420 0.0573  -0.0465 -0.0983 1623 LEU A N   
534 C  CA  . LEU A 72  ? 0.4573 0.5166 0.5851 0.0610  -0.0587 -0.1230 1623 LEU A CA  
535 C  C   . LEU A 72  ? 0.4295 0.5106 0.6136 0.0408  -0.0416 -0.1256 1623 LEU A C   
536 O  O   . LEU A 72  ? 0.4247 0.5197 0.6308 0.0310  -0.0300 -0.1225 1623 LEU A O   
537 C  CB  . LEU A 72  ? 0.4748 0.5423 0.6077 0.0806  -0.0854 -0.1493 1623 LEU A CB  
538 C  CG  . LEU A 72  ? 0.5144 0.5485 0.5813 0.1052  -0.1064 -0.1504 1623 LEU A CG  
539 C  CD1 . LEU A 72  ? 0.5403 0.5806 0.6112 0.1277  -0.1356 -0.1757 1623 LEU A CD1 
540 C  CD2 . LEU A 72  ? 0.5336 0.5495 0.5776 0.1120  -0.1126 -0.1562 1623 LEU A CD2 
541 N  N   . ASP A 73  ? 0.4440 0.5229 0.6467 0.0344  -0.0381 -0.1310 1624 ASP A N   
542 C  CA  . ASP A 73  ? 0.4344 0.5255 0.6884 0.0154  -0.0219 -0.1369 1624 ASP A CA  
543 C  C   . ASP A 73  ? 0.4609 0.5493 0.7359 0.0159  -0.0297 -0.1549 1624 ASP A C   
544 O  O   . ASP A 73  ? 0.4700 0.5510 0.7205 0.0334  -0.0504 -0.1661 1624 ASP A O   
545 C  CB  . ASP A 73  ? 0.4222 0.4996 0.6642 -0.0003 0.0034  -0.1076 1624 ASP A CB  
546 C  CG  . ASP A 73  ? 0.4222 0.4769 0.6290 0.0029  0.0057  -0.0889 1624 ASP A CG  
547 O  OD1 . ASP A 73  ? 0.4216 0.4700 0.6260 0.0100  -0.0040 -0.0992 1624 ASP A OD1 
548 O  OD2 . ASP A 73  ? 0.4169 0.4615 0.6009 -0.0010 0.0168  -0.0662 1624 ASP A OD2 
549 N  N   . ASP A 74  ? 0.4842 0.5735 0.7996 -0.0029 -0.0126 -0.1580 1625 ASP A N   
550 C  CA  . ASP A 74  ? 0.5098 0.5964 0.8531 -0.0048 -0.0189 -0.1784 1625 ASP A CA  
551 C  C   . ASP A 74  ? 0.5126 0.5721 0.8192 0.0011  -0.0192 -0.1637 1625 ASP A C   
552 O  O   . ASP A 74  ? 0.5243 0.5778 0.8491 0.0008  -0.0247 -0.1799 1625 ASP A O   
553 C  CB  . ASP A 74  ? 0.5304 0.6220 0.9309 -0.0294 0.0031  -0.1880 1625 ASP A CB  
554 C  CG  . ASP A 74  ? 0.5329 0.6587 0.9851 -0.0353 0.0029  -0.2135 1625 ASP A CG  
555 O  OD1 . ASP A 74  ? 0.5310 0.6728 0.9683 -0.0216 -0.0100 -0.2148 1625 ASP A OD1 
556 O  OD2 . ASP A 74  ? 0.5576 0.6940 1.0684 -0.0541 0.0167  -0.2343 1625 ASP A OD2 
557 N  N   . THR A 75  ? 0.4951 0.5404 0.7548 0.0064  -0.0132 -0.1366 1626 THR A N   
558 C  CA  . THR A 75  ? 0.5001 0.5263 0.7281 0.0148  -0.0145 -0.1275 1626 THR A CA  
559 C  C   . THR A 75  ? 0.4955 0.5187 0.6805 0.0342  -0.0304 -0.1321 1626 THR A C   
560 O  O   . THR A 75  ? 0.5027 0.5115 0.6591 0.0417  -0.0293 -0.1273 1626 THR A O   
561 C  CB  . THR A 75  ? 0.4940 0.5063 0.7019 0.0088  0.0027  -0.0980 1626 THR A CB  
562 O  OG1 . THR A 75  ? 0.4557 0.4729 0.6328 0.0138  0.0031  -0.0835 1626 THR A OG1 
563 C  CG2 . THR A 75  ? 0.4993 0.5042 0.7331 -0.0085 0.0197  -0.0892 1626 THR A CG2 
564 N  N   . SER A 76  ? 0.4864 0.5198 0.6643 0.0428  -0.0439 -0.1420 1627 SER A N   
565 C  CA  . SER A 76  ? 0.5116 0.5316 0.6373 0.0621  -0.0582 -0.1441 1627 SER A CA  
566 C  C   . SER A 76  ? 0.5573 0.5657 0.6693 0.0766  -0.0749 -0.1662 1627 SER A C   
567 O  O   . SER A 76  ? 0.5622 0.5831 0.7147 0.0766  -0.0877 -0.1911 1627 SER A O   
568 C  CB  . SER A 76  ? 0.5182 0.5472 0.6395 0.0713  -0.0728 -0.1525 1627 SER A CB  
569 O  OG  . SER A 76  ? 0.4922 0.5291 0.6183 0.0600  -0.0579 -0.1329 1627 SER A OG  
570 N  N   . VAL A 77  ? 0.5818 0.5657 0.6371 0.0885  -0.0735 -0.1587 1628 VAL A N   
571 C  CA  . VAL A 77  ? 0.6201 0.5859 0.6445 0.1066  -0.0901 -0.1789 1628 VAL A CA  
572 C  C   . VAL A 77  ? 0.6450 0.6103 0.6593 0.1257  -0.1210 -0.2028 1628 VAL A C   
573 O  O   . VAL A 77  ? 0.6452 0.6064 0.6360 0.1324  -0.1266 -0.1959 1628 VAL A O   
574 C  CB  . VAL A 77  ? 0.6505 0.5857 0.6075 0.1146  -0.0771 -0.1647 1628 VAL A CB  
575 C  CG1 . VAL A 77  ? 0.7178 0.6254 0.6245 0.1375  -0.0957 -0.1856 1628 VAL A CG1 
576 C  CG2 . VAL A 77  ? 0.6293 0.5694 0.6051 0.1003  -0.0521 -0.1505 1628 VAL A CG2 
577 N  N   . VAL A 78  ? 0.6650 0.6353 0.7004 0.1355  -0.1430 -0.2331 1629 VAL A N   
578 C  CA  . VAL A 78  ? 0.6993 0.6686 0.7244 0.1590  -0.1786 -0.2620 1629 VAL A CA  
579 C  C   . VAL A 78  ? 0.7679 0.6975 0.7181 0.1840  -0.1940 -0.2719 1629 VAL A C   
580 O  O   . VAL A 78  ? 0.7691 0.6925 0.7216 0.1825  -0.1900 -0.2800 1629 VAL A O   
581 C  CB  . VAL A 78  ? 0.6810 0.6873 0.7903 0.1526  -0.1952 -0.2955 1629 VAL A CB  
582 N  N   . GLU A 79  ? 0.8158 0.7130 0.6938 0.2081  -0.2107 -0.2707 1630 GLU A N   
583 C  CA  . GLU A 79  ? 0.8898 0.7368 0.6769 0.2333  -0.2214 -0.2760 1630 GLU A CA  
584 C  C   . GLU A 79  ? 0.9497 0.7749 0.6936 0.2680  -0.2652 -0.3013 1630 GLU A C   
585 O  O   . GLU A 79  ? 0.9629 0.7790 0.6849 0.2768  -0.2734 -0.2931 1630 GLU A O   
586 C  CB  . GLU A 79  ? 0.9110 0.7189 0.6241 0.2277  -0.1875 -0.2405 1630 GLU A CB  
587 N  N   . ASP A 80  ? 0.9884 0.8035 0.7191 0.2898  -0.2955 -0.3337 1631 ASP A N   
588 C  CA  . ASP A 80  ? 1.0652 0.8576 0.7526 0.3287  -0.3449 -0.3640 1631 ASP A CA  
589 C  C   . ASP A 80  ? 1.0362 0.8724 0.7956 0.3314  -0.3700 -0.3821 1631 ASP A C   
590 O  O   . ASP A 80  ? 1.0934 0.9039 0.8029 0.3590  -0.3970 -0.3865 1631 ASP A O   
591 C  CB  . ASP A 80  ? 1.1507 0.8669 0.7034 0.3543  -0.3443 -0.3438 1631 ASP A CB  
592 N  N   . GLY A 81  ? 0.9566 0.8555 0.8309 0.3025  -0.3586 -0.3920 1632 GLY A N   
593 C  CA  . GLY A 81  ? 0.9130 0.8614 0.8707 0.3011  -0.3775 -0.4150 1632 GLY A CA  
594 C  C   . GLY A 81  ? 0.8635 0.8221 0.8308 0.2851  -0.3527 -0.3845 1632 GLY A C   
595 O  O   . GLY A 81  ? 0.8390 0.8388 0.8742 0.2832  -0.3643 -0.4026 1632 GLY A O   
596 N  N   . ARG A 82  ? 0.8546 0.7780 0.7578 0.2733  -0.3180 -0.3410 1633 ARG A N   
597 C  CA  . ARG A 82  ? 0.8133 0.7427 0.7205 0.2574  -0.2933 -0.3111 1633 ARG A CA  
598 C  C   . ARG A 82  ? 0.7553 0.6968 0.6878 0.2208  -0.2465 -0.2786 1633 ARG A C   
599 O  O   . ARG A 82  ? 0.7571 0.6764 0.6562 0.2152  -0.2295 -0.2665 1633 ARG A O   
600 C  CB  . ARG A 82  ? 0.8765 0.7454 0.6759 0.2796  -0.2973 -0.2897 1633 ARG A CB  
601 C  CG  . ARG A 82  ? 0.9314 0.7865 0.7051 0.3150  -0.3406 -0.3131 1633 ARG A CG  
602 C  CD  . ARG A 82  ? 0.9963 0.7826 0.6585 0.3322  -0.3367 -0.2857 1633 ARG A CD  
603 N  NE  . ARG A 82  ? 1.0585 0.8220 0.6852 0.3710  -0.3817 -0.3072 1633 ARG A NE  
604 C  CZ  . ARG A 82  ? 1.1307 0.8623 0.7068 0.4103  -0.4265 -0.3362 1633 ARG A CZ  
605 N  NH1 . ARG A 82  ? 1.1686 0.8878 0.7230 0.4151  -0.4311 -0.3480 1633 ARG A NH1 
606 N  NH2 . ARG A 82  ? 1.1799 0.8905 0.7253 0.4477  -0.4691 -0.3554 1633 ARG A NH2 
607 N  N   . LYS A 83  ? 0.6878 0.6627 0.6763 0.1983  -0.2264 -0.2658 1634 LYS A N   
608 C  CA  . LYS A 83  ? 0.6458 0.6248 0.6444 0.1687  -0.1857 -0.2325 1634 LYS A CA  
609 C  C   . LYS A 83  ? 0.6587 0.5955 0.5764 0.1726  -0.1702 -0.2013 1634 LYS A C   
610 O  O   . LYS A 83  ? 0.6788 0.5914 0.5491 0.1910  -0.1850 -0.2000 1634 LYS A O   
611 C  CB  . LYS A 83  ? 0.6080 0.6286 0.6802 0.1455  -0.1696 -0.2283 1634 LYS A CB  
612 C  CG  . LYS A 83  ? 0.5982 0.6576 0.7559 0.1309  -0.1700 -0.2535 1634 LYS A CG  
613 C  CD  . LYS A 83  ? 0.5666 0.6527 0.7788 0.1020  -0.1400 -0.2384 1634 LYS A CD  
614 C  CE  . LYS A 83  ? 0.5571 0.6726 0.8490 0.0832  -0.1329 -0.2605 1634 LYS A CE  
615 N  NZ  . LYS A 83  ? 0.5331 0.6639 0.8643 0.0560  -0.1005 -0.2435 1634 LYS A NZ  
616 N  N   . LYS A 84  ? 0.6393 0.5664 0.5433 0.1556  -0.1405 -0.1786 1635 LYS A N   
617 C  CA  . LYS A 84  ? 0.6561 0.5508 0.5002 0.1515  -0.1176 -0.1500 1635 LYS A CA  
618 C  C   . LYS A 84  ? 0.5912 0.5120 0.4770 0.1272  -0.0937 -0.1285 1635 LYS A C   
619 O  O   . LYS A 84  ? 0.5307 0.4844 0.4780 0.1105  -0.0848 -0.1293 1635 LYS A O   
620 C  CB  . LYS A 84  ? 0.6744 0.5464 0.4832 0.1493  -0.1001 -0.1437 1635 LYS A CB  
621 N  N   . LEU A 85  ? 0.6084 0.5096 0.4564 0.1260  -0.0836 -0.1100 1636 LEU A N   
622 C  CA  . LEU A 85  ? 0.5745 0.4969 0.4549 0.1058  -0.0641 -0.0914 1636 LEU A CA  
623 C  C   . LEU A 85  ? 0.5417 0.4760 0.4444 0.0870  -0.0393 -0.0779 1636 LEU A C   
624 O  O   . LEU A 85  ? 0.5793 0.4936 0.4500 0.0881  -0.0279 -0.0742 1636 LEU A O   
625 C  CB  . LEU A 85  ? 0.6054 0.4987 0.4358 0.1088  -0.0584 -0.0760 1636 LEU A CB  
626 C  CG  . LEU A 85  ? 0.6317 0.5182 0.4504 0.1254  -0.0815 -0.0854 1636 LEU A CG  
627 C  CD1 . LEU A 85  ? 0.6611 0.5181 0.4362 0.1231  -0.0703 -0.0670 1636 LEU A CD1 
628 C  CD2 . LEU A 85  ? 0.5816 0.5150 0.4724 0.1191  -0.0895 -0.0974 1636 LEU A CD2 
629 N  N   . ASN A 86  ? 0.4883 0.4532 0.4443 0.0715  -0.0311 -0.0723 1637 ASN A N   
630 C  CA  . ASN A 86  ? 0.4594 0.4338 0.4356 0.0569  -0.0117 -0.0594 1637 ASN A CA  
631 C  C   . ASN A 86  ? 0.4574 0.4209 0.4073 0.0505  0.0043  -0.0422 1637 ASN A C   
632 O  O   . ASN A 86  ? 0.4379 0.3970 0.3744 0.0497  0.0036  -0.0354 1637 ASN A O   
633 C  CB  . ASN A 86  ? 0.4209 0.4204 0.4484 0.0443  -0.0081 -0.0562 1637 ASN A CB  
634 C  CG  . ASN A 86  ? 0.4242 0.4350 0.4882 0.0445  -0.0173 -0.0736 1637 ASN A CG  
635 O  OD1 . ASN A 86  ? 0.4397 0.4430 0.4959 0.0545  -0.0279 -0.0892 1637 ASN A OD1 
636 N  ND2 . ASN A 86  ? 0.3960 0.4220 0.4987 0.0328  -0.0113 -0.0720 1637 ASN A ND2 
637 N  N   . THR A 87  ? 0.4556 0.4162 0.4023 0.0457  0.0191  -0.0380 1638 THR A N   
638 C  CA  . THR A 87  ? 0.4432 0.4004 0.3792 0.0369  0.0364  -0.0263 1638 THR A CA  
639 C  C   . THR A 87  ? 0.4070 0.3895 0.3871 0.0273  0.0426  -0.0209 1638 THR A C   
640 O  O   . THR A 87  ? 0.4019 0.3965 0.4114 0.0280  0.0359  -0.0241 1638 THR A O   
641 C  CB  . THR A 87  ? 0.4800 0.4150 0.3803 0.0391  0.0513  -0.0294 1638 THR A CB  
642 O  OG1 . THR A 87  ? 0.4621 0.4071 0.3831 0.0415  0.0530  -0.0383 1638 THR A OG1 
643 C  CG2 . THR A 87  ? 0.5290 0.4283 0.3723 0.0523  0.0434  -0.0340 1638 THR A CG2 
644 N  N   . LEU A 88  ? 0.3941 0.3817 0.3776 0.0190  0.0547  -0.0138 1639 LEU A N   
645 C  CA  . LEU A 88  ? 0.3779 0.3871 0.3990 0.0139  0.0574  -0.0112 1639 LEU A CA  
646 C  C   . LEU A 88  ? 0.3883 0.4031 0.4268 0.0184  0.0607  -0.0199 1639 LEU A C   
647 O  O   . LEU A 88  ? 0.3984 0.4234 0.4647 0.0207  0.0535  -0.0195 1639 LEU A O   
648 C  CB  . LEU A 88  ? 0.3817 0.3966 0.4053 0.0053  0.0690  -0.0082 1639 LEU A CB  
649 C  CG  . LEU A 88  ? 0.3662 0.4037 0.4256 0.0023  0.0654  -0.0067 1639 LEU A CG  
650 C  CD1 . LEU A 88  ? 0.3441 0.3835 0.4071 0.0044  0.0507  0.0021  1639 LEU A CD1 
651 C  CD2 . LEU A 88  ? 0.3750 0.4175 0.4379 -0.0074 0.0777  -0.0091 1639 LEU A CD2 
652 N  N   . ALA A 89  ? 0.3969 0.3994 0.4133 0.0207  0.0721  -0.0278 1640 ALA A N   
653 C  CA  . ALA A 89  ? 0.4125 0.4184 0.4413 0.0261  0.0769  -0.0385 1640 ALA A CA  
654 C  C   . ALA A 89  ? 0.3985 0.3998 0.4336 0.0343  0.0615  -0.0439 1640 ALA A C   
655 O  O   . ALA A 89  ? 0.3866 0.3940 0.4444 0.0384  0.0606  -0.0506 1640 ALA A O   
656 C  CB  . ALA A 89  ? 0.4499 0.4379 0.4436 0.0262  0.0962  -0.0457 1640 ALA A CB  
657 N  N   . HIS A 90  ? 0.4091 0.3997 0.4266 0.0368  0.0493  -0.0433 1641 HIS A N   
658 C  CA  . HIS A 90  ? 0.4113 0.4007 0.4432 0.0416  0.0348  -0.0517 1641 HIS A CA  
659 C  C   . HIS A 90  ? 0.3859 0.3862 0.4573 0.0368  0.0318  -0.0466 1641 HIS A C   
660 O  O   . HIS A 90  ? 0.4003 0.3971 0.4886 0.0397  0.0279  -0.0545 1641 HIS A O   
661 C  CB  . HIS A 90  ? 0.4317 0.4157 0.4498 0.0440  0.0219  -0.0540 1641 HIS A CB  
662 C  CG  . HIS A 90  ? 0.4463 0.4344 0.4898 0.0459  0.0084  -0.0662 1641 HIS A CG  
663 N  ND1 . HIS A 90  ? 0.4773 0.4567 0.5142 0.0553  -0.0008 -0.0838 1641 HIS A ND1 
664 C  CD2 . HIS A 90  ? 0.4408 0.4400 0.5177 0.0383  0.0045  -0.0652 1641 HIS A CD2 
665 C  CE1 . HIS A 90  ? 0.4741 0.4620 0.5454 0.0525  -0.0109 -0.0945 1641 HIS A CE1 
666 N  NE2 . HIS A 90  ? 0.4535 0.4525 0.5493 0.0412  -0.0057 -0.0830 1641 HIS A NE2 
667 N  N   . TYR A 91  ? 0.3653 0.3734 0.4458 0.0304  0.0332  -0.0335 1642 TYR A N   
668 C  CA  . TYR A 91  ? 0.3705 0.3791 0.4750 0.0278  0.0310  -0.0261 1642 TYR A CA  
669 C  C   . TYR A 91  ? 0.3776 0.3901 0.4955 0.0330  0.0336  -0.0258 1642 TYR A C   
670 O  O   . TYR A 91  ? 0.3976 0.4036 0.5279 0.0350  0.0292  -0.0198 1642 TYR A O   
671 C  CB  . TYR A 91  ? 0.3524 0.3640 0.4541 0.0214  0.0305  -0.0134 1642 TYR A CB  
672 C  CG  . TYR A 91  ? 0.3463 0.3572 0.4455 0.0170  0.0275  -0.0158 1642 TYR A CG  
673 C  CD1 . TYR A 91  ? 0.3639 0.3689 0.4814 0.0123  0.0272  -0.0191 1642 TYR A CD1 
674 C  CD2 . TYR A 91  ? 0.3453 0.3603 0.4264 0.0175  0.0258  -0.0168 1642 TYR A CD2 
675 C  CE1 . TYR A 91  ? 0.3558 0.3669 0.4820 0.0076  0.0255  -0.0265 1642 TYR A CE1 
676 C  CE2 . TYR A 91  ? 0.3555 0.3734 0.4402 0.0163  0.0204  -0.0230 1642 TYR A CE2 
677 C  CZ  . TYR A 91  ? 0.3444 0.3641 0.4556 0.0112  0.0205  -0.0292 1642 TYR A CZ  
678 O  OH  . TYR A 91  ? 0.3704 0.3992 0.4950 0.0096  0.0163  -0.0399 1642 TYR A OH  
679 N  N   . LYS A 92  ? 0.3941 0.4150 0.5080 0.0360  0.0414  -0.0337 1643 LYS A N   
680 C  CA  . LYS A 92  ? 0.3952 0.4280 0.5299 0.0413  0.0450  -0.0387 1643 LYS A CA  
681 C  C   . LYS A 92  ? 0.3861 0.4282 0.5349 0.0415  0.0386  -0.0299 1643 LYS A C   
682 O  O   . LYS A 92  ? 0.3974 0.4396 0.5647 0.0506  0.0300  -0.0311 1643 LYS A O   
683 C  CB  . LYS A 92  ? 0.4112 0.4364 0.5610 0.0506  0.0411  -0.0483 1643 LYS A CB  
684 C  CG  . LYS A 92  ? 0.4330 0.4508 0.5678 0.0528  0.0472  -0.0614 1643 LYS A CG  
685 C  CD  . LYS A 92  ? 0.4394 0.4623 0.5893 0.0619  0.0532  -0.0762 1643 LYS A CD  
686 N  N   . ILE A 93  ? 0.3723 0.4194 0.5090 0.0336  0.0407  -0.0223 1644 ILE A N   
687 C  CA  . ILE A 93  ? 0.3655 0.4209 0.5110 0.0341  0.0332  -0.0158 1644 ILE A CA  
688 C  C   . ILE A 93  ? 0.3596 0.4386 0.5344 0.0379  0.0357  -0.0286 1644 ILE A C   
689 O  O   . ILE A 93  ? 0.3570 0.4481 0.5360 0.0305  0.0512  -0.0374 1644 ILE A O   
690 C  CB  . ILE A 93  ? 0.3560 0.4112 0.4823 0.0246  0.0356  -0.0075 1644 ILE A CB  
691 C  CG1 . ILE A 93  ? 0.3560 0.3945 0.4612 0.0212  0.0339  0.0003  1644 ILE A CG1 
692 C  CG2 . ILE A 93  ? 0.3547 0.4172 0.4883 0.0267  0.0257  -0.0031 1644 ILE A CG2 
693 C  CD1 . ILE A 93  ? 0.3582 0.3825 0.4654 0.0243  0.0267  0.0072  1644 ILE A CD1 
694 N  N   . PRO A 94  ? 0.3627 0.4459 0.5574 0.0499  0.0209  -0.0310 1645 PRO A N   
695 C  CA  . PRO A 94  ? 0.3662 0.4777 0.5990 0.0556  0.0203  -0.0484 1645 PRO A CA  
696 C  C   . PRO A 94  ? 0.3640 0.4959 0.6092 0.0480  0.0205  -0.0521 1645 PRO A C   
697 O  O   . PRO A 94  ? 0.3462 0.4667 0.5664 0.0420  0.0163  -0.0389 1645 PRO A O   
698 C  CB  . PRO A 94  ? 0.3826 0.4856 0.6265 0.0753  -0.0017 -0.0497 1645 PRO A CB  
699 C  CG  . PRO A 94  ? 0.3962 0.4650 0.6013 0.0760  -0.0114 -0.0288 1645 PRO A CG  
700 C  CD  . PRO A 94  ? 0.3791 0.4379 0.5601 0.0598  0.0045  -0.0194 1645 PRO A CD  
701 N  N   . GLU A 95  ? 0.3670 0.5301 0.6545 0.0476  0.0267  -0.0726 1646 GLU A N   
702 C  CA  . GLU A 95  ? 0.3764 0.5636 0.6888 0.0407  0.0257  -0.0824 1646 GLU A CA  
703 C  C   . GLU A 95  ? 0.3775 0.5620 0.6899 0.0570  -0.0063 -0.0793 1646 GLU A C   
704 O  O   . GLU A 95  ? 0.3857 0.5621 0.7010 0.0770  -0.0261 -0.0803 1646 GLU A O   
705 C  CB  . GLU A 95  ? 0.3871 0.6118 0.7555 0.0371  0.0406  -0.1102 1646 GLU A CB  
706 C  CG  . GLU A 95  ? 0.4056 0.6613 0.8143 0.0275  0.0420  -0.1273 1646 GLU A CG  
707 C  CD  . GLU A 95  ? 0.4181 0.6615 0.8018 0.0030  0.0667  -0.1187 1646 GLU A CD  
708 O  OE1 . GLU A 95  ? 0.4460 0.6557 0.7767 -0.0032 0.0775  -0.0982 1646 GLU A OE1 
709 O  OE2 . GLU A 95  ? 0.4395 0.7057 0.8580 -0.0094 0.0740  -0.1345 1646 GLU A OE2 
710 N  N   . GLY A 96  ? 0.3753 0.5606 0.6778 0.0500  -0.0115 -0.0749 1647 GLY A N   
711 C  CA  . GLY A 96  ? 0.3840 0.5618 0.6760 0.0658  -0.0414 -0.0718 1647 GLY A CA  
712 C  C   . GLY A 96  ? 0.4023 0.5369 0.6390 0.0746  -0.0511 -0.0467 1647 GLY A C   
713 O  O   . GLY A 96  ? 0.4357 0.5527 0.6530 0.0921  -0.0751 -0.0422 1647 GLY A O   
714 N  N   . ALA A 97  ? 0.3762 0.4920 0.5865 0.0626  -0.0319 -0.0319 1648 ALA A N   
715 C  CA  . ALA A 97  ? 0.3940 0.4723 0.5603 0.0660  -0.0348 -0.0112 1648 ALA A CA  
716 C  C   . ALA A 97  ? 0.3967 0.4607 0.5311 0.0648  -0.0425 0.0000  1648 ALA A C   
717 O  O   . ALA A 97  ? 0.3713 0.4515 0.5112 0.0541  -0.0375 -0.0041 1648 ALA A O   
718 C  CB  . ALA A 97  ? 0.3561 0.4254 0.5101 0.0524  -0.0141 -0.0039 1648 ALA A CB  
719 N  N   . SER A 98  ? 0.4394 0.4690 0.5376 0.0758  -0.0530 0.0137  1649 SER A N   
720 C  CA  . SER A 98  ? 0.4654 0.4742 0.5242 0.0749  -0.0563 0.0260  1649 SER A CA  
721 C  C   . SER A 98  ? 0.4410 0.4354 0.4789 0.0588  -0.0347 0.0392  1649 SER A C   
722 O  O   . SER A 98  ? 0.4611 0.4337 0.4888 0.0573  -0.0259 0.0473  1649 SER A O   
723 C  CB  . SER A 98  ? 0.5225 0.4934 0.5440 0.0951  -0.0749 0.0345  1649 SER A CB  
724 O  OG  . SER A 98  ? 0.5492 0.5347 0.5917 0.1144  -0.1007 0.0188  1649 SER A OG  
725 N  N   . LEU A 99  ? 0.4213 0.4282 0.4562 0.0472  -0.0270 0.0391  1650 LEU A N   
726 C  CA  . LEU A 99  ? 0.4009 0.3988 0.4203 0.0345  -0.0099 0.0476  1650 LEU A CA  
727 C  C   . LEU A 99  ? 0.4031 0.3863 0.3899 0.0345  -0.0106 0.0552  1650 LEU A C   
728 O  O   . LEU A 99  ? 0.4049 0.3931 0.3859 0.0410  -0.0240 0.0511  1650 LEU A O   
729 C  CB  . LEU A 99  ? 0.3873 0.4085 0.4267 0.0228  0.0002  0.0399  1650 LEU A CB  
730 C  CG  . LEU A 99  ? 0.3896 0.4245 0.4548 0.0208  0.0056  0.0310  1650 LEU A CG  
731 C  CD1 . LEU A 99  ? 0.3888 0.4326 0.4540 0.0106  0.0162  0.0268  1650 LEU A CD1 
732 C  CD2 . LEU A 99  ? 0.3953 0.4166 0.4612 0.0227  0.0096  0.0340  1650 LEU A CD2 
733 N  N   . ALA A 100 ? 0.3993 0.3660 0.3678 0.0271  0.0041  0.0637  1651 ALA A N   
734 C  CA  . ALA A 100 ? 0.4265 0.3816 0.3654 0.0251  0.0087  0.0689  1651 ALA A CA  
735 C  C   . ALA A 100 ? 0.4067 0.3770 0.3582 0.0130  0.0230  0.0648  1651 ALA A C   
736 O  O   . ALA A 100 ? 0.3753 0.3494 0.3446 0.0060  0.0338  0.0627  1651 ALA A O   
737 C  CB  . ALA A 100 ? 0.4740 0.3898 0.3742 0.0292  0.0156  0.0814  1651 ALA A CB  
738 N  N   . MSE A 101 ? 0.4096 0.3886 0.3533 0.0120  0.0206  0.0613  1652 MSE A N   
739 C  CA  . MSE A 101 ? 0.3914 0.3813 0.3426 0.0045  0.0308  0.0563  1652 MSE A CA  
740 C  C   . MSE A 101 ? 0.4136 0.3888 0.3393 0.0032  0.0423  0.0603  1652 MSE A C   
741 O  O   . MSE A 101 ? 0.4261 0.3853 0.3214 0.0094  0.0373  0.0653  1652 MSE A O   
742 C  CB  . MSE A 101 ? 0.4135 0.4187 0.3723 0.0042  0.0225  0.0486  1652 MSE A CB  
743 C  CG  . MSE A 101 ? 0.4250 0.4358 0.3842 0.0011  0.0286  0.0431  1652 MSE A CG  
744 SE SE  . MSE A 101 ? 0.4788 0.4959 0.4425 0.0000  0.0210  0.0349  1652 MSE A SE  
745 C  CE  . MSE A 101 ? 0.3883 0.4098 0.3711 -0.0015 0.0234  0.0331  1652 MSE A CE  
746 N  N   . SER A 102 ? 0.3992 0.3810 0.3390 -0.0042 0.0576  0.0554  1653 SER A N   
747 C  CA  . SER A 102 ? 0.4154 0.3858 0.3388 -0.0085 0.0757  0.0564  1653 SER A CA  
748 C  C   . SER A 102 ? 0.3914 0.3843 0.3379 -0.0120 0.0822  0.0428  1653 SER A C   
749 O  O   . SER A 102 ? 0.3513 0.3629 0.3301 -0.0134 0.0787  0.0332  1653 SER A O   
750 C  CB  . SER A 102 ? 0.4432 0.3960 0.3683 -0.0162 0.0938  0.0617  1653 SER A CB  
751 O  OG  . SER A 102 ? 0.5051 0.4231 0.3887 -0.0110 0.0938  0.0757  1653 SER A OG  
752 N  N   . LEU A 103 ? 0.4087 0.3981 0.3367 -0.0112 0.0903  0.0404  1654 LEU A N   
753 C  CA  . LEU A 103 ? 0.4027 0.4137 0.3549 -0.0124 0.0975  0.0247  1654 LEU A CA  
754 C  C   . LEU A 103 ? 0.4192 0.4349 0.3962 -0.0234 0.1218  0.0181  1654 LEU A C   
755 O  O   . LEU A 103 ? 0.4376 0.4289 0.3924 -0.0305 0.1407  0.0284  1654 LEU A O   
756 C  CB  . LEU A 103 ? 0.4249 0.4305 0.3496 -0.0075 0.0991  0.0225  1654 LEU A CB  
757 C  CG  . LEU A 103 ? 0.4078 0.4150 0.3215 0.0015  0.0756  0.0218  1654 LEU A CG  
758 C  CD1 . LEU A 103 ? 0.4513 0.4435 0.3272 0.0065  0.0747  0.0236  1654 LEU A CD1 
759 C  CD2 . LEU A 103 ? 0.3956 0.4218 0.3369 0.0056  0.0669  0.0077  1654 LEU A CD2 
760 N  N   . ILE A 104 ? 0.4046 0.4484 0.4266 -0.0242 0.1214  -0.0002 1655 ILE A N   
761 C  CA  . ILE A 104 ? 0.4274 0.4827 0.4875 -0.0363 0.1438  -0.0124 1655 ILE A CA  
762 C  C   . ILE A 104 ? 0.4275 0.5115 0.5225 -0.0363 0.1538  -0.0360 1655 ILE A C   
763 O  O   . ILE A 104 ? 0.4212 0.5174 0.5144 -0.0236 0.1373  -0.0441 1655 ILE A O   
764 C  CB  . ILE A 104 ? 0.4070 0.4726 0.5008 -0.0378 0.1326  -0.0179 1655 ILE A CB  
765 C  CG1 . ILE A 104 ? 0.3884 0.4779 0.5043 -0.0244 0.1060  -0.0329 1655 ILE A CG1 
766 C  CG2 . ILE A 104 ? 0.4281 0.4661 0.4902 -0.0373 0.1248  0.0036  1655 ILE A CG2 
767 C  CD1 . ILE A 104 ? 0.3823 0.5041 0.5507 -0.0237 0.1081  -0.0614 1655 ILE A CD1 
768 N  N   . ASP A 105 ? 0.4611 0.5553 0.5906 -0.0506 0.1818  -0.0488 1656 ASP A N   
769 C  CA  . ASP A 105 ? 0.4923 0.6171 0.6622 -0.0525 0.1975  -0.0748 1656 ASP A CA  
770 C  C   . ASP A 105 ? 0.4720 0.6374 0.6980 -0.0401 0.1718  -0.1024 1656 ASP A C   
771 O  O   . ASP A 105 ? 0.4881 0.6599 0.7363 -0.0383 0.1549  -0.1064 1656 ASP A O   
772 C  CB  . ASP A 105 ? 0.5329 0.6552 0.7270 -0.0752 0.2402  -0.0818 1656 ASP A CB  
773 C  CG  . ASP A 105 ? 0.5545 0.6986 0.7731 -0.0801 0.2673  -0.1032 1656 ASP A CG  
774 O  OD1 . ASP A 105 ? 0.5542 0.7138 0.7679 -0.0641 0.2512  -0.1118 1656 ASP A OD1 
775 O  OD2 . ASP A 105 ? 0.5891 0.7329 0.8323 -0.1009 0.3074  -0.1123 1656 ASP A OD2 
779 O  O   . HOH E .   ? 0.6807 0.6034 0.5739 0.0761  -0.0003 -0.0738 3    HOH A O   
780 O  O   . HOH E .   ? 0.5355 0.5016 0.5227 0.0834  -0.0476 -0.1126 4    HOH A O   
781 O  O   . HOH E .   ? 0.6062 0.5539 0.5763 0.0728  0.0084  -0.0968 5    HOH A O   
782 O  O   . HOH E .   ? 0.3127 0.3555 0.3885 -0.0062 0.0418  0.0033  6    HOH A O   
783 O  O   . HOH E .   ? 0.4045 0.3885 0.3407 -0.0182 -0.0387 -0.0331 7    HOH A O   
784 O  O   . HOH E .   ? 0.5846 0.5526 0.4820 0.0728  -0.0154 -0.0501 8    HOH A O   
785 O  O   . HOH E .   ? 0.5016 0.4257 0.3718 0.0565  -0.0203 -0.0096 9    HOH A O   
786 O  O   . HOH E .   ? 0.5854 0.6603 0.7399 0.2526  -0.3382 -0.3947 10   HOH A O   
787 O  O   . HOH E .   ? 0.4797 0.4458 0.5538 0.1029  -0.0646 0.0250  11   HOH A O   
788 O  O   . HOH E .   ? 0.4920 0.6300 0.6319 0.0901  -0.1849 -0.0960 1680 HOH A O   
789 O  O   . HOH E .   ? 0.4518 0.4316 0.4662 -0.0740 0.0836  -0.0077 1681 HOH A O   
# 
